data_2UYL
#
_entry.id   2UYL
#
_cell.length_a   75.060
_cell.length_b   75.225
_cell.length_c   98.409
_cell.angle_alpha   111.05
_cell.angle_beta   90.39
_cell.angle_gamma   106.83
#
_symmetry.space_group_name_H-M   'P 1'
#
loop_
_entity.id
_entity.type
_entity.pdbx_description
1 polymer 'MONOCLONAL ANTIBODY F-22-30'
2 polymer 'MONOCLONAL ANTIBODY F-22-30'
#
loop_
_entity_poly.entity_id
_entity_poly.type
_entity_poly.pdbx_seq_one_letter_code
_entity_poly.pdbx_strand_id
1 'polypeptide(L)'
;ELVMTQTPPSLPVSLGDQASISCRSSQSIVHSNGDTYLEWYLQKPGQSPKLLIYKVSNRFSGVPDRFSGSGSGTDFTLEI
SRVEAEDLGVYYCFQGSHVPRTFGGGTKLEIKRADAAPTVSIFPPSSEQLTSGGASVVCFLNNFYPKDINVKWKIDGSER
QNGVLNSWTDQDSKDSTYSMSSTLTLTKDEYERHNSYTCEATHKTSTSPIVKSFNRNEC
;
A,M,V,X
2 'polypeptide(L)'
;QVQLEQPGAELVKPGASVKLSCKASGYTFTSNWINWVKQRPGQGLEWIGHISPGSSSTNYNEKFKSKATLTVDTSSSTAY
MQLSSLTSDDSAVYYCGREETVRASFGNWGQGTLVTVSAAKTTPPSVYPLAPGSAAQTNSMVTLGCLVKGYFPEPVTVTW
NSGSLSSGVHTFPAVLQSDLYTLSSSVTVPSSTWPSQTVTCNVAHPASSTKVDKKIVPRDC
;
B,N,W,Y
#
# COMPACT_ATOMS: atom_id res chain seq x y z
N GLU A 1 -47.58 -19.68 2.63
CA GLU A 1 -46.17 -20.08 2.40
C GLU A 1 -45.83 -21.22 3.31
N LEU A 2 -45.07 -22.18 2.78
CA LEU A 2 -44.64 -23.33 3.55
C LEU A 2 -43.58 -23.01 4.53
N VAL A 3 -43.92 -23.13 5.81
CA VAL A 3 -43.02 -22.83 6.89
C VAL A 3 -42.36 -24.19 7.17
N MET A 4 -41.03 -24.26 7.18
CA MET A 4 -40.29 -25.48 7.46
C MET A 4 -39.57 -25.33 8.81
N THR A 5 -39.92 -26.20 9.74
CA THR A 5 -39.36 -26.15 11.07
C THR A 5 -38.46 -27.36 11.36
N GLN A 6 -37.17 -27.05 11.67
CA GLN A 6 -36.17 -28.06 12.02
C GLN A 6 -35.88 -28.14 13.49
N THR A 7 -35.80 -29.34 14.01
CA THR A 7 -35.31 -29.52 15.35
C THR A 7 -34.31 -30.69 15.36
N PRO A 8 -33.31 -30.65 16.27
CA PRO A 8 -32.93 -29.53 17.18
C PRO A 8 -32.24 -28.44 16.38
N PRO A 9 -31.96 -27.25 16.96
CA PRO A 9 -31.17 -26.30 16.20
C PRO A 9 -29.66 -26.64 16.28
N SER A 10 -29.28 -27.42 17.32
CA SER A 10 -27.93 -27.82 17.56
C SER A 10 -27.92 -29.26 17.88
N LEU A 11 -27.01 -30.03 17.29
CA LEU A 11 -26.96 -31.46 17.49
C LEU A 11 -25.56 -31.95 17.82
N PRO A 12 -25.21 -32.02 19.08
CA PRO A 12 -23.91 -32.62 19.45
C PRO A 12 -23.84 -34.18 19.39
N VAL A 13 -22.86 -34.76 18.70
CA VAL A 13 -22.76 -36.23 18.59
C VAL A 13 -21.30 -36.69 18.72
N SER A 14 -21.06 -37.86 19.33
CA SER A 14 -19.71 -38.44 19.28
C SER A 14 -19.42 -39.07 17.92
N LEU A 15 -18.14 -39.25 17.64
CA LEU A 15 -17.74 -39.79 16.35
C LEU A 15 -18.14 -41.25 16.31
N GLY A 16 -18.77 -41.67 15.22
CA GLY A 16 -19.24 -43.05 15.09
C GLY A 16 -20.68 -43.25 15.51
N ASP A 17 -21.20 -42.30 16.31
CA ASP A 17 -22.63 -42.32 16.69
C ASP A 17 -23.54 -42.12 15.49
N GLN A 18 -24.82 -42.34 15.77
CA GLN A 18 -25.92 -42.06 14.88
C GLN A 18 -26.42 -40.63 15.10
N ALA A 19 -26.83 -39.94 14.04
CA ALA A 19 -27.51 -38.64 14.20
C ALA A 19 -28.86 -38.59 13.48
N SER A 20 -29.83 -37.92 14.11
CA SER A 20 -31.16 -37.84 13.54
C SER A 20 -31.66 -36.39 13.57
N ILE A 21 -32.13 -35.87 12.45
CA ILE A 21 -32.51 -34.47 12.32
C ILE A 21 -33.88 -34.42 11.75
N SER A 22 -34.79 -33.70 12.38
CA SER A 22 -36.13 -33.66 11.78
C SER A 22 -36.64 -32.29 11.30
N CYS A 23 -37.50 -32.36 10.29
CA CYS A 23 -38.02 -31.24 9.56
C CYS A 23 -39.53 -31.38 9.47
N ARG A 24 -40.24 -30.37 9.92
CA ARG A 24 -41.71 -30.38 9.81
C ARG A 24 -42.21 -29.26 8.94
N SER A 25 -43.02 -29.62 7.93
CA SER A 25 -43.61 -28.64 7.02
C SER A 25 -44.98 -28.23 7.53
N SER A 26 -45.34 -26.97 7.39
CA SER A 26 -46.60 -26.48 8.00
C SER A 26 -47.82 -26.94 7.19
N GLN A 27 -47.60 -27.42 5.97
CA GLN A 27 -48.67 -28.03 5.16
C GLN A 27 -48.03 -29.05 4.23
N SER A 28 -48.83 -29.72 3.43
CA SER A 28 -48.28 -30.79 2.58
C SER A 28 -47.43 -30.27 1.42
N ILE A 29 -46.51 -31.12 0.96
CA ILE A 29 -45.51 -30.71 -0.04
C ILE A 29 -45.48 -31.65 -1.24
N VAL A 30 -46.64 -32.05 -1.69
CA VAL A 30 -46.71 -32.77 -2.94
C VAL A 30 -46.87 -31.78 -4.11
N HIS A 31 -45.96 -31.85 -5.08
CA HIS A 31 -45.98 -31.09 -6.33
C HIS A 31 -47.05 -31.69 -7.23
N SER A 32 -47.61 -30.85 -8.11
CA SER A 32 -48.70 -31.27 -8.99
C SER A 32 -48.38 -32.55 -9.79
N ASN A 33 -47.09 -32.81 -10.01
CA ASN A 33 -46.63 -34.00 -10.72
C ASN A 33 -46.61 -35.29 -9.89
N GLY A 34 -47.06 -35.23 -8.63
CA GLY A 34 -46.97 -36.39 -7.74
C GLY A 34 -45.72 -36.41 -6.82
N ASP A 35 -44.65 -35.74 -7.24
CA ASP A 35 -43.37 -35.76 -6.51
C ASP A 35 -43.33 -34.90 -5.23
N THR A 36 -42.73 -35.44 -4.17
CA THR A 36 -42.50 -34.66 -2.99
C THR A 36 -41.07 -34.14 -3.02
N TYR A 37 -40.90 -32.84 -3.28
CA TYR A 37 -39.57 -32.31 -3.44
C TYR A 37 -39.00 -31.85 -2.13
N LEU A 38 -38.73 -32.81 -1.26
CA LEU A 38 -38.07 -32.47 -0.01
C LEU A 38 -36.55 -32.73 -0.18
N GLU A 39 -35.73 -31.72 0.01
CA GLU A 39 -34.26 -31.86 -0.14
C GLU A 39 -33.53 -31.60 1.17
N TRP A 40 -32.37 -32.22 1.33
CA TRP A 40 -31.50 -31.91 2.48
C TRP A 40 -30.16 -31.44 1.98
N TYR A 41 -29.74 -30.27 2.46
CA TYR A 41 -28.49 -29.65 2.08
C TYR A 41 -27.61 -29.56 3.31
N LEU A 42 -26.29 -29.63 3.08
CA LEU A 42 -25.30 -29.51 4.13
C LEU A 42 -24.33 -28.41 3.76
N GLN A 43 -24.11 -27.48 4.69
CA GLN A 43 -23.22 -26.34 4.47
C GLN A 43 -22.16 -26.40 5.50
N LYS A 44 -20.94 -26.63 5.00
CA LYS A 44 -19.78 -26.72 5.82
C LYS A 44 -19.18 -25.33 5.97
N PRO A 45 -18.44 -25.13 7.08
CA PRO A 45 -17.92 -23.76 7.34
C PRO A 45 -17.13 -23.19 6.15
N GLY A 46 -17.37 -21.97 5.80
CA GLY A 46 -16.68 -21.38 4.65
C GLY A 46 -17.26 -21.71 3.25
N GLN A 47 -18.02 -22.81 3.14
CA GLN A 47 -18.43 -23.27 1.82
C GLN A 47 -19.86 -22.94 1.42
N SER A 48 -20.15 -23.05 0.14
CA SER A 48 -21.55 -23.01 -0.25
C SER A 48 -22.24 -24.31 0.22
N PRO A 49 -23.60 -24.34 0.33
CA PRO A 49 -24.25 -25.64 0.61
C PRO A 49 -24.10 -26.71 -0.52
N LYS A 50 -24.35 -27.97 -0.18
CA LYS A 50 -24.25 -29.06 -1.16
C LYS A 50 -25.37 -30.05 -0.93
N LEU A 51 -25.93 -30.56 -2.04
CA LEU A 51 -27.11 -31.40 -1.98
C LEU A 51 -26.83 -32.78 -1.41
N LEU A 52 -27.62 -33.19 -0.43
CA LEU A 52 -27.44 -34.51 0.16
C LEU A 52 -28.50 -35.52 -0.28
N ILE A 53 -29.75 -35.13 -0.04
CA ILE A 53 -30.88 -35.96 -0.37
C ILE A 53 -31.87 -35.15 -1.22
N TYR A 54 -32.43 -35.79 -2.25
CA TYR A 54 -33.48 -35.17 -3.05
C TYR A 54 -34.70 -36.10 -3.07
N LYS A 55 -35.87 -35.53 -3.31
CA LYS A 55 -37.14 -36.27 -3.34
C LYS A 55 -37.31 -37.14 -2.11
N VAL A 56 -37.08 -36.55 -0.93
CA VAL A 56 -37.28 -37.18 0.39
C VAL A 56 -36.18 -38.17 0.78
N SER A 57 -35.89 -39.13 -0.10
CA SER A 57 -34.99 -40.24 0.28
C SER A 57 -33.91 -40.69 -0.73
N ASN A 58 -33.63 -39.92 -1.75
CA ASN A 58 -32.61 -40.35 -2.70
C ASN A 58 -31.31 -39.67 -2.44
N ARG A 59 -30.24 -40.46 -2.46
CA ARG A 59 -28.88 -39.90 -2.31
C ARG A 59 -28.46 -39.27 -3.60
N PHE A 60 -27.94 -38.06 -3.49
CA PHE A 60 -27.33 -37.37 -4.63
C PHE A 60 -26.03 -38.12 -4.99
N SER A 61 -25.65 -38.01 -6.27
CA SER A 61 -24.43 -38.67 -6.78
C SER A 61 -23.22 -38.46 -5.85
N GLY A 62 -22.56 -39.56 -5.49
CA GLY A 62 -21.39 -39.47 -4.67
C GLY A 62 -21.59 -39.06 -3.22
N VAL A 63 -22.84 -39.02 -2.74
CA VAL A 63 -23.10 -38.87 -1.30
C VAL A 63 -23.02 -40.25 -0.64
N PRO A 64 -22.29 -40.34 0.49
CA PRO A 64 -22.08 -41.65 1.18
C PRO A 64 -23.40 -42.24 1.66
N ASP A 65 -23.41 -43.55 1.96
CA ASP A 65 -24.65 -44.23 2.29
C ASP A 65 -25.00 -44.14 3.78
N ARG A 66 -24.13 -43.53 4.55
CA ARG A 66 -24.50 -43.31 5.95
C ARG A 66 -25.51 -42.18 6.03
N PHE A 67 -25.76 -41.50 4.91
CA PHE A 67 -26.84 -40.54 4.79
C PHE A 67 -28.10 -41.14 4.18
N SER A 68 -29.24 -40.99 4.85
CA SER A 68 -30.51 -41.43 4.28
C SER A 68 -31.60 -40.58 4.85
N GLY A 69 -32.58 -40.26 4.01
CA GLY A 69 -33.69 -39.45 4.45
C GLY A 69 -34.90 -40.32 4.45
N SER A 70 -35.92 -39.91 5.20
CA SER A 70 -37.18 -40.62 5.24
C SER A 70 -38.31 -39.70 5.66
N GLY A 71 -39.51 -40.26 5.73
CA GLY A 71 -40.69 -39.55 6.20
C GLY A 71 -41.79 -39.44 5.16
N SER A 72 -42.80 -38.64 5.47
CA SER A 72 -43.88 -38.39 4.54
C SER A 72 -44.90 -37.43 5.16
N GLY A 73 -45.68 -36.81 4.27
CA GLY A 73 -46.70 -35.87 4.69
C GLY A 73 -46.08 -34.57 5.11
N THR A 74 -45.86 -34.41 6.41
CA THR A 74 -45.29 -33.20 6.95
C THR A 74 -44.11 -33.46 7.90
N ASP A 75 -43.76 -34.74 8.09
CA ASP A 75 -42.67 -35.08 9.00
C ASP A 75 -41.55 -35.75 8.25
N PHE A 76 -40.45 -35.05 8.07
CA PHE A 76 -39.34 -35.64 7.32
C PHE A 76 -38.09 -35.80 8.19
N THR A 77 -37.29 -36.82 7.93
CA THR A 77 -36.18 -37.02 8.80
C THR A 77 -34.88 -37.42 8.11
N LEU A 78 -33.78 -36.90 8.60
CA LEU A 78 -32.46 -37.20 8.06
C LEU A 78 -31.64 -37.95 9.11
N GLU A 79 -31.21 -39.16 8.75
CA GLU A 79 -30.32 -39.92 9.60
C GLU A 79 -28.90 -39.99 9.03
N ILE A 80 -27.95 -39.83 9.92
CA ILE A 80 -26.56 -40.03 9.56
C ILE A 80 -26.13 -41.26 10.36
N SER A 81 -25.86 -42.37 9.69
CA SER A 81 -25.85 -43.57 10.46
C SER A 81 -24.54 -43.88 11.17
N ARG A 82 -23.44 -43.21 10.82
CA ARG A 82 -22.21 -43.33 11.60
C ARG A 82 -21.38 -42.10 11.31
N VAL A 83 -21.42 -41.16 12.25
CA VAL A 83 -20.93 -39.81 12.03
C VAL A 83 -19.42 -39.75 12.04
N GLU A 84 -18.86 -38.93 11.13
CA GLU A 84 -17.41 -38.62 11.14
C GLU A 84 -17.10 -37.16 11.02
N ALA A 85 -15.84 -36.79 11.24
CA ALA A 85 -15.46 -35.38 11.29
C ALA A 85 -15.87 -34.61 10.06
N GLU A 86 -15.83 -35.23 8.88
CA GLU A 86 -16.17 -34.45 7.69
C GLU A 86 -17.65 -34.08 7.65
N ASP A 87 -18.44 -34.70 8.51
CA ASP A 87 -19.87 -34.41 8.55
C ASP A 87 -20.25 -33.07 9.24
N LEU A 88 -19.32 -32.41 9.92
CA LEU A 88 -19.57 -31.12 10.56
C LEU A 88 -20.21 -30.16 9.62
N GLY A 89 -21.09 -29.32 10.17
CA GLY A 89 -21.65 -28.14 9.50
C GLY A 89 -23.09 -27.89 9.87
N VAL A 90 -23.79 -27.09 9.06
CA VAL A 90 -25.24 -26.80 9.23
C VAL A 90 -26.09 -27.52 8.15
N TYR A 91 -27.09 -28.25 8.61
CA TYR A 91 -27.95 -29.03 7.76
C TYR A 91 -29.27 -28.30 7.59
N TYR A 92 -29.77 -28.28 6.35
CA TYR A 92 -30.99 -27.54 6.04
C TYR A 92 -31.90 -28.44 5.27
N CYS A 93 -33.17 -28.42 5.64
CA CYS A 93 -34.18 -28.99 4.81
C CYS A 93 -34.72 -27.88 3.90
N PHE A 94 -35.43 -28.30 2.89
CA PHE A 94 -35.86 -27.40 1.87
C PHE A 94 -36.98 -28.07 1.10
N GLN A 95 -38.03 -27.30 0.82
CA GLN A 95 -39.12 -27.79 0.03
C GLN A 95 -39.14 -27.03 -1.26
N GLY A 96 -39.19 -27.78 -2.36
CA GLY A 96 -39.32 -27.17 -3.67
C GLY A 96 -40.64 -27.50 -4.34
N SER A 97 -41.70 -27.80 -3.56
CA SER A 97 -42.96 -28.21 -4.19
C SER A 97 -43.91 -27.04 -4.41
N HIS A 98 -43.75 -26.00 -3.62
CA HIS A 98 -44.64 -24.87 -3.72
C HIS A 98 -43.87 -23.57 -3.69
N VAL A 99 -44.24 -22.67 -4.60
CA VAL A 99 -43.76 -21.31 -4.57
C VAL A 99 -44.44 -20.54 -3.44
N PRO A 100 -43.70 -19.73 -2.67
CA PRO A 100 -42.27 -19.59 -2.74
C PRO A 100 -41.59 -20.79 -2.09
N ARG A 101 -40.44 -21.23 -2.64
CA ARG A 101 -39.74 -22.37 -2.08
C ARG A 101 -39.06 -21.89 -0.81
N THR A 102 -38.91 -22.81 0.16
CA THR A 102 -38.53 -22.39 1.51
C THR A 102 -37.60 -23.40 2.17
N PHE A 103 -36.72 -22.86 3.03
CA PHE A 103 -35.74 -23.60 3.75
C PHE A 103 -36.14 -23.66 5.19
N GLY A 104 -35.77 -24.75 5.88
CA GLY A 104 -35.72 -24.79 7.36
C GLY A 104 -34.64 -23.88 7.91
N GLY A 105 -34.68 -23.61 9.21
CA GLY A 105 -33.75 -22.68 9.84
C GLY A 105 -32.36 -23.26 10.10
N GLY A 106 -32.16 -24.55 9.81
CA GLY A 106 -30.85 -25.15 9.96
C GLY A 106 -30.64 -25.86 11.26
N THR A 107 -29.84 -26.92 11.23
CA THR A 107 -29.45 -27.67 12.40
C THR A 107 -27.94 -27.79 12.35
N LYS A 108 -27.28 -27.41 13.43
CA LYS A 108 -25.85 -27.40 13.48
C LYS A 108 -25.30 -28.68 14.12
N LEU A 109 -24.57 -29.47 13.36
CA LEU A 109 -24.05 -30.71 13.88
C LEU A 109 -22.71 -30.43 14.47
N GLU A 110 -22.56 -30.72 15.76
CA GLU A 110 -21.31 -30.59 16.51
C GLU A 110 -20.73 -31.94 16.85
N ILE A 111 -19.41 -32.10 16.75
CA ILE A 111 -18.78 -33.34 17.15
C ILE A 111 -18.25 -33.19 18.56
N LYS A 112 -18.49 -34.19 19.40
CA LYS A 112 -17.87 -34.20 20.69
C LYS A 112 -16.84 -35.30 20.66
N ARG A 113 -15.65 -35.00 21.19
CA ARG A 113 -14.50 -35.84 21.11
C ARG A 113 -13.66 -35.59 22.35
N ALA A 114 -12.67 -36.53 22.52
CA ALA A 114 -11.70 -36.45 23.60
C ALA A 114 -11.09 -35.04 23.73
N ASP A 115 -10.76 -34.66 24.96
CA ASP A 115 -10.01 -33.46 25.20
C ASP A 115 -8.65 -33.49 24.54
N ALA A 116 -8.11 -32.29 24.29
CA ALA A 116 -6.79 -32.11 23.68
C ALA A 116 -6.23 -30.72 24.04
N ALA A 117 -5.02 -30.69 24.55
CA ALA A 117 -4.26 -29.49 24.87
C ALA A 117 -3.87 -28.74 23.57
N PRO A 118 -3.73 -27.41 23.64
CA PRO A 118 -3.35 -26.67 22.42
C PRO A 118 -1.85 -26.79 22.10
N THR A 119 -1.51 -26.74 20.84
CA THR A 119 -0.13 -26.55 20.45
C THR A 119 0.05 -25.07 20.19
N VAL A 120 0.88 -24.41 20.97
CA VAL A 120 0.96 -22.96 21.01
C VAL A 120 2.22 -22.52 20.30
N SER A 121 2.12 -21.47 19.50
CA SER A 121 3.25 -20.86 18.79
C SER A 121 3.19 -19.35 18.82
N ILE A 122 4.34 -18.72 19.03
CA ILE A 122 4.42 -17.26 19.12
C ILE A 122 5.22 -16.75 17.94
N PHE A 123 4.79 -15.62 17.36
CA PHE A 123 5.55 -15.01 16.25
C PHE A 123 5.86 -13.55 16.44
N PRO A 124 7.17 -13.20 16.36
CA PRO A 124 7.58 -11.77 16.40
C PRO A 124 6.93 -10.98 15.26
N PRO A 125 6.83 -9.66 15.39
CA PRO A 125 6.39 -8.95 14.17
C PRO A 125 7.39 -9.14 13.03
N SER A 126 6.94 -9.13 11.80
CA SER A 126 7.82 -9.33 10.66
C SER A 126 8.67 -8.06 10.40
N SER A 127 9.86 -8.22 9.82
CA SER A 127 10.66 -7.06 9.52
C SER A 127 9.91 -6.14 8.53
N GLU A 128 9.11 -6.69 7.62
CA GLU A 128 8.33 -5.85 6.69
C GLU A 128 7.30 -4.99 7.40
N GLN A 129 6.66 -5.53 8.43
CA GLN A 129 5.69 -4.72 9.14
C GLN A 129 6.36 -3.63 9.95
N LEU A 130 7.56 -3.89 10.47
CA LEU A 130 8.23 -2.90 11.27
C LEU A 130 8.61 -1.70 10.43
N THR A 131 9.16 -1.95 9.26
CA THR A 131 9.58 -0.88 8.37
C THR A 131 8.36 -0.03 8.06
N SER A 132 7.20 -0.67 8.00
CA SER A 132 5.98 0.08 7.75
C SER A 132 5.46 0.91 8.95
N GLY A 133 6.03 0.72 10.13
CA GLY A 133 5.57 1.48 11.29
C GLY A 133 4.63 0.83 12.27
N GLY A 134 4.21 -0.41 11.99
CA GLY A 134 3.40 -1.19 12.95
C GLY A 134 4.13 -2.40 13.47
N ALA A 135 3.55 -3.08 14.46
CA ALA A 135 4.18 -4.27 15.04
C ALA A 135 3.14 -5.19 15.68
N SER A 136 2.77 -6.27 15.02
CA SER A 136 1.83 -7.21 15.62
C SER A 136 2.53 -8.47 16.09
N VAL A 137 2.17 -8.94 17.27
CA VAL A 137 2.68 -10.19 17.77
C VAL A 137 1.51 -11.12 17.75
N VAL A 138 1.76 -12.28 17.17
CA VAL A 138 0.75 -13.27 16.87
C VAL A 138 1.05 -14.58 17.61
N CYS A 139 0.00 -15.16 18.19
CA CYS A 139 0.07 -16.47 18.84
C CYS A 139 -1.03 -17.41 18.34
N PHE A 140 -0.63 -18.59 17.86
CA PHE A 140 -1.57 -19.62 17.46
C PHE A 140 -1.74 -20.61 18.59
N LEU A 141 -2.98 -20.88 19.00
CA LEU A 141 -3.25 -22.02 19.87
C LEU A 141 -4.03 -22.98 19.01
N ASN A 142 -3.33 -24.00 18.55
CA ASN A 142 -3.86 -24.93 17.53
C ASN A 142 -4.27 -26.32 18.03
N ASN A 143 -5.39 -26.83 17.48
CA ASN A 143 -5.85 -28.21 17.72
C ASN A 143 -6.08 -28.58 19.17
N PHE A 144 -6.96 -27.82 19.81
CA PHE A 144 -7.35 -28.11 21.16
C PHE A 144 -8.86 -28.46 21.25
N TYR A 145 -9.27 -29.12 22.33
CA TYR A 145 -10.66 -29.41 22.55
C TYR A 145 -10.95 -29.50 24.04
N PRO A 146 -12.05 -28.87 24.51
CA PRO A 146 -13.19 -28.20 23.89
C PRO A 146 -12.93 -26.73 23.57
N LYS A 147 -13.94 -26.00 23.10
CA LYS A 147 -13.75 -24.67 22.51
C LYS A 147 -13.25 -23.63 23.52
N ASP A 148 -13.72 -23.69 24.76
CA ASP A 148 -13.24 -22.82 25.82
C ASP A 148 -11.73 -22.82 26.00
N ILE A 149 -11.14 -21.62 26.02
CA ILE A 149 -9.72 -21.41 26.27
C ILE A 149 -9.47 -19.93 26.59
N ASN A 150 -8.44 -19.67 27.42
CA ASN A 150 -7.98 -18.30 27.68
C ASN A 150 -6.55 -18.08 27.24
N VAL A 151 -6.31 -16.92 26.64
CA VAL A 151 -4.96 -16.50 26.33
C VAL A 151 -4.68 -15.31 27.19
N LYS A 152 -3.41 -15.18 27.56
CA LYS A 152 -2.93 -14.07 28.37
C LYS A 152 -1.64 -13.60 27.72
N TRP A 153 -1.48 -12.29 27.49
CA TRP A 153 -0.22 -11.74 27.02
C TRP A 153 0.50 -11.03 28.12
N LYS A 154 1.83 -11.08 28.03
CA LYS A 154 2.72 -10.44 28.99
C LYS A 154 3.85 -9.70 28.28
N ILE A 155 4.12 -8.47 28.70
CA ILE A 155 5.23 -7.70 28.16
C ILE A 155 6.18 -7.42 29.30
N ASP A 156 7.37 -7.98 29.17
CA ASP A 156 8.40 -8.03 30.24
C ASP A 156 7.87 -8.59 31.56
N GLY A 157 6.78 -9.33 31.47
CA GLY A 157 6.15 -10.03 32.60
C GLY A 157 4.88 -9.38 33.11
N SER A 158 4.55 -8.21 32.57
CA SER A 158 3.38 -7.49 33.01
C SER A 158 2.23 -7.74 32.06
N GLU A 159 1.06 -8.06 32.63
CA GLU A 159 -0.11 -8.48 31.89
C GLU A 159 -0.66 -7.38 30.95
N ARG A 160 -1.04 -7.73 29.74
CA ARG A 160 -1.43 -6.71 28.78
C ARG A 160 -2.74 -7.08 28.07
N GLN A 161 -3.81 -6.29 28.27
CA GLN A 161 -5.09 -6.65 27.60
C GLN A 161 -5.57 -5.72 26.45
N ASN A 162 -5.13 -4.46 26.48
CA ASN A 162 -5.38 -3.52 25.37
C ASN A 162 -4.72 -3.93 24.04
N GLY A 163 -5.50 -3.88 22.95
CA GLY A 163 -4.99 -4.16 21.60
C GLY A 163 -4.77 -5.63 21.25
N VAL A 164 -5.54 -6.48 21.93
CA VAL A 164 -5.52 -7.93 21.69
C VAL A 164 -6.78 -8.31 20.94
N LEU A 165 -6.62 -9.03 19.84
CA LEU A 165 -7.78 -9.46 19.08
C LEU A 165 -7.70 -10.97 18.90
N ASN A 166 -8.75 -11.70 19.28
CA ASN A 166 -8.79 -13.15 19.19
C ASN A 166 -9.77 -13.66 18.14
N SER A 167 -9.39 -14.73 17.46
CA SER A 167 -10.33 -15.39 16.55
C SER A 167 -10.26 -16.93 16.66
N TRP A 168 -11.44 -17.57 16.73
CA TRP A 168 -11.56 -19.03 16.78
C TRP A 168 -11.96 -19.55 15.43
N THR A 169 -11.38 -20.68 14.99
CA THR A 169 -11.96 -21.41 13.86
C THR A 169 -13.23 -22.13 14.25
N ASP A 170 -13.90 -22.66 13.24
CA ASP A 170 -15.00 -23.60 13.45
C ASP A 170 -14.39 -24.93 13.63
N GLN A 171 -15.18 -25.89 14.06
CA GLN A 171 -14.62 -27.20 14.33
C GLN A 171 -13.95 -27.74 13.04
N ASP A 172 -12.84 -28.47 13.19
CA ASP A 172 -12.03 -28.87 12.07
C ASP A 172 -12.57 -30.16 11.47
N SER A 173 -12.48 -30.21 10.15
CA SER A 173 -13.04 -31.30 9.38
C SER A 173 -12.34 -32.63 9.45
N LYS A 174 -11.09 -32.64 9.88
CA LYS A 174 -10.31 -33.88 9.99
C LYS A 174 -10.32 -34.33 11.46
N ASP A 175 -10.25 -33.35 12.33
CA ASP A 175 -9.77 -33.48 13.71
C ASP A 175 -10.87 -33.43 14.71
N SER A 176 -11.89 -32.64 14.38
CA SER A 176 -12.91 -32.14 15.31
C SER A 176 -12.39 -31.20 16.41
N THR A 177 -11.14 -30.72 16.28
CA THR A 177 -10.62 -29.74 17.21
C THR A 177 -10.96 -28.29 16.86
N TYR A 178 -10.63 -27.36 17.76
CA TYR A 178 -10.76 -25.92 17.49
C TYR A 178 -9.37 -25.31 17.47
N SER A 179 -9.20 -24.13 16.89
CA SER A 179 -7.96 -23.36 17.04
C SER A 179 -8.30 -21.90 17.28
N MET A 180 -7.35 -21.17 17.83
CA MET A 180 -7.52 -19.75 17.88
C MET A 180 -6.21 -19.00 17.67
N SER A 181 -6.34 -17.83 17.08
CA SER A 181 -5.20 -16.93 16.96
C SER A 181 -5.44 -15.78 17.87
N SER A 182 -4.37 -15.30 18.49
CA SER A 182 -4.46 -14.07 19.26
C SER A 182 -3.39 -13.13 18.77
N THR A 183 -3.80 -11.90 18.52
CA THR A 183 -2.90 -10.90 17.95
C THR A 183 -2.81 -9.69 18.88
N LEU A 184 -1.60 -9.37 19.31
CA LEU A 184 -1.32 -8.16 20.10
C LEU A 184 -0.79 -7.11 19.15
N THR A 185 -1.53 -6.03 18.96
CA THR A 185 -1.16 -5.03 17.95
C THR A 185 -0.57 -3.82 18.66
N LEU A 186 0.64 -3.42 18.27
CA LEU A 186 1.32 -2.26 18.86
C LEU A 186 1.87 -1.30 17.80
N THR A 187 2.48 -0.22 18.28
CA THR A 187 3.27 0.65 17.41
C THR A 187 4.74 0.20 17.49
N LYS A 188 5.48 0.38 16.40
CA LYS A 188 6.91 0.08 16.40
C LYS A 188 7.64 0.71 17.59
N ASP A 189 7.22 1.92 18.00
CA ASP A 189 7.84 2.57 19.17
C ASP A 189 7.54 1.78 20.42
N GLU A 190 6.30 1.33 20.55
CA GLU A 190 5.87 0.65 21.75
C GLU A 190 6.54 -0.71 21.83
N TYR A 191 6.48 -1.44 20.71
CA TYR A 191 7.15 -2.71 20.56
C TYR A 191 8.62 -2.59 20.96
N GLU A 192 9.29 -1.58 20.42
CA GLU A 192 10.74 -1.50 20.58
C GLU A 192 11.26 -1.03 21.94
N ARG A 193 10.38 -0.53 22.81
CA ARG A 193 10.83 -0.12 24.15
C ARG A 193 10.95 -1.34 25.08
N HIS A 194 10.19 -2.41 24.79
CA HIS A 194 10.09 -3.56 25.69
C HIS A 194 10.70 -4.83 25.12
N ASN A 195 11.24 -5.69 25.98
CA ASN A 195 12.08 -6.80 25.50
C ASN A 195 11.41 -8.20 25.29
N SER A 196 10.73 -8.74 26.30
CA SER A 196 10.15 -10.09 26.20
C SER A 196 8.63 -10.05 26.04
N TYR A 197 8.14 -10.95 25.18
CA TYR A 197 6.73 -11.03 24.88
C TYR A 197 6.22 -12.45 25.11
N THR A 198 5.12 -12.58 25.84
CA THR A 198 4.62 -13.89 26.21
C THR A 198 3.17 -14.07 25.94
N CYS A 199 2.89 -15.26 25.43
CA CYS A 199 1.59 -15.77 25.14
C CYS A 199 1.32 -16.93 26.15
N GLU A 200 0.29 -16.80 26.98
CA GLU A 200 -0.12 -17.88 27.90
C GLU A 200 -1.50 -18.45 27.59
N ALA A 201 -1.56 -19.77 27.45
CA ALA A 201 -2.79 -20.48 27.14
C ALA A 201 -3.29 -21.26 28.35
N THR A 202 -4.49 -20.94 28.83
CA THR A 202 -5.08 -21.75 29.87
C THR A 202 -6.31 -22.47 29.38
N HIS A 203 -6.32 -23.80 29.61
CA HIS A 203 -7.26 -24.72 28.97
C HIS A 203 -7.62 -25.82 29.93
N LYS A 204 -8.84 -26.36 29.83
CA LYS A 204 -9.32 -27.43 30.78
C LYS A 204 -8.39 -28.62 30.89
N THR A 205 -7.48 -28.77 29.93
CA THR A 205 -6.55 -29.91 29.91
C THR A 205 -5.42 -29.87 30.94
N SER A 206 -5.14 -28.69 31.52
CA SER A 206 -4.11 -28.57 32.57
C SER A 206 -4.37 -27.39 33.50
N THR A 207 -4.03 -27.56 34.78
CA THR A 207 -4.04 -26.44 35.72
C THR A 207 -2.93 -25.42 35.41
N SER A 208 -1.82 -25.89 34.84
CA SER A 208 -0.72 -24.99 34.46
C SER A 208 -0.76 -24.60 32.98
N PRO A 209 -0.61 -23.30 32.72
CA PRO A 209 -0.76 -22.75 31.37
C PRO A 209 0.40 -23.16 30.46
N ILE A 210 0.18 -23.31 29.14
CA ILE A 210 1.31 -23.45 28.23
C ILE A 210 1.78 -22.04 27.89
N VAL A 211 3.07 -21.81 28.11
CA VAL A 211 3.72 -20.50 28.01
C VAL A 211 4.69 -20.52 26.83
N LYS A 212 4.58 -19.55 25.95
CA LYS A 212 5.49 -19.47 24.82
C LYS A 212 5.92 -18.01 24.71
N SER A 213 7.22 -17.78 24.62
CA SER A 213 7.72 -16.41 24.64
C SER A 213 8.97 -16.16 23.81
N PHE A 214 9.32 -14.91 23.55
CA PHE A 214 10.58 -14.60 22.88
C PHE A 214 11.14 -13.25 23.35
N ASN A 215 12.41 -13.01 23.04
CA ASN A 215 13.09 -11.74 23.34
C ASN A 215 13.32 -10.91 22.11
N ARG A 216 13.01 -9.62 22.17
CA ARG A 216 13.27 -8.75 21.01
C ARG A 216 14.70 -8.92 20.44
N ASN A 217 15.72 -8.82 21.29
CA ASN A 217 17.12 -9.11 20.94
C ASN A 217 17.47 -10.59 20.66
N GLU A 218 17.59 -10.95 19.36
CA GLU A 218 17.92 -12.32 18.91
C GLU A 218 16.83 -13.32 19.28
N GLN B 1 -17.73 -30.85 -16.12
CA GLN B 1 -17.90 -30.40 -14.71
C GLN B 1 -18.69 -29.14 -14.74
N VAL B 2 -19.88 -29.26 -14.17
CA VAL B 2 -20.78 -28.17 -14.03
C VAL B 2 -20.19 -27.09 -13.13
N GLN B 3 -20.14 -25.87 -13.63
CA GLN B 3 -19.53 -24.80 -12.90
C GLN B 3 -20.48 -23.59 -12.93
N LEU B 4 -20.70 -22.98 -11.78
CA LEU B 4 -21.44 -21.73 -11.72
C LEU B 4 -20.50 -20.70 -11.16
N GLU B 5 -20.07 -19.75 -11.97
CA GLU B 5 -19.00 -18.87 -11.54
C GLU B 5 -19.58 -17.51 -11.16
N GLN B 6 -19.37 -17.14 -9.91
CA GLN B 6 -19.84 -15.88 -9.34
C GLN B 6 -18.66 -15.06 -8.84
N PRO B 7 -18.71 -13.74 -9.01
CA PRO B 7 -17.54 -13.03 -8.43
C PRO B 7 -17.54 -13.13 -6.90
N GLY B 8 -16.36 -13.08 -6.29
CA GLY B 8 -16.22 -13.21 -4.84
C GLY B 8 -16.93 -12.16 -4.00
N ALA B 9 -16.97 -10.92 -4.50
CA ALA B 9 -17.31 -9.74 -3.69
C ALA B 9 -17.86 -8.65 -4.54
N GLU B 10 -18.75 -7.86 -3.96
CA GLU B 10 -19.13 -6.57 -4.55
C GLU B 10 -19.34 -5.56 -3.46
N LEU B 11 -18.72 -4.38 -3.65
CA LEU B 11 -18.81 -3.26 -2.72
C LEU B 11 -19.84 -2.39 -3.26
N VAL B 12 -20.82 -2.02 -2.45
CA VAL B 12 -21.84 -1.11 -2.98
C VAL B 12 -22.17 0.06 -2.05
N LYS B 13 -22.24 1.24 -2.62
CA LYS B 13 -22.72 2.41 -1.88
C LYS B 13 -24.19 2.26 -1.48
N PRO B 14 -24.56 2.70 -0.27
CA PRO B 14 -26.00 2.82 0.08
C PRO B 14 -26.79 3.50 -1.02
N GLY B 15 -27.99 3.02 -1.31
CA GLY B 15 -28.83 3.63 -2.36
C GLY B 15 -28.49 3.15 -3.78
N ALA B 16 -27.29 2.58 -4.00
CA ALA B 16 -26.91 2.16 -5.38
C ALA B 16 -27.50 0.78 -5.72
N SER B 17 -27.20 0.29 -6.91
CA SER B 17 -27.63 -1.02 -7.35
C SER B 17 -26.46 -1.88 -7.69
N VAL B 18 -26.65 -3.20 -7.66
CA VAL B 18 -25.65 -4.08 -8.24
C VAL B 18 -26.32 -5.01 -9.13
N LYS B 19 -25.51 -5.50 -10.07
CA LYS B 19 -25.94 -6.60 -10.92
C LYS B 19 -25.01 -7.78 -10.71
N LEU B 20 -25.50 -8.86 -10.08
CA LEU B 20 -24.61 -10.00 -9.75
C LEU B 20 -24.62 -10.98 -10.87
N SER B 21 -23.46 -11.55 -11.19
CA SER B 21 -23.38 -12.47 -12.33
C SER B 21 -23.14 -13.91 -11.95
N CYS B 22 -23.70 -14.81 -12.77
CA CYS B 22 -23.60 -16.23 -12.55
C CYS B 22 -23.34 -16.90 -13.88
N LYS B 23 -22.08 -17.06 -14.23
CA LYS B 23 -21.71 -17.62 -15.55
C LYS B 23 -21.69 -19.13 -15.46
N ALA B 24 -22.47 -19.83 -16.30
CA ALA B 24 -22.57 -21.30 -16.26
C ALA B 24 -21.79 -21.97 -17.33
N SER B 25 -21.23 -23.13 -17.01
CA SER B 25 -20.54 -23.93 -18.02
C SER B 25 -20.60 -25.40 -17.59
N GLY B 26 -20.43 -26.29 -18.53
CA GLY B 26 -20.47 -27.69 -18.24
C GLY B 26 -21.76 -28.40 -18.56
N TYR B 27 -22.71 -27.68 -19.17
CA TYR B 27 -23.97 -28.24 -19.67
C TYR B 27 -24.63 -27.17 -20.52
N THR B 28 -25.71 -27.50 -21.23
CA THR B 28 -26.41 -26.47 -22.01
C THR B 28 -27.19 -25.54 -21.12
N PHE B 29 -26.81 -24.26 -21.17
CA PHE B 29 -27.38 -23.23 -20.30
C PHE B 29 -28.91 -23.29 -20.32
N THR B 30 -29.50 -23.37 -21.51
CA THR B 30 -30.95 -23.31 -21.66
C THR B 30 -31.73 -24.53 -21.12
N SER B 31 -31.02 -25.57 -20.71
CA SER B 31 -31.61 -26.81 -20.19
C SER B 31 -32.05 -26.84 -18.71
N ASN B 32 -31.66 -25.86 -17.90
CA ASN B 32 -31.95 -25.93 -16.47
C ASN B 32 -32.26 -24.59 -15.90
N TRP B 33 -33.30 -24.56 -15.07
CA TRP B 33 -33.68 -23.40 -14.25
C TRP B 33 -32.49 -22.95 -13.38
N ILE B 34 -32.44 -21.65 -13.11
CA ILE B 34 -31.46 -21.10 -12.18
C ILE B 34 -32.18 -20.53 -10.97
N ASN B 35 -31.74 -20.90 -9.77
CA ASN B 35 -32.27 -20.37 -8.51
C ASN B 35 -31.28 -19.42 -7.79
N TRP B 36 -31.77 -18.46 -7.02
CA TRP B 36 -30.89 -17.55 -6.28
C TRP B 36 -31.28 -17.57 -4.81
N VAL B 37 -30.30 -17.40 -3.95
CA VAL B 37 -30.54 -17.52 -2.53
C VAL B 37 -29.81 -16.37 -1.84
N LYS B 38 -30.33 -15.90 -0.73
CA LYS B 38 -29.68 -14.91 0.14
C LYS B 38 -29.29 -15.53 1.51
N GLN B 39 -28.06 -15.27 1.98
CA GLN B 39 -27.63 -15.73 3.30
C GLN B 39 -26.88 -14.63 4.07
N ARG B 40 -27.52 -13.99 5.03
CA ARG B 40 -26.80 -13.05 5.85
C ARG B 40 -25.72 -13.81 6.66
N PRO B 41 -24.55 -13.16 6.90
CA PRO B 41 -23.39 -13.99 7.34
C PRO B 41 -23.78 -14.69 8.64
N GLY B 42 -23.47 -16.00 8.74
CA GLY B 42 -23.84 -16.80 9.95
C GLY B 42 -25.35 -17.03 10.12
N GLN B 43 -26.11 -17.21 9.02
CA GLN B 43 -27.53 -17.01 9.23
C GLN B 43 -28.58 -17.82 8.45
N GLY B 44 -28.28 -18.81 7.72
CA GLY B 44 -29.59 -19.41 7.25
C GLY B 44 -30.03 -18.82 5.90
N LEU B 45 -30.63 -19.68 5.06
CA LEU B 45 -30.87 -19.41 3.69
C LEU B 45 -32.26 -18.92 3.38
N GLU B 46 -32.36 -17.98 2.44
CA GLU B 46 -33.67 -17.60 1.92
C GLU B 46 -33.70 -17.66 0.39
N TRP B 47 -34.89 -17.97 -0.11
CA TRP B 47 -35.05 -18.28 -1.50
C TRP B 47 -35.57 -17.01 -2.09
N ILE B 48 -34.85 -16.52 -3.11
CA ILE B 48 -35.20 -15.24 -3.70
C ILE B 48 -36.12 -15.54 -4.86
N GLY B 49 -35.78 -16.56 -5.64
CA GLY B 49 -36.50 -16.81 -6.90
C GLY B 49 -35.73 -17.69 -7.90
N HIS B 50 -36.36 -17.92 -9.05
CA HIS B 50 -35.78 -18.69 -10.12
C HIS B 50 -36.21 -18.25 -11.54
N ILE B 51 -35.35 -18.54 -12.51
CA ILE B 51 -35.59 -18.13 -13.91
C ILE B 51 -35.26 -19.28 -14.89
N SER B 52 -36.07 -19.40 -15.93
CA SER B 52 -35.81 -20.37 -16.99
C SER B 52 -35.02 -19.69 -18.07
N PRO B 53 -33.73 -20.05 -18.26
CA PRO B 53 -32.99 -19.35 -19.34
C PRO B 53 -33.54 -19.64 -20.72
N GLY B 54 -34.26 -20.75 -20.87
CA GLY B 54 -34.88 -21.02 -22.16
C GLY B 54 -35.95 -19.99 -22.48
N SER B 55 -36.87 -19.76 -21.55
CA SER B 55 -38.07 -18.92 -21.79
C SER B 55 -38.01 -17.56 -21.10
N SER B 56 -37.01 -17.37 -20.25
CA SER B 56 -36.84 -16.13 -19.49
C SER B 56 -37.95 -15.91 -18.44
N SER B 57 -38.86 -16.86 -18.30
CA SER B 57 -39.95 -16.72 -17.33
C SER B 57 -39.43 -16.96 -15.91
N THR B 58 -40.11 -16.37 -14.93
CA THR B 58 -39.56 -16.18 -13.60
C THR B 58 -40.64 -16.42 -12.58
N ASN B 59 -40.19 -16.76 -11.39
CA ASN B 59 -41.00 -16.75 -10.18
C ASN B 59 -40.15 -16.22 -8.99
N TYR B 60 -40.72 -15.26 -8.26
CA TYR B 60 -40.07 -14.61 -7.12
C TYR B 60 -40.72 -14.94 -5.81
N ASN B 61 -39.91 -15.06 -4.78
CA ASN B 61 -40.43 -14.96 -3.42
C ASN B 61 -40.99 -13.55 -3.21
N GLU B 62 -42.22 -13.42 -2.71
CA GLU B 62 -42.85 -12.07 -2.57
C GLU B 62 -41.96 -11.07 -1.82
N LYS B 63 -41.29 -11.59 -0.80
CA LYS B 63 -40.38 -10.79 0.04
C LYS B 63 -39.39 -9.99 -0.81
N PHE B 64 -38.98 -10.53 -1.96
CA PHE B 64 -37.98 -9.86 -2.79
C PHE B 64 -38.53 -9.21 -4.03
N LYS B 65 -39.83 -9.33 -4.27
CA LYS B 65 -40.40 -8.82 -5.50
C LYS B 65 -39.78 -7.49 -5.88
N SER B 66 -39.58 -6.58 -4.93
CA SER B 66 -39.22 -5.24 -5.35
C SER B 66 -37.79 -4.91 -5.05
N LYS B 67 -36.98 -5.93 -4.74
CA LYS B 67 -35.58 -5.74 -4.53
C LYS B 67 -34.79 -6.35 -5.65
N ALA B 68 -35.29 -7.45 -6.19
CA ALA B 68 -34.50 -8.31 -7.12
C ALA B 68 -35.13 -8.46 -8.50
N THR B 69 -34.31 -8.44 -9.55
CA THR B 69 -34.74 -8.70 -10.93
C THR B 69 -33.82 -9.76 -11.57
N LEU B 70 -34.38 -10.87 -12.07
CA LEU B 70 -33.57 -11.94 -12.68
C LEU B 70 -33.67 -11.85 -14.19
N THR B 71 -32.53 -11.94 -14.83
CA THR B 71 -32.43 -12.02 -16.27
C THR B 71 -31.34 -13.01 -16.64
N VAL B 72 -31.23 -13.30 -17.94
CA VAL B 72 -30.17 -14.19 -18.43
C VAL B 72 -29.69 -13.60 -19.73
N ASP B 73 -28.46 -13.91 -20.10
CA ASP B 73 -27.96 -13.66 -21.45
C ASP B 73 -27.54 -15.01 -21.99
N THR B 74 -28.36 -15.53 -22.92
CA THR B 74 -28.18 -16.86 -23.42
C THR B 74 -26.89 -16.96 -24.20
N SER B 75 -26.47 -15.88 -24.87
CA SER B 75 -25.30 -15.94 -25.77
C SER B 75 -24.00 -16.10 -24.96
N SER B 76 -24.00 -15.62 -23.71
CA SER B 76 -22.84 -15.76 -22.84
C SER B 76 -23.03 -16.80 -21.74
N SER B 77 -24.16 -17.51 -21.76
CA SER B 77 -24.51 -18.45 -20.68
C SER B 77 -24.46 -17.78 -19.28
N THR B 78 -25.03 -16.60 -19.15
CA THR B 78 -24.87 -15.94 -17.88
C THR B 78 -26.22 -15.51 -17.35
N ALA B 79 -26.45 -15.79 -16.06
CA ALA B 79 -27.66 -15.36 -15.35
C ALA B 79 -27.33 -14.17 -14.47
N TYR B 80 -28.28 -13.25 -14.35
CA TYR B 80 -28.02 -12.03 -13.61
C TYR B 80 -29.07 -11.83 -12.57
N MET B 81 -28.66 -11.24 -11.45
CA MET B 81 -29.62 -10.78 -10.45
C MET B 81 -29.22 -9.36 -10.17
N GLN B 82 -30.16 -8.50 -10.41
CA GLN B 82 -30.03 -7.10 -10.19
C GLN B 82 -30.76 -6.79 -8.86
N LEU B 83 -30.04 -6.18 -7.91
CA LEU B 83 -30.58 -5.76 -6.62
C LEU B 83 -30.65 -4.25 -6.57
N SER B 84 -31.80 -3.68 -6.20
CA SER B 84 -31.94 -2.24 -6.30
C SER B 84 -31.88 -1.49 -4.97
N SER B 85 -31.53 -0.20 -5.06
CA SER B 85 -31.25 0.68 -3.88
C SER B 85 -30.91 -0.04 -2.57
N LEU B 86 -29.62 -0.36 -2.48
CA LEU B 86 -29.10 -1.16 -1.40
C LEU B 86 -29.04 -0.43 -0.05
N THR B 87 -29.16 -1.25 0.98
CA THR B 87 -29.37 -0.92 2.37
C THR B 87 -28.44 -1.94 3.08
N SER B 88 -28.03 -1.65 4.31
CA SER B 88 -27.22 -2.58 5.05
C SER B 88 -27.89 -3.95 5.27
N ASP B 89 -29.23 -4.01 5.31
CA ASP B 89 -30.03 -5.25 5.25
C ASP B 89 -29.75 -6.07 3.97
N ASP B 90 -29.19 -5.47 2.95
CA ASP B 90 -28.89 -6.27 1.75
C ASP B 90 -27.51 -6.86 1.77
N SER B 91 -26.70 -6.50 2.76
CA SER B 91 -25.33 -7.07 2.89
C SER B 91 -25.46 -8.52 3.23
N ALA B 92 -24.92 -9.41 2.38
CA ALA B 92 -25.18 -10.83 2.51
C ALA B 92 -24.41 -11.62 1.43
N VAL B 93 -24.24 -12.94 1.60
CA VAL B 93 -23.81 -13.77 0.45
C VAL B 93 -25.01 -14.08 -0.44
N TYR B 94 -24.86 -13.96 -1.76
CA TYR B 94 -25.89 -14.37 -2.74
C TYR B 94 -25.40 -15.52 -3.60
N TYR B 95 -26.10 -16.65 -3.58
CA TYR B 95 -25.74 -17.84 -4.31
C TYR B 95 -26.67 -17.99 -5.52
N CYS B 96 -26.13 -18.41 -6.64
CA CYS B 96 -26.96 -18.91 -7.74
C CYS B 96 -26.83 -20.42 -7.71
N GLY B 97 -27.87 -21.11 -8.14
CA GLY B 97 -27.77 -22.56 -8.16
C GLY B 97 -28.46 -23.11 -9.37
N ARG B 98 -28.04 -24.29 -9.79
CA ARG B 98 -28.59 -24.99 -10.94
C ARG B 98 -29.59 -26.09 -10.54
N GLU B 99 -30.79 -25.98 -11.08
CA GLU B 99 -31.87 -26.91 -10.79
C GLU B 99 -31.61 -28.17 -11.61
N GLU B 100 -31.73 -29.36 -11.00
CA GLU B 100 -31.72 -30.65 -11.74
C GLU B 100 -33.16 -30.99 -11.97
N THR B 101 -33.48 -31.28 -13.22
CA THR B 101 -34.86 -31.34 -13.69
C THR B 101 -35.70 -32.37 -12.94
N VAL B 102 -36.86 -31.94 -12.41
CA VAL B 102 -37.75 -32.81 -11.58
C VAL B 102 -36.97 -33.66 -10.56
N ARG B 103 -35.96 -33.06 -9.95
CA ARG B 103 -35.13 -33.77 -8.99
C ARG B 103 -34.75 -32.94 -7.77
N ALA B 104 -34.22 -31.73 -7.98
CA ALA B 104 -33.72 -30.88 -6.90
C ALA B 104 -33.47 -29.45 -7.41
N SER B 105 -33.64 -28.49 -6.50
CA SER B 105 -33.47 -27.09 -6.88
C SER B 105 -32.01 -26.68 -6.97
N PHE B 106 -31.11 -27.29 -6.19
CA PHE B 106 -29.70 -26.87 -6.20
C PHE B 106 -28.73 -28.00 -6.35
N GLY B 107 -28.74 -28.68 -7.47
CA GLY B 107 -27.76 -29.73 -7.71
C GLY B 107 -26.32 -29.22 -7.71
N ASN B 108 -26.13 -27.97 -8.13
CA ASN B 108 -24.85 -27.33 -8.13
C ASN B 108 -25.09 -25.88 -7.69
N TRP B 109 -24.16 -25.37 -6.88
CA TRP B 109 -24.19 -24.02 -6.34
C TRP B 109 -22.95 -23.30 -6.86
N GLY B 110 -23.04 -21.99 -7.09
CA GLY B 110 -21.85 -21.18 -7.24
C GLY B 110 -21.22 -20.97 -5.88
N GLN B 111 -20.07 -20.31 -5.83
CA GLN B 111 -19.34 -20.04 -4.58
C GLN B 111 -19.96 -18.88 -3.82
N GLY B 112 -20.78 -18.07 -4.49
CA GLY B 112 -21.51 -17.02 -3.82
C GLY B 112 -20.82 -15.66 -3.91
N THR B 113 -21.58 -14.56 -3.98
CA THR B 113 -20.97 -13.26 -3.99
C THR B 113 -21.24 -12.55 -2.69
N LEU B 114 -20.20 -12.15 -1.96
CA LEU B 114 -20.44 -11.36 -0.72
C LEU B 114 -20.60 -9.88 -1.09
N VAL B 115 -21.82 -9.42 -0.91
CA VAL B 115 -22.14 -8.04 -1.16
C VAL B 115 -21.99 -7.25 0.14
N THR B 116 -21.04 -6.33 0.24
CA THR B 116 -21.00 -5.40 1.34
C THR B 116 -21.60 -4.06 0.89
N VAL B 117 -22.58 -3.57 1.60
CA VAL B 117 -23.14 -2.28 1.32
C VAL B 117 -22.53 -1.26 2.28
N SER B 118 -21.76 -0.33 1.75
CA SER B 118 -21.01 0.62 2.57
C SER B 118 -20.55 1.75 1.71
N ALA B 119 -20.29 2.89 2.36
CA ALA B 119 -19.74 4.11 1.78
C ALA B 119 -18.23 4.12 1.86
N ALA B 120 -17.64 3.16 2.57
CA ALA B 120 -16.19 3.11 2.74
C ALA B 120 -15.45 2.65 1.45
N LYS B 121 -14.23 3.11 1.26
CA LYS B 121 -13.47 2.68 0.10
C LYS B 121 -12.90 1.28 0.34
N THR B 122 -12.64 0.59 -0.76
CA THR B 122 -11.88 -0.65 -0.76
C THR B 122 -10.50 -0.38 -0.24
N THR B 123 -9.99 -1.27 0.61
CA THR B 123 -8.60 -1.24 1.03
C THR B 123 -8.03 -2.62 0.92
N PRO B 124 -6.93 -2.76 0.17
CA PRO B 124 -6.26 -4.02 0.04
C PRO B 124 -5.53 -4.38 1.34
N PRO B 125 -5.30 -5.68 1.57
CA PRO B 125 -4.59 -6.10 2.75
C PRO B 125 -3.10 -5.87 2.66
N SER B 126 -2.43 -5.80 3.82
CA SER B 126 -1.01 -5.93 3.92
C SER B 126 -0.81 -7.35 4.29
N VAL B 127 0.19 -7.98 3.71
CA VAL B 127 0.36 -9.36 4.01
C VAL B 127 1.73 -9.55 4.61
N TYR B 128 1.80 -10.11 5.83
CA TYR B 128 3.07 -10.25 6.53
C TYR B 128 3.30 -11.68 6.88
N PRO B 129 4.53 -12.16 6.69
CA PRO B 129 4.94 -13.53 7.03
C PRO B 129 5.17 -13.70 8.53
N LEU B 130 4.85 -14.88 9.05
CA LEU B 130 5.13 -15.19 10.41
C LEU B 130 6.09 -16.37 10.45
N ALA B 131 7.33 -16.09 10.84
CA ALA B 131 8.39 -17.08 10.88
C ALA B 131 8.85 -17.30 12.32
N PRO B 132 9.30 -18.52 12.65
CA PRO B 132 9.91 -18.65 13.96
C PRO B 132 11.32 -18.11 13.81
N SER B 140 9.87 -31.44 15.57
CA SER B 140 9.98 -32.04 14.23
C SER B 140 8.86 -31.60 13.26
N MET B 141 7.99 -30.74 13.75
CA MET B 141 6.92 -30.12 13.02
C MET B 141 7.21 -28.60 13.19
N VAL B 142 6.95 -27.78 12.16
CA VAL B 142 7.04 -26.34 12.30
C VAL B 142 5.73 -25.73 11.92
N THR B 143 5.40 -24.64 12.62
CA THR B 143 4.21 -23.86 12.34
C THR B 143 4.63 -22.48 11.78
N LEU B 144 4.13 -22.14 10.60
CA LEU B 144 4.38 -20.85 9.97
C LEU B 144 3.05 -20.16 9.76
N GLY B 145 3.08 -18.86 9.47
CA GLY B 145 1.81 -18.18 9.19
C GLY B 145 1.85 -16.95 8.34
N CYS B 146 0.66 -16.41 8.05
CA CYS B 146 0.43 -15.18 7.29
C CYS B 146 -0.54 -14.32 8.05
N LEU B 147 -0.17 -13.04 8.20
CA LEU B 147 -1.00 -12.11 8.86
C LEU B 147 -1.53 -11.23 7.74
N VAL B 148 -2.85 -11.25 7.53
CA VAL B 148 -3.46 -10.48 6.48
C VAL B 148 -4.25 -9.33 7.10
N LYS B 149 -3.66 -8.15 7.02
CA LYS B 149 -4.05 -7.06 7.90
C LYS B 149 -4.59 -5.84 7.19
N GLY B 150 -5.67 -5.31 7.73
CA GLY B 150 -6.12 -3.99 7.31
C GLY B 150 -6.85 -3.90 6.00
N TYR B 151 -7.75 -4.83 5.71
CA TYR B 151 -8.51 -4.79 4.44
C TYR B 151 -10.01 -4.52 4.61
N PHE B 152 -10.62 -4.13 3.51
CA PHE B 152 -12.03 -3.86 3.43
C PHE B 152 -12.42 -3.83 1.98
N PRO B 153 -13.57 -4.46 1.66
CA PRO B 153 -14.38 -5.35 2.54
C PRO B 153 -13.90 -6.82 2.49
N GLU B 154 -14.66 -7.66 3.18
CA GLU B 154 -14.51 -9.12 3.17
C GLU B 154 -14.89 -9.58 1.77
N PRO B 155 -14.45 -10.78 1.38
CA PRO B 155 -13.60 -11.67 2.11
C PRO B 155 -12.19 -11.60 1.58
N VAL B 156 -11.27 -12.33 2.21
CA VAL B 156 -10.04 -12.71 1.57
C VAL B 156 -10.01 -14.23 1.52
N THR B 157 -9.26 -14.78 0.60
CA THR B 157 -9.04 -16.18 0.47
C THR B 157 -7.53 -16.45 0.69
N VAL B 158 -7.20 -17.45 1.49
CA VAL B 158 -5.80 -17.81 1.72
C VAL B 158 -5.52 -19.25 1.35
N THR B 159 -4.45 -19.45 0.58
CA THR B 159 -3.98 -20.81 0.35
C THR B 159 -2.49 -20.86 0.64
N TRP B 160 -1.96 -22.08 0.67
CA TRP B 160 -0.56 -22.30 0.91
C TRP B 160 0.01 -23.10 -0.23
N ASN B 161 1.14 -22.64 -0.77
CA ASN B 161 1.74 -23.32 -1.91
C ASN B 161 0.69 -23.60 -2.99
N SER B 162 -0.23 -22.64 -3.19
CA SER B 162 -1.11 -22.68 -4.36
C SER B 162 -2.12 -23.78 -4.19
N GLY B 163 -2.44 -24.14 -2.94
CA GLY B 163 -3.41 -25.19 -2.67
C GLY B 163 -2.76 -26.58 -2.42
N SER B 164 -1.52 -26.82 -2.89
CA SER B 164 -0.92 -28.13 -2.65
C SER B 164 -0.56 -28.41 -1.17
N LEU B 165 -0.36 -27.39 -0.32
CA LEU B 165 -0.43 -27.64 1.13
C LEU B 165 -1.86 -27.40 1.64
N SER B 166 -2.59 -28.50 1.87
CA SER B 166 -4.02 -28.41 2.24
C SER B 166 -4.16 -28.84 3.67
N SER B 167 -3.51 -29.93 4.05
CA SER B 167 -3.68 -30.32 5.43
C SER B 167 -2.76 -29.53 6.38
N GLY B 168 -3.10 -29.47 7.66
CA GLY B 168 -2.33 -28.67 8.62
C GLY B 168 -2.60 -27.18 8.62
N VAL B 169 -3.69 -26.76 7.98
CA VAL B 169 -3.95 -25.35 7.74
C VAL B 169 -5.07 -24.86 8.61
N HIS B 170 -4.87 -23.72 9.24
CA HIS B 170 -6.00 -23.08 9.88
C HIS B 170 -6.02 -21.67 9.38
N THR B 171 -7.14 -21.26 8.86
CA THR B 171 -7.31 -19.89 8.42
C THR B 171 -8.41 -19.42 9.33
N PHE B 172 -8.14 -18.31 10.05
CA PHE B 172 -9.00 -17.83 11.11
C PHE B 172 -10.00 -16.77 10.60
N PRO B 173 -11.26 -16.83 11.07
CA PRO B 173 -12.22 -15.85 10.61
C PRO B 173 -11.66 -14.45 10.83
N ALA B 174 -11.97 -13.51 9.95
CA ALA B 174 -11.51 -12.14 10.16
C ALA B 174 -12.18 -11.48 11.31
N VAL B 175 -11.48 -10.51 11.88
CA VAL B 175 -12.02 -9.69 12.96
C VAL B 175 -12.05 -8.21 12.53
N LEU B 176 -13.13 -7.49 12.80
CA LEU B 176 -13.20 -6.12 12.38
C LEU B 176 -12.59 -5.28 13.49
N GLN B 177 -11.73 -4.34 13.13
CA GLN B 177 -11.28 -3.35 14.07
C GLN B 177 -10.90 -2.09 13.37
N SER B 178 -11.24 -0.97 13.99
CA SER B 178 -11.01 0.35 13.40
C SER B 178 -11.46 0.34 11.93
N ASP B 179 -12.56 -0.37 11.64
CA ASP B 179 -13.23 -0.37 10.33
C ASP B 179 -12.46 -1.11 9.25
N LEU B 180 -11.47 -1.91 9.67
CA LEU B 180 -10.70 -2.76 8.74
C LEU B 180 -10.69 -4.17 9.26
N TYR B 181 -10.63 -5.15 8.36
CA TYR B 181 -10.52 -6.53 8.80
C TYR B 181 -9.09 -7.04 8.88
N THR B 182 -8.86 -7.89 9.86
CA THR B 182 -7.63 -8.63 9.98
C THR B 182 -7.92 -10.14 10.15
N LEU B 183 -7.14 -10.95 9.42
CA LEU B 183 -7.24 -12.36 9.44
C LEU B 183 -5.81 -12.89 9.53
N SER B 184 -5.63 -14.16 9.89
CA SER B 184 -4.34 -14.81 9.73
C SER B 184 -4.53 -16.30 9.44
N SER B 185 -3.47 -16.95 9.00
CA SER B 185 -3.54 -18.36 8.66
C SER B 185 -2.30 -19.05 9.18
N SER B 186 -2.45 -20.25 9.71
CA SER B 186 -1.29 -21.01 10.02
C SER B 186 -1.24 -22.32 9.23
N VAL B 187 -0.03 -22.80 9.01
CA VAL B 187 0.20 -24.05 8.35
C VAL B 187 1.33 -24.82 9.10
N THR B 188 1.14 -26.13 9.32
CA THR B 188 2.16 -26.94 9.96
C THR B 188 2.76 -27.95 8.98
N VAL B 189 4.08 -27.96 8.91
CA VAL B 189 4.74 -28.81 7.95
C VAL B 189 5.86 -29.56 8.66
N PRO B 190 6.31 -30.70 8.11
CA PRO B 190 7.44 -31.38 8.78
C PRO B 190 8.67 -30.46 8.72
N SER B 191 9.53 -30.51 9.72
CA SER B 191 10.69 -29.64 9.72
C SER B 191 11.66 -29.98 8.58
N SER B 192 11.55 -31.16 7.99
CA SER B 192 12.33 -31.43 6.78
C SER B 192 11.78 -30.80 5.50
N THR B 193 10.59 -30.22 5.54
CA THR B 193 10.01 -29.49 4.41
C THR B 193 10.49 -28.04 4.41
N TRP B 194 10.50 -27.37 5.56
CA TRP B 194 10.89 -25.97 5.65
C TRP B 194 11.99 -25.87 6.66
N PRO B 195 12.97 -24.98 6.48
CA PRO B 195 13.12 -24.00 5.42
C PRO B 195 13.63 -24.51 4.07
N SER B 196 14.00 -25.78 3.91
CA SER B 196 14.65 -26.15 2.65
C SER B 196 13.74 -26.09 1.42
N GLN B 197 12.43 -26.31 1.57
CA GLN B 197 11.45 -26.05 0.51
C GLN B 197 10.70 -24.78 0.84
N THR B 198 10.20 -24.13 -0.21
CA THR B 198 9.63 -22.83 -0.06
C THR B 198 8.21 -23.00 0.40
N VAL B 199 7.78 -22.18 1.35
CA VAL B 199 6.40 -22.19 1.79
C VAL B 199 5.89 -20.79 1.57
N THR B 200 4.82 -20.69 0.78
CA THR B 200 4.30 -19.39 0.31
C THR B 200 2.80 -19.32 0.61
N CYS B 201 2.41 -18.25 1.27
CA CYS B 201 0.98 -18.05 1.42
C CYS B 201 0.43 -17.20 0.29
N ASN B 202 -0.73 -17.57 -0.21
CA ASN B 202 -1.41 -16.88 -1.35
C ASN B 202 -2.69 -16.17 -0.89
N VAL B 203 -2.69 -14.86 -0.95
CA VAL B 203 -3.78 -14.08 -0.44
C VAL B 203 -4.55 -13.50 -1.61
N ALA B 204 -5.83 -13.83 -1.70
CA ALA B 204 -6.71 -13.18 -2.72
C ALA B 204 -7.70 -12.25 -1.99
N HIS B 205 -7.79 -11.00 -2.44
CA HIS B 205 -8.81 -10.10 -1.91
C HIS B 205 -9.61 -9.63 -3.12
N PRO B 206 -10.66 -10.37 -3.46
CA PRO B 206 -11.34 -10.14 -4.74
C PRO B 206 -11.90 -8.70 -4.94
N ALA B 207 -12.38 -8.05 -3.87
CA ALA B 207 -12.99 -6.68 -4.02
C ALA B 207 -12.02 -5.67 -4.56
N SER B 208 -10.73 -5.89 -4.40
CA SER B 208 -9.76 -5.05 -5.01
C SER B 208 -8.94 -5.78 -6.04
N SER B 209 -9.37 -6.95 -6.49
CA SER B 209 -8.57 -7.82 -7.39
C SER B 209 -7.07 -7.80 -7.08
N THR B 210 -6.74 -7.99 -5.83
CA THR B 210 -5.37 -8.16 -5.45
C THR B 210 -5.07 -9.63 -5.22
N LYS B 211 -3.91 -10.11 -5.69
CA LYS B 211 -3.37 -11.41 -5.20
C LYS B 211 -1.96 -11.20 -4.71
N VAL B 212 -1.62 -11.75 -3.55
CA VAL B 212 -0.31 -11.50 -3.01
C VAL B 212 0.23 -12.84 -2.64
N ASP B 213 1.39 -13.20 -3.17
CA ASP B 213 2.12 -14.32 -2.65
C ASP B 213 3.18 -13.84 -1.65
N LYS B 214 3.20 -14.43 -0.44
CA LYS B 214 4.25 -14.09 0.51
C LYS B 214 5.03 -15.35 0.93
N LYS B 215 6.28 -15.43 0.49
CA LYS B 215 7.19 -16.49 0.91
C LYS B 215 7.56 -16.29 2.39
N ILE B 216 7.49 -17.36 3.19
CA ILE B 216 7.96 -17.31 4.58
C ILE B 216 9.44 -17.65 4.61
N VAL B 217 10.30 -16.66 4.84
CA VAL B 217 11.75 -16.91 4.97
C VAL B 217 12.15 -16.90 6.45
N PRO B 218 13.18 -17.70 6.83
CA PRO B 218 13.63 -17.68 8.23
C PRO B 218 14.16 -16.28 8.65
N ARG B 219 13.80 -15.82 9.86
CA ARG B 219 14.29 -14.53 10.41
C ARG B 219 15.81 -14.63 10.56
N ASP B 220 16.54 -13.50 10.40
CA ASP B 220 18.02 -13.48 10.68
C ASP B 220 18.54 -12.50 11.79
N GLU C 1 67.32 6.56 -12.14
CA GLU C 1 65.83 6.63 -12.31
C GLU C 1 65.45 7.86 -13.04
N LEU C 2 64.45 7.76 -13.91
CA LEU C 2 64.15 8.93 -14.74
C LEU C 2 63.34 9.90 -13.97
N VAL C 3 63.92 11.08 -13.81
CA VAL C 3 63.19 12.16 -13.20
C VAL C 3 62.44 12.91 -14.32
N MET C 4 61.15 13.15 -14.07
CA MET C 4 60.28 13.87 -14.97
C MET C 4 59.95 15.22 -14.34
N THR C 5 60.28 16.27 -15.08
CA THR C 5 60.14 17.63 -14.67
C THR C 5 59.07 18.34 -15.50
N GLN C 6 58.00 18.79 -14.85
CA GLN C 6 56.92 19.51 -15.54
C GLN C 6 56.97 20.99 -15.26
N THR C 7 56.71 21.78 -16.29
CA THR C 7 56.60 23.21 -16.13
C THR C 7 55.39 23.71 -16.99
N PRO C 8 54.67 24.76 -16.53
CA PRO C 8 54.77 25.43 -15.20
C PRO C 8 54.10 24.55 -14.18
N PRO C 9 54.26 24.81 -12.87
CA PRO C 9 53.44 24.07 -11.88
C PRO C 9 51.96 24.50 -11.92
N SER C 10 51.75 25.76 -12.26
CA SER C 10 50.40 26.29 -12.32
C SER C 10 50.22 26.90 -13.66
N LEU C 11 49.05 26.76 -14.27
CA LEU C 11 48.79 27.31 -15.62
C LEU C 11 47.40 27.91 -15.65
N PRO C 12 47.30 29.20 -15.36
CA PRO C 12 46.06 29.95 -15.57
C PRO C 12 45.72 30.25 -17.05
N VAL C 13 44.53 29.90 -17.51
CA VAL C 13 44.10 30.24 -18.89
C VAL C 13 42.66 30.69 -18.97
N SER C 14 42.33 31.57 -19.92
CA SER C 14 40.93 31.91 -20.15
C SER C 14 40.23 30.83 -20.97
N LEU C 15 38.91 30.83 -20.89
CA LEU C 15 38.07 29.88 -21.63
C LEU C 15 38.23 30.13 -23.12
N GLY C 16 38.50 29.07 -23.87
CA GLY C 16 38.71 29.19 -25.31
C GLY C 16 40.17 29.36 -25.72
N ASP C 17 40.99 29.89 -24.82
CA ASP C 17 42.45 29.96 -25.01
C ASP C 17 43.12 28.59 -25.28
N GLN C 18 44.33 28.68 -25.82
CA GLN C 18 45.28 27.58 -25.94
C GLN C 18 46.06 27.33 -24.61
N ALA C 19 46.33 26.07 -24.28
CA ALA C 19 47.24 25.74 -23.18
C ALA C 19 48.37 24.81 -23.60
N SER C 20 49.54 25.06 -23.07
CA SER C 20 50.71 24.25 -23.38
C SER C 20 51.46 23.80 -22.12
N ILE C 21 51.73 22.52 -21.99
CA ILE C 21 52.34 22.00 -20.75
C ILE C 21 53.56 21.21 -21.17
N SER C 22 54.70 21.49 -20.55
CA SER C 22 55.87 20.73 -20.95
C SER C 22 56.46 19.80 -19.84
N CYS C 23 57.05 18.73 -20.35
CA CYS C 23 57.55 17.65 -19.55
C CYS C 23 58.96 17.33 -20.04
N ARG C 24 59.94 17.37 -19.14
CA ARG C 24 61.28 16.99 -19.48
C ARG C 24 61.77 15.81 -18.68
N SER C 25 62.29 14.82 -19.39
CA SER C 25 62.81 13.62 -18.79
C SER C 25 64.32 13.77 -18.64
N SER C 26 64.90 13.23 -17.57
CA SER C 26 66.34 13.45 -17.26
C SER C 26 67.25 12.59 -18.15
N GLN C 27 66.68 11.59 -18.81
CA GLN C 27 67.37 10.77 -19.83
C GLN C 27 66.31 10.18 -20.76
N SER C 28 66.78 9.45 -21.75
CA SER C 28 65.91 9.02 -22.83
C SER C 28 64.95 7.96 -22.35
N ILE C 29 63.89 7.80 -23.13
CA ILE C 29 62.68 7.14 -22.72
C ILE C 29 62.16 6.21 -23.85
N VAL C 30 63.11 5.66 -24.61
CA VAL C 30 62.80 4.57 -25.54
C VAL C 30 62.82 3.20 -24.80
N HIS C 31 61.69 2.48 -24.87
CA HIS C 31 61.59 1.11 -24.39
C HIS C 31 62.27 0.18 -25.37
N SER C 32 62.74 -0.98 -24.91
CA SER C 32 63.55 -1.88 -25.74
C SER C 32 62.81 -2.26 -27.03
N ASN C 33 61.48 -2.17 -26.99
CA ASN C 33 60.66 -2.53 -28.16
C ASN C 33 60.59 -1.44 -29.24
N GLY C 34 61.33 -0.36 -29.02
CA GLY C 34 61.30 0.79 -29.95
C GLY C 34 60.35 1.93 -29.53
N ASP C 35 59.34 1.61 -28.72
CA ASP C 35 58.28 2.54 -28.31
C ASP C 35 58.65 3.51 -27.19
N THR C 36 58.26 4.77 -27.35
CA THR C 36 58.37 5.77 -26.31
C THR C 36 57.08 5.85 -25.46
N TYR C 37 57.13 5.33 -24.24
CA TYR C 37 55.93 5.27 -23.45
C TYR C 37 55.73 6.51 -22.62
N LEU C 38 55.48 7.62 -23.29
CA LEU C 38 55.19 8.86 -22.59
C LEU C 38 53.69 8.97 -22.50
N GLU C 39 53.13 9.11 -21.31
CA GLU C 39 51.67 9.26 -21.19
C GLU C 39 51.32 10.52 -20.46
N TRP C 40 50.13 11.04 -20.72
CA TRP C 40 49.63 12.23 -20.05
C TRP C 40 48.36 11.86 -19.38
N TYR C 41 48.27 12.14 -18.09
CA TYR C 41 47.09 11.87 -17.25
C TYR C 41 46.49 13.15 -16.71
N LEU C 42 45.18 13.16 -16.52
CA LEU C 42 44.48 14.29 -15.99
C LEU C 42 43.73 13.85 -14.78
N GLN C 43 43.95 14.54 -13.66
CA GLN C 43 43.20 14.22 -12.45
C GLN C 43 42.37 15.43 -12.05
N LYS C 44 41.05 15.25 -12.07
CA LYS C 44 40.11 16.29 -11.75
C LYS C 44 39.84 16.17 -10.27
N PRO C 45 39.42 17.28 -9.67
CA PRO C 45 39.21 17.34 -8.23
C PRO C 45 38.31 16.19 -7.75
N GLY C 46 38.71 15.49 -6.70
CA GLY C 46 37.87 14.38 -6.18
C GLY C 46 38.01 13.04 -6.93
N GLN C 47 38.40 13.07 -8.22
CA GLN C 47 38.39 11.89 -9.05
C GLN C 47 39.76 11.17 -9.11
N SER C 48 39.76 9.92 -9.54
CA SER C 48 41.02 9.26 -9.79
C SER C 48 41.55 9.82 -11.18
N PRO C 49 42.89 9.75 -11.47
CA PRO C 49 43.36 10.26 -12.81
C PRO C 49 42.81 9.46 -14.03
N LYS C 50 42.83 10.06 -15.20
CA LYS C 50 42.35 9.41 -16.42
C LYS C 50 43.39 9.65 -17.51
N LEU C 51 43.59 8.64 -18.36
CA LEU C 51 44.52 8.72 -19.48
C LEU C 51 44.06 9.61 -20.59
N LEU C 52 44.98 10.44 -21.08
CA LEU C 52 44.67 11.33 -22.16
C LEU C 52 45.42 10.98 -23.44
N ILE C 53 46.73 10.89 -23.28
CA ILE C 53 47.62 10.62 -24.36
C ILE C 53 48.55 9.44 -24.00
N TYR C 54 48.74 8.51 -24.95
CA TYR C 54 49.69 7.43 -24.78
C TYR C 54 50.68 7.43 -25.93
N LYS C 55 51.86 6.84 -25.68
CA LYS C 55 52.90 6.72 -26.71
C LYS C 55 53.18 8.09 -27.35
N VAL C 56 53.27 9.09 -26.49
CA VAL C 56 53.68 10.46 -26.84
C VAL C 56 52.52 11.25 -27.45
N SER C 57 51.87 10.70 -28.47
CA SER C 57 50.91 11.50 -29.25
C SER C 57 49.58 10.86 -29.62
N ASN C 58 49.23 9.74 -29.00
CA ASN C 58 47.96 9.08 -29.30
C ASN C 58 46.85 9.43 -28.33
N ARG C 59 45.71 9.85 -28.85
CA ARG C 59 44.54 10.11 -28.03
C ARG C 59 43.96 8.82 -27.58
N PHE C 60 43.75 8.71 -26.27
CA PHE C 60 43.03 7.59 -25.70
C PHE C 60 41.56 7.64 -26.19
N SER C 61 40.92 6.46 -26.25
CA SER C 61 39.57 6.41 -26.84
C SER C 61 38.60 7.32 -26.08
N GLY C 62 37.78 8.05 -26.84
CA GLY C 62 36.90 9.05 -26.24
C GLY C 62 37.53 10.30 -25.64
N VAL C 63 38.85 10.51 -25.84
CA VAL C 63 39.49 11.82 -25.53
C VAL C 63 39.25 12.84 -26.69
N PRO C 64 38.74 14.05 -26.36
CA PRO C 64 38.51 15.05 -27.41
C PRO C 64 39.76 15.42 -28.23
N ASP C 65 39.57 16.07 -29.38
CA ASP C 65 40.64 16.41 -30.34
C ASP C 65 41.46 17.62 -29.93
N ARG C 66 40.90 18.43 -29.07
CA ARG C 66 41.57 19.60 -28.59
C ARG C 66 42.78 19.16 -27.75
N PHE C 67 42.85 17.88 -27.36
CA PHE C 67 44.05 17.33 -26.73
C PHE C 67 45.00 16.65 -27.69
N SER C 68 46.26 17.06 -27.70
CA SER C 68 47.28 16.40 -28.51
C SER C 68 48.64 16.55 -27.87
N GLY C 69 49.44 15.51 -27.97
CA GLY C 69 50.75 15.53 -27.35
C GLY C 69 51.76 15.50 -28.45
N SER C 70 52.96 15.93 -28.13
CA SER C 70 54.04 15.93 -29.12
C SER C 70 55.37 15.92 -28.41
N GLY C 71 56.45 15.86 -29.18
CA GLY C 71 57.78 15.94 -28.63
C GLY C 71 58.62 14.79 -29.07
N SER C 72 59.81 14.71 -28.47
CA SER C 72 60.76 13.61 -28.78
C SER C 72 62.03 13.75 -27.94
N GLY C 73 62.64 12.61 -27.64
CA GLY C 73 63.87 12.56 -26.87
C GLY C 73 63.62 12.76 -25.39
N THR C 74 63.65 14.02 -24.98
CA THR C 74 63.56 14.34 -23.57
C THR C 74 62.60 15.50 -23.34
N ASP C 75 62.05 16.06 -24.42
CA ASP C 75 61.19 17.22 -24.28
C ASP C 75 59.84 16.86 -24.87
N PHE C 76 58.84 16.80 -24.01
CA PHE C 76 57.51 16.43 -24.48
C PHE C 76 56.52 17.51 -24.13
N THR C 77 55.46 17.63 -24.93
CA THR C 77 54.54 18.68 -24.65
C THR C 77 53.08 18.32 -24.94
N LEU C 78 52.20 18.87 -24.12
CA LEU C 78 50.78 18.61 -24.18
C LEU C 78 50.08 19.90 -24.54
N GLU C 79 49.36 19.93 -25.67
CA GLU C 79 48.60 21.13 -26.05
C GLU C 79 47.08 20.86 -25.87
N ILE C 80 46.40 21.86 -25.32
CA ILE C 80 44.94 21.84 -25.23
C ILE C 80 44.52 22.97 -26.13
N SER C 81 43.95 22.67 -27.29
CA SER C 81 43.83 23.72 -28.29
C SER C 81 42.71 24.71 -28.09
N ARG C 82 41.70 24.41 -27.26
CA ARG C 82 40.68 25.43 -26.93
C ARG C 82 40.04 25.01 -25.64
N VAL C 83 40.48 25.63 -24.55
CA VAL C 83 40.21 25.13 -23.20
C VAL C 83 38.77 25.39 -22.81
N GLU C 84 38.20 24.44 -22.07
CA GLU C 84 36.84 24.52 -21.52
C GLU C 84 36.85 24.21 -20.04
N ALA C 85 35.75 24.55 -19.38
CA ALA C 85 35.61 24.37 -17.96
C ALA C 85 35.87 22.92 -17.51
N GLU C 86 35.43 21.95 -18.32
CA GLU C 86 35.60 20.53 -17.94
C GLU C 86 37.09 20.16 -17.89
N ASP C 87 37.96 21.00 -18.45
CA ASP C 87 39.39 20.69 -18.53
C ASP C 87 40.21 20.95 -17.23
N LEU C 88 39.61 21.65 -16.28
CA LEU C 88 40.17 21.86 -14.96
C LEU C 88 40.80 20.62 -14.41
N GLY C 89 41.94 20.80 -13.71
CA GLY C 89 42.52 19.77 -12.86
C GLY C 89 44.04 19.82 -12.87
N VAL C 90 44.67 18.72 -12.44
CA VAL C 90 46.13 18.56 -12.38
C VAL C 90 46.55 17.52 -13.43
N TYR C 91 47.53 17.89 -14.24
CA TYR C 91 47.96 17.16 -15.43
C TYR C 91 49.35 16.61 -15.10
N TYR C 92 49.53 15.32 -15.37
CA TYR C 92 50.76 14.65 -15.04
C TYR C 92 51.25 13.99 -16.30
N CYS C 93 52.55 14.06 -16.52
CA CYS C 93 53.17 13.21 -17.48
C CYS C 93 53.76 12.07 -16.70
N PHE C 94 54.18 11.06 -17.46
CA PHE C 94 54.54 9.79 -16.88
C PHE C 94 55.29 9.01 -17.95
N GLN C 95 56.40 8.42 -17.56
CA GLN C 95 57.12 7.54 -18.44
C GLN C 95 56.99 6.06 -17.99
N GLY C 96 56.63 5.20 -18.92
CA GLY C 96 56.53 3.79 -18.60
C GLY C 96 57.58 3.01 -19.33
N SER C 97 58.68 3.66 -19.75
CA SER C 97 59.67 2.96 -20.54
C SER C 97 60.77 2.30 -19.68
N HIS C 98 60.98 2.78 -18.47
CA HIS C 98 62.03 2.22 -17.64
C HIS C 98 61.55 2.10 -16.21
N VAL C 99 61.89 0.98 -15.60
CA VAL C 99 61.66 0.75 -14.16
C VAL C 99 62.73 1.50 -13.37
N PRO C 100 62.35 2.22 -12.29
CA PRO C 100 60.96 2.41 -11.79
C PRO C 100 60.22 3.41 -12.66
N ARG C 101 58.94 3.17 -12.98
CA ARG C 101 58.13 4.12 -13.78
C ARG C 101 57.86 5.34 -12.93
N THR C 102 57.80 6.49 -13.58
CA THR C 102 57.84 7.77 -12.86
C THR C 102 56.91 8.80 -13.46
N PHE C 103 56.27 9.57 -12.56
CA PHE C 103 55.39 10.70 -12.84
C PHE C 103 56.11 12.02 -12.71
N GLY C 104 55.72 13.00 -13.52
CA GLY C 104 56.10 14.39 -13.25
C GLY C 104 55.36 14.87 -12.01
N GLY C 105 55.75 16.02 -11.48
CA GLY C 105 55.14 16.59 -10.28
C GLY C 105 53.78 17.23 -10.45
N GLY C 106 53.28 17.34 -11.69
CA GLY C 106 51.94 17.86 -11.87
C GLY C 106 51.90 19.30 -12.30
N THR C 107 51.00 19.62 -13.20
CA THR C 107 50.73 20.98 -13.57
C THR C 107 49.23 21.27 -13.34
N LYS C 108 48.95 22.28 -12.52
CA LYS C 108 47.58 22.60 -12.20
C LYS C 108 46.94 23.60 -13.16
N LEU C 109 45.94 23.20 -13.92
CA LEU C 109 45.33 24.10 -14.86
C LEU C 109 44.22 24.87 -14.18
N GLU C 110 44.29 26.20 -14.17
CA GLU C 110 43.26 27.05 -13.61
C GLU C 110 42.56 27.86 -14.71
N ILE C 111 41.25 28.05 -14.58
CA ILE C 111 40.50 28.81 -15.54
C ILE C 111 40.36 30.21 -14.99
N LYS C 112 40.62 31.22 -15.82
CA LYS C 112 40.34 32.57 -15.42
C LYS C 112 39.10 33.00 -16.20
N ARG C 113 38.16 33.64 -15.51
CA ARG C 113 36.91 34.05 -16.08
C ARG C 113 36.47 35.31 -15.41
N ALA C 114 35.39 35.92 -16.07
CA ALA C 114 34.67 37.11 -15.51
C ALA C 114 34.41 36.94 -14.00
N ASP C 115 34.46 38.07 -13.31
CA ASP C 115 34.00 38.12 -11.94
C ASP C 115 32.53 37.75 -11.79
N ALA C 116 32.19 37.30 -10.59
CA ALA C 116 30.83 36.92 -10.23
C ALA C 116 30.63 37.02 -8.71
N ALA C 117 29.62 37.79 -8.29
CA ALA C 117 29.22 37.88 -6.89
C ALA C 117 28.62 36.56 -6.39
N PRO C 118 28.77 36.26 -5.10
CA PRO C 118 28.23 34.99 -4.56
C PRO C 118 26.74 34.99 -4.37
N THR C 119 26.16 33.81 -4.45
CA THR C 119 24.77 33.60 -4.03
C THR C 119 24.83 33.07 -2.61
N VAL C 120 24.28 33.86 -1.69
CA VAL C 120 24.48 33.62 -0.28
C VAL C 120 23.20 33.04 0.34
N SER C 121 23.35 31.94 1.07
CA SER C 121 22.23 31.34 1.75
C SER C 121 22.52 31.01 3.23
N ILE C 122 21.57 31.27 4.11
CA ILE C 122 21.78 30.97 5.51
C ILE C 122 20.83 29.91 6.02
N PHE C 123 21.30 29.02 6.88
CA PHE C 123 20.44 27.94 7.41
C PHE C 123 20.46 27.80 8.92
N PRO C 124 19.28 27.87 9.56
CA PRO C 124 19.26 27.71 11.03
C PRO C 124 19.64 26.28 11.38
N PRO C 125 20.07 26.02 12.62
CA PRO C 125 20.30 24.62 12.95
C PRO C 125 19.03 23.75 12.81
N SER C 126 19.12 22.52 12.34
CA SER C 126 17.96 21.63 12.21
C SER C 126 17.38 21.20 13.59
N SER C 127 16.08 20.89 13.63
CA SER C 127 15.57 20.44 14.90
C SER C 127 16.19 19.12 15.34
N GLU C 128 16.58 18.27 14.39
CA GLU C 128 17.32 17.04 14.75
C GLU C 128 18.59 17.35 15.53
N GLN C 129 19.36 18.36 15.11
CA GLN C 129 20.60 18.68 15.80
C GLN C 129 20.33 19.30 17.15
N LEU C 130 19.28 20.09 17.24
CA LEU C 130 18.96 20.70 18.52
C LEU C 130 18.67 19.67 19.57
N THR C 131 17.84 18.71 19.24
CA THR C 131 17.41 17.74 20.24
C THR C 131 18.65 16.95 20.68
N SER C 132 19.63 16.81 19.78
CA SER C 132 20.88 16.17 20.15
C SER C 132 21.80 17.02 21.04
N GLY C 133 21.49 18.29 21.30
CA GLY C 133 22.39 19.15 22.11
C GLY C 133 23.37 20.13 21.42
N GLY C 134 23.45 20.12 20.09
CA GLY C 134 24.33 21.04 19.37
C GLY C 134 23.52 21.99 18.50
N ALA C 135 24.17 23.00 17.92
CA ALA C 135 23.47 23.95 17.04
C ALA C 135 24.46 24.57 16.07
N SER C 136 24.50 24.09 14.83
CA SER C 136 25.36 24.70 13.82
C SER C 136 24.59 25.58 12.89
N VAL C 137 25.11 26.76 12.61
CA VAL C 137 24.48 27.69 11.65
C VAL C 137 25.37 27.70 10.46
N VAL C 138 24.78 27.45 9.31
CA VAL C 138 25.52 27.19 8.10
C VAL C 138 25.19 28.25 7.06
N CYS C 139 26.23 28.71 6.38
CA CYS C 139 26.00 29.66 5.33
C CYS C 139 26.79 29.27 4.08
N PHE C 140 26.12 29.13 2.95
CA PHE C 140 26.76 28.89 1.67
C PHE C 140 27.03 30.19 0.94
N LEU C 141 28.25 30.37 0.46
CA LEU C 141 28.48 31.44 -0.49
C LEU C 141 28.87 30.76 -1.81
N ASN C 142 27.91 30.74 -2.73
CA ASN C 142 27.98 29.90 -3.96
C ASN C 142 28.21 30.65 -5.22
N ASN C 143 29.05 30.06 -6.08
CA ASN C 143 29.27 30.53 -7.49
C ASN C 143 29.78 31.91 -7.64
N PHE C 144 30.92 32.15 -7.02
CA PHE C 144 31.57 33.46 -7.14
C PHE C 144 32.94 33.33 -7.78
N TYR C 145 33.45 34.43 -8.32
CA TYR C 145 34.80 34.47 -8.84
C TYR C 145 35.37 35.86 -8.61
N PRO C 146 36.66 35.96 -8.23
CA PRO C 146 37.71 34.95 -7.97
C PRO C 146 37.67 34.38 -6.58
N LYS C 147 38.64 33.55 -6.23
CA LYS C 147 38.53 32.69 -5.06
C LYS C 147 38.47 33.47 -3.73
N ASP C 148 39.13 34.61 -3.68
CA ASP C 148 39.14 35.39 -2.47
C ASP C 148 37.79 35.95 -2.04
N ILE C 149 37.42 35.68 -0.79
CA ILE C 149 36.19 36.16 -0.19
C ILE C 149 36.31 36.17 1.35
N ASN C 150 35.60 37.10 2.00
CA ASN C 150 35.43 37.09 3.46
C ASN C 150 33.99 36.84 3.87
N VAL C 151 33.85 36.05 4.92
CA VAL C 151 32.59 35.90 5.61
C VAL C 151 32.73 36.56 6.95
N LYS C 152 31.63 37.10 7.44
CA LYS C 152 31.56 37.70 8.75
C LYS C 152 30.25 37.20 9.35
N TRP C 153 30.31 36.74 10.60
CA TRP C 153 29.12 36.30 11.33
C TRP C 153 28.76 37.30 12.40
N LYS C 154 27.47 37.54 12.61
CA LYS C 154 27.01 38.41 13.71
C LYS C 154 25.89 37.76 14.50
N ILE C 155 25.95 37.90 15.81
CA ILE C 155 24.88 37.44 16.70
C ILE C 155 24.28 38.64 17.41
N ASP C 156 22.97 38.83 17.20
CA ASP C 156 22.23 40.06 17.52
C ASP C 156 22.95 41.33 17.09
N GLY C 157 23.85 41.19 16.13
CA GLY C 157 24.56 42.32 15.53
C GLY C 157 26.02 42.44 15.92
N SER C 158 26.45 41.59 16.86
CA SER C 158 27.83 41.63 17.34
C SER C 158 28.67 40.57 16.64
N GLU C 159 29.85 40.98 16.19
CA GLU C 159 30.74 40.12 15.41
C GLU C 159 31.20 38.88 16.17
N ARG C 160 31.22 37.77 15.49
CA ARG C 160 31.57 36.54 16.17
C ARG C 160 32.57 35.71 15.36
N GLN C 161 33.78 35.47 15.90
CA GLN C 161 34.78 34.70 15.12
C GLN C 161 35.17 33.32 15.68
N ASN C 162 35.02 33.12 17.01
CA ASN C 162 35.16 31.80 17.65
C ASN C 162 34.16 30.73 17.12
N GLY C 163 34.66 29.53 16.82
CA GLY C 163 33.81 28.42 16.37
C GLY C 163 33.27 28.50 14.95
N VAL C 164 33.99 29.20 14.07
CA VAL C 164 33.62 29.30 12.66
C VAL C 164 34.54 28.44 11.85
N LEU C 165 33.97 27.59 11.02
CA LEU C 165 34.77 26.75 10.17
C LEU C 165 34.38 26.95 8.69
N ASN C 166 35.36 27.26 7.85
CA ASN C 166 35.12 27.56 6.45
C ASN C 166 35.74 26.50 5.56
N SER C 167 35.08 26.18 4.45
CA SER C 167 35.65 25.29 3.44
C SER C 167 35.27 25.79 2.01
N TRP C 168 36.23 25.71 1.10
CA TRP C 168 36.10 26.17 -0.26
C TRP C 168 36.12 24.94 -1.14
N THR C 169 35.22 24.88 -2.14
CA THR C 169 35.38 23.92 -3.19
C THR C 169 36.53 24.28 -4.13
N ASP C 170 36.85 23.31 -4.97
CA ASP C 170 37.77 23.49 -6.08
C ASP C 170 36.99 24.20 -7.17
N GLN C 171 37.70 24.72 -8.14
CA GLN C 171 37.03 25.36 -9.23
C GLN C 171 35.97 24.41 -9.93
N ASP C 172 34.82 24.94 -10.24
CA ASP C 172 33.72 24.13 -10.70
C ASP C 172 33.88 23.77 -12.20
N SER C 173 33.43 22.56 -12.52
CA SER C 173 33.55 22.01 -13.84
C SER C 173 32.66 22.55 -14.91
N LYS C 174 31.55 23.20 -14.58
CA LYS C 174 30.71 23.72 -15.67
C LYS C 174 30.93 25.24 -15.72
N ASP C 175 31.24 25.80 -14.55
CA ASP C 175 31.08 27.21 -14.25
C ASP C 175 32.37 28.00 -14.21
N SER C 176 33.41 27.29 -13.78
CA SER C 176 34.69 27.88 -13.42
C SER C 176 34.65 28.77 -12.17
N THR C 177 33.55 28.69 -11.41
CA THR C 177 33.41 29.46 -10.19
C THR C 177 33.95 28.73 -8.96
N TYR C 178 34.04 29.44 -7.85
CA TYR C 178 34.29 28.78 -6.55
C TYR C 178 33.09 28.90 -5.65
N SER C 179 33.07 28.09 -4.60
CA SER C 179 32.05 28.16 -3.61
C SER C 179 32.64 28.00 -2.21
N MET C 180 31.93 28.49 -1.21
CA MET C 180 32.41 28.30 0.11
C MET C 180 31.28 28.11 1.13
N SER C 181 31.50 27.25 2.13
CA SER C 181 30.53 27.18 3.21
C SER C 181 31.21 27.59 4.44
N SER C 182 30.44 28.21 5.31
CA SER C 182 30.92 28.60 6.59
C SER C 182 29.92 28.09 7.59
N THR C 183 30.45 27.50 8.66
CA THR C 183 29.64 26.93 9.70
C THR C 183 30.04 27.52 11.04
N LEU C 184 29.06 28.11 11.71
CA LEU C 184 29.25 28.62 13.05
C LEU C 184 28.66 27.60 14.01
N THR C 185 29.52 27.04 14.88
CA THR C 185 29.08 25.94 15.72
C THR C 185 28.91 26.42 17.15
N LEU C 186 27.75 26.11 17.72
CA LEU C 186 27.47 26.49 19.10
C LEU C 186 26.82 25.36 19.91
N THR C 187 26.57 25.67 21.18
CA THR C 187 25.79 24.79 22.02
C THR C 187 24.34 25.24 21.94
N LYS C 188 23.40 24.30 22.07
CA LYS C 188 21.98 24.61 22.12
C LYS C 188 21.68 25.76 23.14
N ASP C 189 22.43 25.78 24.23
CA ASP C 189 22.30 26.81 25.26
C ASP C 189 22.68 28.17 24.72
N GLU C 190 23.82 28.20 24.08
CA GLU C 190 24.33 29.41 23.53
C GLU C 190 23.43 29.89 22.39
N TYR C 191 23.09 29.00 21.46
CA TYR C 191 22.21 29.34 20.33
C TYR C 191 20.91 29.91 20.86
N GLU C 192 20.34 29.27 21.86
CA GLU C 192 19.02 29.72 22.31
C GLU C 192 18.90 30.95 23.20
N ARG C 193 20.01 31.53 23.64
CA ARG C 193 19.91 32.81 24.40
C ARG C 193 19.83 33.99 23.42
N HIS C 194 20.32 33.82 22.19
CA HIS C 194 20.39 34.94 21.23
C HIS C 194 19.43 34.82 20.05
N ASN C 195 18.93 35.95 19.57
CA ASN C 195 17.85 35.97 18.57
C ASN C 195 18.23 35.94 17.05
N SER C 196 19.00 36.93 16.59
CA SER C 196 19.31 37.05 15.15
C SER C 196 20.72 36.58 14.78
N TYR C 197 20.80 35.92 13.63
CA TYR C 197 22.04 35.33 13.18
C TYR C 197 22.30 35.83 11.78
N THR C 198 23.51 36.34 11.55
CA THR C 198 23.83 36.94 10.26
C THR C 198 25.15 36.50 9.67
N CYS C 199 25.07 36.23 8.37
CA CYS C 199 26.15 35.83 7.52
C CYS C 199 26.41 37.04 6.58
N GLU C 200 27.64 37.56 6.56
CA GLU C 200 27.99 38.68 5.66
C GLU C 200 29.14 38.30 4.73
N ALA C 201 28.92 38.44 3.43
CA ALA C 201 29.95 38.11 2.46
C ALA C 201 30.53 39.36 1.82
N THR C 202 31.84 39.50 1.90
CA THR C 202 32.49 40.60 1.22
C THR C 202 33.43 40.04 0.15
N HIS C 203 33.33 40.61 -1.06
CA HIS C 203 33.95 40.05 -2.25
C HIS C 203 34.26 41.18 -3.19
N LYS C 204 35.26 41.01 -4.07
CA LYS C 204 35.72 42.14 -4.94
C LYS C 204 34.61 42.69 -5.86
N THR C 205 33.50 41.95 -6.01
CA THR C 205 32.39 42.35 -6.88
C THR C 205 31.54 43.55 -6.38
N SER C 206 31.61 43.84 -5.06
CA SER C 206 30.88 45.01 -4.49
C SER C 206 31.56 45.54 -3.21
N THR C 207 31.57 46.87 -3.05
CA THR C 207 32.01 47.45 -1.75
C THR C 207 31.05 47.13 -0.60
N SER C 208 29.76 46.94 -0.89
CA SER C 208 28.83 46.57 0.16
C SER C 208 28.56 45.07 0.17
N PRO C 209 28.61 44.46 1.37
CA PRO C 209 28.58 43.02 1.51
C PRO C 209 27.18 42.49 1.28
N ILE C 210 27.04 41.25 0.80
CA ILE C 210 25.74 40.60 0.74
C ILE C 210 25.47 40.07 2.14
N VAL C 211 24.32 40.49 2.70
CA VAL C 211 23.87 40.17 4.08
C VAL C 211 22.69 39.19 4.06
N LYS C 212 22.83 38.08 4.75
CA LYS C 212 21.72 37.15 4.86
C LYS C 212 21.51 36.81 6.33
N SER C 213 20.28 36.84 6.80
CA SER C 213 20.06 36.68 8.24
C SER C 213 18.72 35.99 8.57
N PHE C 214 18.57 35.48 9.81
CA PHE C 214 17.25 35.06 10.29
C PHE C 214 17.07 35.33 11.80
N ASN C 215 15.84 35.14 12.27
CA ASN C 215 15.54 35.24 13.71
C ASN C 215 15.14 33.91 14.31
N ARG C 216 15.65 33.60 15.51
CA ARG C 216 15.33 32.33 16.15
C ARG C 216 13.84 32.13 16.27
N GLN D 1 32.65 -3.11 -19.82
CA GLN D 1 32.70 -2.12 -18.74
C GLN D 1 33.84 -2.59 -17.89
N VAL D 2 35.07 -2.16 -18.19
CA VAL D 2 36.21 -2.46 -17.30
C VAL D 2 36.09 -1.75 -15.94
N GLN D 3 36.09 -2.53 -14.88
CA GLN D 3 36.01 -1.94 -13.58
C GLN D 3 37.07 -2.49 -12.68
N LEU D 4 37.61 -1.61 -11.86
CA LEU D 4 38.56 -2.02 -10.85
C LEU D 4 37.97 -1.56 -9.53
N GLU D 5 37.55 -2.52 -8.71
CA GLU D 5 36.80 -2.15 -7.51
C GLU D 5 37.70 -2.15 -6.26
N GLN D 6 37.82 -1.00 -5.62
CA GLN D 6 38.67 -0.89 -4.45
C GLN D 6 37.79 -0.40 -3.33
N PRO D 7 38.02 -0.82 -2.11
CA PRO D 7 37.13 -0.19 -1.13
C PRO D 7 37.53 1.25 -0.85
N GLY D 8 36.54 2.09 -0.51
CA GLY D 8 36.73 3.50 -0.25
C GLY D 8 37.74 3.86 0.82
N ALA D 9 37.82 3.06 1.89
CA ALA D 9 38.56 3.45 3.12
C ALA D 9 39.17 2.30 3.85
N GLU D 10 40.27 2.54 4.51
CA GLU D 10 40.78 1.58 5.52
C GLU D 10 41.41 2.36 6.65
N LEU D 11 41.02 2.00 7.88
CA LEU D 11 41.46 2.63 9.12
C LEU D 11 42.47 1.70 9.63
N VAL D 12 43.66 2.21 9.94
CA VAL D 12 44.64 1.28 10.45
C VAL D 12 45.44 1.83 11.63
N LYS D 13 45.63 0.99 12.62
CA LYS D 13 46.37 1.37 13.80
C LYS D 13 47.86 1.53 13.38
N PRO D 14 48.55 2.51 13.94
CA PRO D 14 50.04 2.53 13.84
C PRO D 14 50.71 1.16 14.14
N GLY D 15 51.73 0.79 13.35
CA GLY D 15 52.39 -0.52 13.42
C GLY D 15 51.68 -1.70 12.73
N ALA D 16 50.40 -1.58 12.44
CA ALA D 16 49.64 -2.72 11.86
C ALA D 16 49.83 -2.75 10.35
N SER D 17 49.25 -3.72 9.69
CA SER D 17 49.35 -3.89 8.27
C SER D 17 47.97 -3.80 7.68
N VAL D 18 47.88 -3.52 6.40
CA VAL D 18 46.62 -3.66 5.71
C VAL D 18 46.84 -4.42 4.46
N LYS D 19 45.81 -5.14 4.05
CA LYS D 19 45.82 -5.73 2.73
C LYS D 19 44.77 -5.05 1.85
N LEU D 20 45.19 -4.28 0.83
CA LEU D 20 44.27 -3.54 -0.06
C LEU D 20 43.85 -4.37 -1.24
N SER D 21 42.56 -4.33 -1.58
CA SER D 21 42.07 -5.16 -2.64
C SER D 21 41.67 -4.36 -3.86
N CYS D 22 41.79 -5.01 -5.01
CA CYS D 22 41.46 -4.40 -6.28
C CYS D 22 40.83 -5.54 -7.09
N LYS D 23 39.50 -5.59 -7.07
CA LYS D 23 38.77 -6.65 -7.78
C LYS D 23 38.51 -6.19 -9.22
N ALA D 24 38.94 -6.99 -10.21
CA ALA D 24 38.81 -6.57 -11.61
C ALA D 24 37.70 -7.33 -12.28
N SER D 25 37.03 -6.68 -13.23
CA SER D 25 35.99 -7.28 -14.04
C SER D 25 35.83 -6.50 -15.36
N GLY D 26 35.24 -7.19 -16.35
CA GLY D 26 35.03 -6.62 -17.65
C GLY D 26 36.11 -6.92 -18.68
N TYR D 27 37.04 -7.82 -18.33
CA TYR D 27 38.09 -8.33 -19.23
C TYR D 27 38.70 -9.57 -18.55
N THR D 28 39.47 -10.37 -19.26
CA THR D 28 40.17 -11.48 -18.58
C THR D 28 41.31 -10.98 -17.70
N PHE D 29 41.19 -11.24 -16.39
CA PHE D 29 42.14 -10.78 -15.38
C PHE D 29 43.60 -11.05 -15.77
N THR D 30 43.90 -12.27 -16.18
CA THR D 30 45.25 -12.68 -16.52
C THR D 30 45.86 -12.01 -17.74
N SER D 31 45.07 -11.26 -18.50
CA SER D 31 45.53 -10.61 -19.74
C SER D 31 46.28 -9.28 -19.56
N ASN D 32 46.22 -8.66 -18.38
CA ASN D 32 46.82 -7.31 -18.21
C ASN D 32 47.54 -7.15 -16.88
N TRP D 33 48.72 -6.54 -16.94
CA TRP D 33 49.43 -6.15 -15.73
C TRP D 33 48.61 -5.20 -14.85
N ILE D 34 48.90 -5.22 -13.55
CA ILE D 34 48.24 -4.36 -12.57
C ILE D 34 49.29 -3.45 -11.91
N ASN D 35 49.03 -2.14 -11.94
CA ASN D 35 49.89 -1.15 -11.33
C ASN D 35 49.29 -0.58 -10.06
N TRP D 36 50.15 -0.08 -9.15
CA TRP D 36 49.66 0.54 -7.91
C TRP D 36 50.33 1.86 -7.74
N VAL D 37 49.61 2.82 -7.19
CA VAL D 37 50.11 4.18 -7.11
C VAL D 37 49.72 4.73 -5.76
N LYS D 38 50.53 5.64 -5.23
CA LYS D 38 50.28 6.25 -3.94
C LYS D 38 50.14 7.74 -4.13
N GLN D 39 49.11 8.36 -3.52
CA GLN D 39 48.99 9.82 -3.56
C GLN D 39 48.66 10.37 -2.18
N ARG D 40 49.58 11.06 -1.58
CA ARG D 40 49.23 11.70 -0.35
C ARG D 40 48.30 12.88 -0.65
N PRO D 41 47.41 13.18 0.31
CA PRO D 41 46.20 14.00 -0.06
C PRO D 41 46.70 15.34 -0.60
N GLY D 42 46.16 15.77 -1.75
CA GLY D 42 46.66 17.01 -2.38
C GLY D 42 48.13 16.96 -2.81
N GLN D 43 48.63 15.80 -3.24
CA GLN D 43 50.07 15.73 -3.46
C GLN D 43 50.71 15.09 -4.72
N GLY D 44 50.02 14.57 -5.67
CA GLY D 44 51.04 14.13 -6.68
C GLY D 44 51.31 12.63 -6.55
N LEU D 45 51.53 11.97 -7.69
CA LEU D 45 51.46 10.52 -7.84
C LEU D 45 52.80 9.81 -7.71
N GLU D 46 52.84 8.68 -7.02
CA GLU D 46 54.07 7.85 -6.99
C GLU D 46 53.77 6.43 -7.43
N TRP D 47 54.74 5.89 -8.11
CA TRP D 47 54.56 4.58 -8.61
C TRP D 47 55.14 3.61 -7.62
N ILE D 48 54.31 2.68 -7.14
CA ILE D 48 54.76 1.68 -6.18
C ILE D 48 55.35 0.50 -6.92
N GLY D 49 54.66 0.01 -7.97
CA GLY D 49 54.99 -1.28 -8.56
C GLY D 49 53.93 -1.88 -9.48
N HIS D 50 54.26 -2.99 -10.11
CA HIS D 50 53.32 -3.69 -10.96
C HIS D 50 53.44 -5.22 -10.86
N ILE D 51 52.34 -5.92 -11.15
CA ILE D 51 52.33 -7.37 -11.10
C ILE D 51 51.56 -7.99 -12.28
N SER D 52 52.05 -9.13 -12.76
CA SER D 52 51.42 -9.85 -13.87
C SER D 52 50.51 -10.91 -13.27
N PRO D 53 49.19 -10.74 -13.39
CA PRO D 53 48.37 -11.81 -12.79
C PRO D 53 48.55 -13.17 -13.45
N GLY D 54 49.00 -13.20 -14.70
CA GLY D 54 49.29 -14.47 -15.34
C GLY D 54 50.41 -15.25 -14.64
N SER D 55 51.55 -14.59 -14.43
CA SER D 55 52.81 -15.22 -13.94
C SER D 55 53.10 -14.94 -12.49
N SER D 56 52.45 -13.92 -11.95
CA SER D 56 52.66 -13.51 -10.57
C SER D 56 53.98 -12.75 -10.42
N SER D 57 54.70 -12.54 -11.51
CA SER D 57 55.97 -11.84 -11.42
C SER D 57 55.78 -10.32 -11.22
N THR D 58 56.74 -9.68 -10.55
CA THR D 58 56.56 -8.30 -10.13
C THR D 58 57.79 -7.48 -10.36
N ASN D 59 57.58 -6.17 -10.30
CA ASN D 59 58.63 -5.17 -10.25
C ASN D 59 58.18 -4.03 -9.34
N TYR D 60 59.06 -3.66 -8.40
CA TYR D 60 58.78 -2.64 -7.39
C TYR D 60 59.62 -1.38 -7.57
N ASN D 61 59.02 -0.23 -7.32
CA ASN D 61 59.80 0.99 -7.00
C ASN D 61 60.66 0.72 -5.73
N GLU D 62 61.96 0.90 -5.79
CA GLU D 62 62.85 0.58 -4.65
C GLU D 62 62.41 1.26 -3.36
N LYS D 63 61.99 2.52 -3.48
CA LYS D 63 61.41 3.26 -2.33
C LYS D 63 60.43 2.41 -1.52
N PHE D 64 59.68 1.51 -2.18
CA PHE D 64 58.60 0.75 -1.52
C PHE D 64 58.90 -0.70 -1.26
N LYS D 65 60.13 -1.09 -1.57
CA LYS D 65 60.56 -2.47 -1.54
C LYS D 65 60.12 -3.15 -0.26
N SER D 66 60.28 -2.46 0.86
CA SER D 66 60.04 -3.12 2.12
C SER D 66 58.79 -2.63 2.79
N LYS D 67 57.93 -1.94 2.06
CA LYS D 67 56.65 -1.52 2.58
C LYS D 67 55.54 -2.32 1.95
N ALA D 68 55.65 -2.63 0.68
CA ALA D 68 54.52 -3.14 -0.10
C ALA D 68 54.78 -4.51 -0.66
N THR D 69 53.76 -5.38 -0.69
CA THR D 69 53.88 -6.66 -1.36
C THR D 69 52.63 -6.84 -2.21
N LEU D 70 52.84 -7.13 -3.49
CA LEU D 70 51.79 -7.34 -4.48
C LEU D 70 51.56 -8.81 -4.66
N THR D 71 50.28 -9.20 -4.68
CA THR D 71 49.90 -10.58 -4.99
C THR D 71 48.59 -10.50 -5.81
N VAL D 72 48.13 -11.65 -6.31
CA VAL D 72 46.87 -11.72 -7.02
C VAL D 72 46.16 -13.00 -6.56
N ASP D 73 44.86 -13.07 -6.75
CA ASP D 73 44.09 -14.31 -6.64
C ASP D 73 43.36 -14.47 -7.97
N THR D 74 43.85 -15.35 -8.83
CA THR D 74 43.29 -15.42 -10.15
C THR D 74 41.88 -16.00 -10.14
N SER D 75 41.54 -16.81 -9.12
CA SER D 75 40.23 -17.46 -9.04
C SER D 75 39.17 -16.41 -8.76
N SER D 76 39.56 -15.36 -8.02
CA SER D 76 38.61 -14.28 -7.71
C SER D 76 38.82 -12.99 -8.52
N SER D 77 39.79 -13.03 -9.44
CA SER D 77 40.13 -11.85 -10.22
C SER D 77 40.51 -10.66 -9.39
N THR D 78 41.31 -10.88 -8.36
CA THR D 78 41.54 -9.84 -7.42
C THR D 78 43.05 -9.62 -7.19
N ALA D 79 43.47 -8.36 -7.19
CA ALA D 79 44.87 -8.01 -6.93
C ALA D 79 44.98 -7.39 -5.55
N TYR D 80 46.10 -7.67 -4.89
CA TYR D 80 46.24 -7.25 -3.53
C TYR D 80 47.54 -6.50 -3.37
N MET D 81 47.50 -5.45 -2.56
CA MET D 81 48.73 -4.89 -2.07
C MET D 81 48.71 -4.91 -0.54
N GLN D 82 49.68 -5.60 0.02
CA GLN D 82 49.88 -5.59 1.45
C GLN D 82 50.90 -4.52 1.78
N LEU D 83 50.54 -3.69 2.76
CA LEU D 83 51.42 -2.64 3.28
C LEU D 83 51.75 -2.97 4.72
N SER D 84 53.03 -2.97 5.08
CA SER D 84 53.38 -3.40 6.45
C SER D 84 53.79 -2.25 7.39
N SER D 85 53.84 -2.54 8.70
CA SER D 85 53.90 -1.58 9.81
C SER D 85 53.69 -0.13 9.45
N LEU D 86 52.41 0.25 9.43
CA LEU D 86 52.02 1.56 9.00
C LEU D 86 52.34 2.67 9.99
N THR D 87 52.55 3.84 9.37
CA THR D 87 53.06 5.02 9.95
C THR D 87 52.20 6.12 9.34
N SER D 88 52.21 7.30 9.96
CA SER D 88 51.39 8.36 9.44
C SER D 88 51.79 8.81 8.04
N ASP D 89 53.07 8.64 7.66
CA ASP D 89 53.54 8.80 6.24
C ASP D 89 52.83 7.86 5.30
N ASP D 90 52.24 6.76 5.79
CA ASP D 90 51.60 5.84 4.86
C ASP D 90 50.16 6.26 4.61
N SER D 91 49.66 7.21 5.39
CA SER D 91 48.28 7.71 5.13
C SER D 91 48.26 8.32 3.74
N ALA D 92 47.34 7.85 2.88
CA ALA D 92 47.34 8.25 1.47
C ALA D 92 46.25 7.55 0.72
N VAL D 93 45.91 8.06 -0.49
CA VAL D 93 45.05 7.31 -1.41
C VAL D 93 45.95 6.36 -2.19
N TYR D 94 45.51 5.08 -2.28
CA TYR D 94 46.22 4.05 -3.05
C TYR D 94 45.37 3.58 -4.22
N TYR D 95 45.84 3.75 -5.46
CA TYR D 95 45.11 3.35 -6.65
C TYR D 95 45.70 2.07 -7.24
N CYS D 96 44.84 1.21 -7.77
CA CYS D 96 45.32 0.17 -8.66
C CYS D 96 44.95 0.64 -10.04
N GLY D 97 45.69 0.18 -11.04
CA GLY D 97 45.33 0.51 -12.40
C GLY D 97 45.62 -0.65 -13.30
N ARG D 98 44.92 -0.68 -14.43
CA ARG D 98 45.10 -1.71 -15.47
C ARG D 98 45.96 -1.22 -16.65
N GLU D 99 46.98 -1.99 -16.96
CA GLU D 99 47.93 -1.67 -18.03
C GLU D 99 47.27 -2.09 -19.32
N GLU D 100 47.18 -1.22 -20.32
CA GLU D 100 46.79 -1.66 -21.68
C GLU D 100 48.08 -2.01 -22.40
N THR D 101 48.08 -3.18 -22.99
CA THR D 101 49.29 -3.87 -23.44
C THR D 101 50.04 -3.09 -24.52
N VAL D 102 51.36 -2.89 -24.29
CA VAL D 102 52.21 -2.02 -25.15
C VAL D 102 51.53 -0.70 -25.55
N ARG D 103 50.83 -0.10 -24.63
CA ARG D 103 49.98 1.04 -24.93
C ARG D 103 50.14 2.09 -23.80
N ALA D 104 49.81 1.69 -22.55
CA ALA D 104 49.78 2.61 -21.41
C ALA D 104 49.74 1.85 -20.08
N SER D 105 50.27 2.47 -19.03
CA SER D 105 50.25 1.79 -17.72
C SER D 105 48.90 1.87 -16.98
N PHE D 106 48.07 2.88 -17.23
CA PHE D 106 46.81 3.03 -16.51
C PHE D 106 45.66 3.39 -17.42
N GLY D 107 45.32 2.51 -18.34
CA GLY D 107 44.12 2.71 -19.12
C GLY D 107 42.81 2.82 -18.33
N ASN D 108 42.75 2.17 -17.16
CA ASN D 108 41.65 2.23 -16.23
C ASN D 108 42.25 2.26 -14.83
N TRP D 109 41.61 3.05 -13.95
CA TRP D 109 42.07 3.24 -12.59
C TRP D 109 40.91 2.82 -11.70
N GLY D 110 41.15 2.26 -10.54
CA GLY D 110 40.10 2.14 -9.57
C GLY D 110 39.88 3.49 -8.90
N GLN D 111 38.90 3.55 -8.00
CA GLN D 111 38.55 4.79 -7.38
C GLN D 111 39.50 5.14 -6.22
N GLY D 112 40.36 4.20 -5.85
CA GLY D 112 41.37 4.48 -4.84
C GLY D 112 40.89 4.15 -3.44
N THR D 113 41.72 3.51 -2.63
CA THR D 113 41.41 3.33 -1.22
C THR D 113 42.12 4.38 -0.32
N LEU D 114 41.35 5.16 0.45
CA LEU D 114 41.99 6.11 1.39
C LEU D 114 42.35 5.39 2.70
N VAL D 115 43.64 5.28 2.94
CA VAL D 115 44.16 4.70 4.16
C VAL D 115 44.42 5.78 5.18
N THR D 116 43.75 5.76 6.32
CA THR D 116 44.08 6.63 7.42
C THR D 116 44.76 5.82 8.48
N VAL D 117 45.92 6.27 8.91
CA VAL D 117 46.68 5.55 9.92
C VAL D 117 46.53 6.31 11.21
N SER D 118 45.89 5.69 12.21
CA SER D 118 45.52 6.37 13.41
C SER D 118 45.03 5.37 14.42
N ALA D 119 45.18 5.72 15.70
CA ALA D 119 44.74 4.96 16.86
C ALA D 119 43.25 5.24 17.19
N ALA D 120 42.65 6.28 16.63
CA ALA D 120 41.28 6.70 16.98
C ALA D 120 40.20 5.74 16.43
N LYS D 121 39.08 5.68 17.09
CA LYS D 121 38.00 4.80 16.70
C LYS D 121 37.24 5.45 15.53
N THR D 122 36.63 4.62 14.70
CA THR D 122 35.71 5.02 13.68
C THR D 122 34.48 5.69 14.31
N THR D 123 34.04 6.83 13.78
CA THR D 123 32.81 7.46 14.21
C THR D 123 31.95 7.86 13.02
N PRO D 124 30.71 7.39 12.98
CA PRO D 124 29.80 7.65 11.87
C PRO D 124 29.35 9.09 11.92
N PRO D 125 29.02 9.65 10.79
CA PRO D 125 28.50 10.99 10.78
C PRO D 125 27.09 11.10 11.37
N SER D 126 26.78 12.27 11.92
CA SER D 126 25.43 12.74 12.10
C SER D 126 25.09 13.55 10.84
N VAL D 127 23.91 13.31 10.31
CA VAL D 127 23.51 13.96 9.06
C VAL D 127 22.35 14.85 9.35
N TYR D 128 22.48 16.12 9.03
CA TYR D 128 21.42 17.07 9.32
C TYR D 128 20.95 17.79 8.09
N PRO D 129 19.66 17.96 7.96
CA PRO D 129 19.08 18.69 6.80
C PRO D 129 19.19 20.19 6.96
N LEU D 130 19.40 20.91 5.86
CA LEU D 130 19.41 22.35 5.85
C LEU D 130 18.25 22.88 4.97
N ALA D 131 17.18 23.33 5.61
CA ALA D 131 16.01 23.79 4.89
C ALA D 131 15.93 25.28 5.07
N PRO D 132 15.37 25.99 4.09
CA PRO D 132 15.05 27.39 4.39
C PRO D 132 13.72 27.50 5.14
N SER D 140 12.85 32.10 -7.48
CA SER D 140 12.57 31.00 -8.42
C SER D 140 13.54 29.78 -8.35
N MET D 141 14.64 29.90 -7.62
CA MET D 141 15.58 28.82 -7.39
C MET D 141 15.61 28.62 -5.87
N VAL D 142 15.78 27.38 -5.38
CA VAL D 142 15.94 27.19 -3.94
C VAL D 142 17.24 26.51 -3.71
N THR D 143 17.86 26.80 -2.57
CA THR D 143 19.08 26.10 -2.17
C THR D 143 18.83 25.32 -0.89
N LEU D 144 19.16 24.03 -0.88
CA LEU D 144 18.95 23.17 0.29
C LEU D 144 20.32 22.58 0.62
N GLY D 145 20.48 21.95 1.78
CA GLY D 145 21.78 21.34 2.07
C GLY D 145 21.77 20.21 3.06
N CYS D 146 22.92 19.58 3.21
CA CYS D 146 23.15 18.51 4.15
C CYS D 146 24.35 18.88 4.97
N LEU D 147 24.23 18.80 6.29
CA LEU D 147 25.38 18.95 7.16
C LEU D 147 25.80 17.56 7.65
N VAL D 148 27.01 17.16 7.29
CA VAL D 148 27.51 15.84 7.62
C VAL D 148 28.60 16.00 8.68
N LYS D 149 28.21 15.79 9.93
CA LYS D 149 28.98 16.28 11.05
C LYS D 149 29.55 15.22 11.94
N GLY D 150 30.76 15.44 12.47
CA GLY D 150 31.32 14.60 13.50
C GLY D 150 31.79 13.21 13.10
N TYR D 151 32.48 13.05 11.95
CA TYR D 151 32.90 11.68 11.55
C TYR D 151 34.42 11.42 11.46
N PHE D 152 34.79 10.15 11.48
CA PHE D 152 36.21 9.77 11.38
C PHE D 152 36.22 8.32 11.00
N PRO D 153 37.13 7.92 10.09
CA PRO D 153 38.04 8.71 9.22
C PRO D 153 37.31 9.24 7.98
N GLU D 154 38.02 9.93 7.12
CA GLU D 154 37.53 10.30 5.78
C GLU D 154 37.51 9.03 4.97
N PRO D 155 36.79 8.99 3.86
CA PRO D 155 35.95 10.01 3.26
C PRO D 155 34.48 9.75 3.54
N VAL D 156 33.61 10.70 3.20
CA VAL D 156 32.24 10.38 3.04
C VAL D 156 31.90 10.60 1.55
N THR D 157 30.84 9.99 1.07
CA THR D 157 30.37 10.23 -0.29
C THR D 157 28.94 10.84 -0.19
N VAL D 158 28.69 12.01 -0.78
CA VAL D 158 27.37 12.63 -0.71
C VAL D 158 26.76 12.60 -2.09
N THR D 159 25.53 12.09 -2.20
CA THR D 159 24.78 12.32 -3.44
C THR D 159 23.41 12.96 -3.12
N TRP D 160 22.68 13.39 -4.16
CA TRP D 160 21.32 13.93 -4.03
C TRP D 160 20.37 13.11 -4.88
N ASN D 161 19.22 12.75 -4.31
CA ASN D 161 18.29 11.84 -5.00
C ASN D 161 19.01 10.66 -5.71
N SER D 162 20.04 10.13 -5.04
CA SER D 162 20.69 8.89 -5.49
C SER D 162 21.49 9.12 -6.74
N GLY D 163 22.01 10.34 -6.94
CA GLY D 163 22.75 10.66 -8.17
C GLY D 163 21.99 11.36 -9.28
N SER D 164 20.67 11.23 -9.35
CA SER D 164 19.87 11.89 -10.40
C SER D 164 19.88 13.41 -10.33
N LEU D 165 20.18 13.96 -9.15
CA LEU D 165 20.43 15.40 -9.05
C LEU D 165 21.94 15.65 -9.06
N SER D 166 22.48 15.99 -10.22
CA SER D 166 23.93 16.12 -10.40
C SER D 166 24.34 17.55 -10.54
N SER D 167 23.56 18.30 -11.30
CA SER D 167 23.90 19.67 -11.56
C SER D 167 23.36 20.57 -10.41
N GLY D 168 23.99 21.72 -10.19
CA GLY D 168 23.69 22.58 -9.01
C GLY D 168 24.23 22.16 -7.63
N VAL D 169 25.16 21.22 -7.61
CA VAL D 169 25.60 20.62 -6.33
C VAL D 169 26.95 21.15 -5.94
N HIS D 170 27.08 21.56 -4.69
CA HIS D 170 28.40 21.78 -4.20
C HIS D 170 28.57 20.91 -2.97
N THR D 171 29.56 20.01 -2.99
CA THR D 171 29.97 19.26 -1.82
C THR D 171 31.30 19.81 -1.42
N PHE D 172 31.38 20.30 -0.16
CA PHE D 172 32.53 21.01 0.29
C PHE D 172 33.54 20.06 0.98
N PRO D 173 34.85 20.24 0.74
CA PRO D 173 35.82 19.40 1.40
C PRO D 173 35.67 19.46 2.92
N ALA D 174 35.93 18.34 3.58
CA ALA D 174 35.78 18.24 5.03
C ALA D 174 36.79 19.04 5.71
N VAL D 175 36.45 19.53 6.89
CA VAL D 175 37.42 20.24 7.73
C VAL D 175 37.57 19.46 9.05
N LEU D 176 38.79 19.30 9.50
CA LEU D 176 39.06 18.60 10.71
C LEU D 176 38.95 19.54 11.91
N GLN D 177 38.19 19.13 12.92
CA GLN D 177 37.95 19.96 14.10
C GLN D 177 37.68 19.09 15.30
N SER D 178 38.45 19.34 16.37
CA SER D 178 38.39 18.48 17.55
C SER D 178 38.39 17.01 17.15
N ASP D 179 39.31 16.66 16.24
CA ASP D 179 39.61 15.28 15.84
C ASP D 179 38.46 14.60 15.09
N LEU D 180 37.49 15.39 14.62
CA LEU D 180 36.41 14.83 13.79
C LEU D 180 36.21 15.70 12.57
N TYR D 181 35.74 15.06 11.50
CA TYR D 181 35.47 15.75 10.26
C TYR D 181 34.05 16.24 10.14
N THR D 182 33.90 17.40 9.57
CA THR D 182 32.63 17.94 9.21
C THR D 182 32.71 18.43 7.74
N LEU D 183 31.65 18.14 7.01
CA LEU D 183 31.48 18.49 5.62
C LEU D 183 30.03 18.94 5.45
N SER D 184 29.75 19.66 4.36
CA SER D 184 28.36 19.93 4.01
C SER D 184 28.18 19.96 2.50
N SER D 185 26.94 19.94 2.05
CA SER D 185 26.71 19.89 0.63
C SER D 185 25.53 20.78 0.36
N SER D 186 25.57 21.54 -0.73
CA SER D 186 24.35 22.21 -1.18
C SER D 186 23.90 21.77 -2.53
N VAL D 187 22.60 21.92 -2.78
CA VAL D 187 21.98 21.67 -4.07
C VAL D 187 20.99 22.80 -4.38
N THR D 188 20.94 23.21 -5.61
CA THR D 188 20.03 24.25 -5.99
C THR D 188 19.04 23.72 -7.05
N VAL D 189 17.75 23.94 -6.84
CA VAL D 189 16.72 23.35 -7.73
C VAL D 189 15.70 24.39 -8.01
N PRO D 190 15.04 24.33 -9.18
CA PRO D 190 13.90 25.25 -9.35
C PRO D 190 12.88 25.11 -8.22
N SER D 191 12.22 26.21 -7.84
CA SER D 191 11.23 26.17 -6.77
C SER D 191 9.99 25.39 -7.12
N SER D 192 9.82 25.06 -8.41
CA SER D 192 8.74 24.11 -8.78
C SER D 192 9.11 22.63 -8.51
N THR D 193 10.37 22.39 -8.13
CA THR D 193 10.84 21.05 -7.85
C THR D 193 10.65 20.74 -6.37
N TRP D 194 11.08 21.66 -5.50
CA TRP D 194 10.96 21.49 -4.05
C TRP D 194 10.08 22.62 -3.52
N PRO D 195 9.23 22.37 -2.52
CA PRO D 195 8.98 21.19 -1.70
C PRO D 195 8.14 20.11 -2.37
N SER D 196 7.60 20.33 -3.58
CA SER D 196 6.59 19.40 -4.13
C SER D 196 7.13 18.04 -4.52
N GLN D 197 8.40 18.01 -4.93
CA GLN D 197 9.20 16.77 -5.12
C GLN D 197 10.17 16.62 -3.98
N THR D 198 10.47 15.38 -3.64
CA THR D 198 11.33 15.08 -2.52
C THR D 198 12.76 15.34 -2.91
N VAL D 199 13.52 15.94 -2.02
CA VAL D 199 14.93 16.11 -2.23
C VAL D 199 15.62 15.48 -1.03
N THR D 200 16.45 14.48 -1.31
CA THR D 200 17.07 13.69 -0.27
C THR D 200 18.57 13.64 -0.50
N CYS D 201 19.32 13.86 0.56
CA CYS D 201 20.76 13.69 0.43
C CYS D 201 21.15 12.31 0.94
N ASN D 202 22.09 11.68 0.26
CA ASN D 202 22.51 10.31 0.61
C ASN D 202 23.96 10.34 0.97
N VAL D 203 24.24 9.94 2.20
CA VAL D 203 25.58 10.04 2.76
C VAL D 203 26.09 8.66 3.02
N ALA D 204 27.18 8.32 2.35
CA ALA D 204 27.88 7.08 2.66
C ALA D 204 29.17 7.39 3.42
N HIS D 205 29.40 6.61 4.46
CA HIS D 205 30.67 6.65 5.19
C HIS D 205 31.30 5.23 5.14
N PRO D 206 32.18 4.95 4.12
CA PRO D 206 32.58 3.56 3.95
C PRO D 206 33.31 2.97 5.16
N ALA D 207 34.18 3.71 5.86
CA ALA D 207 34.90 3.10 6.99
C ALA D 207 33.97 2.53 8.03
N SER D 208 32.74 3.01 8.08
CA SER D 208 31.88 2.49 9.10
C SER D 208 30.74 1.74 8.48
N SER D 209 30.81 1.50 7.17
CA SER D 209 29.71 0.86 6.43
C SER D 209 28.33 1.45 6.71
N THR D 210 28.22 2.77 6.92
CA THR D 210 26.89 3.36 6.98
C THR D 210 26.51 4.19 5.76
N LYS D 211 25.22 4.14 5.45
CA LYS D 211 24.53 4.99 4.42
C LYS D 211 23.35 5.63 5.11
N VAL D 212 23.23 6.94 4.97
CA VAL D 212 22.09 7.62 5.57
C VAL D 212 21.46 8.46 4.50
N ASP D 213 20.16 8.32 4.37
CA ASP D 213 19.36 9.15 3.48
C ASP D 213 18.65 10.20 4.31
N LYS D 214 18.85 11.49 4.03
CA LYS D 214 18.07 12.52 4.75
C LYS D 214 17.24 13.38 3.80
N LYS D 215 15.93 13.18 3.90
CA LYS D 215 14.94 13.97 3.19
C LYS D 215 14.91 15.39 3.74
N ILE D 216 14.93 16.41 2.85
CA ILE D 216 14.84 17.82 3.29
C ILE D 216 13.40 18.26 3.29
N VAL D 217 12.87 18.47 4.49
CA VAL D 217 11.48 18.86 4.63
C VAL D 217 11.44 20.35 5.05
N PRO D 218 10.41 21.11 4.61
CA PRO D 218 10.43 22.52 5.06
C PRO D 218 10.20 22.66 6.57
N ARG D 219 10.85 23.65 7.20
CA ARG D 219 10.76 23.84 8.65
C ARG D 219 9.34 24.31 8.95
N ASP D 220 8.79 23.98 10.14
CA ASP D 220 7.47 24.58 10.52
C ASP D 220 7.44 25.30 11.87
N GLU E 1 -2.70 -3.61 36.89
CA GLU E 1 -4.07 -3.17 36.51
C GLU E 1 -5.13 -3.96 37.25
N LEU E 2 -5.98 -3.30 38.03
CA LEU E 2 -6.82 -4.09 38.93
C LEU E 2 -7.95 -4.65 38.15
N VAL E 3 -8.02 -5.98 38.07
CA VAL E 3 -9.14 -6.66 37.45
C VAL E 3 -10.22 -6.93 38.51
N MET E 4 -11.42 -6.42 38.22
CA MET E 4 -12.58 -6.55 39.11
C MET E 4 -13.48 -7.67 38.62
N THR E 5 -13.66 -8.71 39.39
CA THR E 5 -14.52 -9.78 38.96
C THR E 5 -15.79 -9.95 39.81
N GLN E 6 -16.95 -9.84 39.13
CA GLN E 6 -18.28 -9.90 39.72
C GLN E 6 -18.96 -11.25 39.53
N THR E 7 -19.56 -11.80 40.59
CA THR E 7 -20.41 -12.98 40.50
C THR E 7 -21.68 -12.73 41.32
N PRO E 8 -22.84 -13.26 40.85
CA PRO E 8 -23.11 -13.99 39.60
C PRO E 8 -23.19 -12.97 38.48
N PRO E 9 -23.24 -13.37 37.17
CA PRO E 9 -23.48 -12.31 36.15
C PRO E 9 -24.96 -11.93 36.12
N SER E 10 -25.78 -12.87 36.56
CA SER E 10 -27.22 -12.76 36.55
C SER E 10 -27.75 -13.20 37.88
N LEU E 11 -28.67 -12.44 38.45
CA LEU E 11 -29.18 -12.75 39.76
C LEU E 11 -30.69 -12.63 39.80
N PRO E 12 -31.39 -13.75 39.63
CA PRO E 12 -32.85 -13.70 39.75
C PRO E 12 -33.28 -13.75 41.21
N VAL E 13 -34.15 -12.83 41.65
CA VAL E 13 -34.71 -12.82 43.06
C VAL E 13 -36.21 -12.59 43.13
N SER E 14 -36.87 -13.19 44.13
CA SER E 14 -38.30 -12.95 44.37
C SER E 14 -38.50 -11.63 45.13
N LEU E 15 -39.61 -10.93 44.85
CA LEU E 15 -39.97 -9.67 45.55
C LEU E 15 -39.86 -9.89 47.02
N GLY E 16 -39.16 -9.00 47.73
CA GLY E 16 -39.06 -9.14 49.18
C GLY E 16 -37.89 -9.99 49.66
N ASP E 17 -37.34 -10.84 48.80
CA ASP E 17 -36.13 -11.60 49.16
C ASP E 17 -34.91 -10.73 49.34
N GLN E 18 -33.88 -11.35 49.90
CA GLN E 18 -32.58 -10.74 50.03
C GLN E 18 -31.77 -11.08 48.79
N ALA E 19 -30.85 -10.20 48.41
CA ALA E 19 -29.90 -10.46 47.31
C ALA E 19 -28.47 -10.09 47.69
N SER E 20 -27.53 -10.86 47.13
CA SER E 20 -26.16 -10.71 47.47
C SER E 20 -25.33 -10.76 46.22
N ILE E 21 -24.41 -9.84 46.09
CA ILE E 21 -23.59 -9.72 44.90
C ILE E 21 -22.15 -9.64 45.38
N SER E 22 -21.27 -10.44 44.79
CA SER E 22 -19.88 -10.33 45.20
C SER E 22 -18.92 -9.83 44.10
N CYS E 23 -17.88 -9.15 44.56
CA CYS E 23 -16.92 -8.53 43.70
C CYS E 23 -15.53 -8.85 44.27
N ARG E 24 -14.68 -9.43 43.42
CA ARG E 24 -13.29 -9.78 43.75
C ARG E 24 -12.28 -8.92 43.00
N SER E 25 -11.39 -8.26 43.73
CA SER E 25 -10.32 -7.52 43.09
C SER E 25 -9.11 -8.46 42.97
N SER E 26 -8.31 -8.29 41.91
CA SER E 26 -7.14 -9.17 41.72
C SER E 26 -5.92 -8.77 42.54
N GLN E 27 -5.99 -7.61 43.21
CA GLN E 27 -4.96 -7.20 44.21
C GLN E 27 -5.60 -6.18 45.16
N SER E 28 -4.86 -5.72 46.16
CA SER E 28 -5.44 -4.92 47.21
C SER E 28 -5.84 -3.57 46.67
N ILE E 29 -6.82 -2.93 47.34
CA ILE E 29 -7.32 -1.63 46.93
C ILE E 29 -7.34 -0.58 48.04
N VAL E 30 -6.26 -0.52 48.80
CA VAL E 30 -6.05 0.57 49.70
C VAL E 30 -5.30 1.69 48.92
N HIS E 31 -5.92 2.88 48.84
CA HIS E 31 -5.19 4.05 48.34
C HIS E 31 -4.26 4.60 49.40
N SER E 32 -3.27 5.35 48.95
CA SER E 32 -2.19 5.86 49.82
C SER E 32 -2.66 6.59 51.08
N ASN E 33 -3.85 7.18 50.99
CA ASN E 33 -4.48 7.92 52.09
C ASN E 33 -5.08 7.02 53.22
N GLY E 34 -4.97 5.70 53.06
CA GLY E 34 -5.57 4.72 54.00
C GLY E 34 -6.93 4.18 53.54
N ASP E 35 -7.63 4.91 52.68
CA ASP E 35 -9.01 4.57 52.36
C ASP E 35 -9.16 3.56 51.20
N THR E 36 -10.06 2.61 51.38
CA THR E 36 -10.42 1.68 50.32
C THR E 36 -11.59 2.17 49.46
N TYR E 37 -11.29 2.53 48.21
CA TYR E 37 -12.25 3.17 47.35
C TYR E 37 -13.02 2.15 46.52
N LEU E 38 -13.78 1.30 47.19
CA LEU E 38 -14.65 0.41 46.46
C LEU E 38 -16.04 1.00 46.42
N GLU E 39 -16.61 1.14 45.25
CA GLU E 39 -17.93 1.76 45.14
C GLU E 39 -18.90 0.82 44.43
N TRP E 40 -20.19 0.96 44.73
CA TRP E 40 -21.21 0.21 44.00
C TRP E 40 -22.13 1.11 43.24
N TYR E 41 -22.21 0.91 41.94
CA TYR E 41 -23.15 1.63 41.09
C TYR E 41 -24.29 0.76 40.54
N LEU E 42 -25.49 1.35 40.46
CA LEU E 42 -26.63 0.71 39.81
C LEU E 42 -27.04 1.45 38.59
N GLN E 43 -27.21 0.72 37.49
CA GLN E 43 -27.67 1.33 36.22
C GLN E 43 -28.95 0.67 35.78
N LYS E 44 -29.99 1.48 35.76
CA LYS E 44 -31.31 1.04 35.40
C LYS E 44 -31.45 1.20 33.91
N PRO E 45 -32.33 0.38 33.30
CA PRO E 45 -32.57 0.41 31.85
C PRO E 45 -32.71 1.82 31.28
N GLY E 46 -31.95 2.19 30.28
CA GLY E 46 -32.11 3.53 29.68
C GLY E 46 -31.42 4.67 30.44
N GLN E 47 -31.02 4.45 31.69
CA GLN E 47 -30.45 5.53 32.51
C GLN E 47 -28.93 5.55 32.60
N SER E 48 -28.38 6.64 33.11
CA SER E 48 -26.98 6.64 33.47
C SER E 48 -26.85 5.87 34.84
N PRO E 49 -25.63 5.35 35.20
CA PRO E 49 -25.48 4.70 36.52
C PRO E 49 -25.65 5.70 37.67
N LYS E 50 -25.96 5.20 38.86
CA LYS E 50 -26.20 6.01 40.08
C LYS E 50 -25.38 5.41 41.21
N LEU E 51 -24.74 6.22 42.04
CA LEU E 51 -23.91 5.72 43.14
C LEU E 51 -24.70 5.17 44.33
N LEU E 52 -24.33 3.97 44.79
CA LEU E 52 -25.07 3.38 45.88
C LEU E 52 -24.26 3.38 47.20
N ILE E 53 -23.04 2.87 47.08
CA ILE E 53 -22.14 2.68 48.20
C ILE E 53 -20.79 3.26 47.85
N TYR E 54 -20.17 3.97 48.76
CA TYR E 54 -18.80 4.43 48.61
C TYR E 54 -17.96 3.93 49.79
N LYS E 55 -16.64 3.95 49.62
CA LYS E 55 -15.68 3.49 50.63
C LYS E 55 -16.09 2.16 51.26
N VAL E 56 -16.46 1.20 50.42
CA VAL E 56 -16.87 -0.15 50.82
C VAL E 56 -18.27 -0.26 51.44
N SER E 57 -18.58 0.58 52.45
CA SER E 57 -19.80 0.39 53.24
C SER E 57 -20.66 1.62 53.55
N ASN E 58 -20.39 2.75 52.92
CA ASN E 58 -21.16 3.97 53.19
C ASN E 58 -22.27 4.21 52.16
N ARG E 59 -23.50 4.45 52.63
CA ARG E 59 -24.64 4.77 51.77
C ARG E 59 -24.50 6.16 51.22
N PHE E 60 -24.64 6.29 49.90
CA PHE E 60 -24.76 7.63 49.32
C PHE E 60 -26.05 8.30 49.79
N SER E 61 -26.02 9.63 49.82
CA SER E 61 -27.18 10.41 50.24
C SER E 61 -28.47 9.95 49.54
N GLY E 62 -29.52 9.77 50.33
CA GLY E 62 -30.80 9.27 49.81
C GLY E 62 -30.84 7.89 49.18
N VAL E 63 -29.82 7.05 49.41
CA VAL E 63 -29.91 5.61 49.10
C VAL E 63 -30.61 4.88 50.25
N PRO E 64 -31.63 4.05 49.92
CA PRO E 64 -32.38 3.29 50.97
C PRO E 64 -31.48 2.40 51.85
N ASP E 65 -31.97 2.00 53.03
CA ASP E 65 -31.20 1.23 54.02
C ASP E 65 -31.06 -0.20 53.62
N ARG E 66 -31.88 -0.63 52.66
CA ARG E 66 -31.88 -2.02 52.22
C ARG E 66 -30.58 -2.29 51.51
N PHE E 67 -29.86 -1.22 51.19
CA PHE E 67 -28.55 -1.33 50.55
C PHE E 67 -27.44 -1.21 51.58
N SER E 68 -26.52 -2.19 51.60
CA SER E 68 -25.31 -2.13 52.43
C SER E 68 -24.21 -2.91 51.79
N GLY E 69 -23.01 -2.34 51.83
CA GLY E 69 -21.84 -3.01 51.30
C GLY E 69 -21.06 -3.54 52.49
N SER E 70 -20.19 -4.52 52.24
CA SER E 70 -19.31 -5.03 53.25
C SER E 70 -18.08 -5.63 52.60
N GLY E 71 -17.17 -6.16 53.42
CA GLY E 71 -16.00 -6.87 52.91
C GLY E 71 -14.71 -6.18 53.27
N SER E 72 -13.62 -6.68 52.68
CA SER E 72 -12.26 -6.29 53.05
C SER E 72 -11.24 -6.98 52.16
N GLY E 73 -10.10 -6.34 51.95
CA GLY E 73 -8.97 -6.94 51.23
C GLY E 73 -9.25 -7.02 49.74
N THR E 74 -9.72 -8.19 49.31
CA THR E 74 -10.09 -8.42 47.90
C THR E 74 -11.51 -9.04 47.70
N ASP E 75 -12.28 -9.20 48.77
CA ASP E 75 -13.63 -9.78 48.67
C ASP E 75 -14.61 -8.79 49.18
N PHE E 76 -15.41 -8.26 48.27
CA PHE E 76 -16.40 -7.26 48.64
C PHE E 76 -17.79 -7.73 48.30
N THR E 77 -18.78 -7.32 49.06
CA THR E 77 -20.14 -7.78 48.81
C THR E 77 -21.22 -6.70 49.02
N LEU E 78 -22.25 -6.77 48.20
CA LEU E 78 -23.38 -5.85 48.24
C LEU E 78 -24.61 -6.66 48.61
N GLU E 79 -25.31 -6.22 49.66
CA GLU E 79 -26.52 -6.91 50.08
C GLU E 79 -27.67 -5.97 49.88
N ILE E 80 -28.73 -6.48 49.28
CA ILE E 80 -29.97 -5.73 49.17
C ILE E 80 -30.98 -6.47 50.02
N SER E 81 -31.36 -5.86 51.13
CA SER E 81 -31.95 -6.62 52.21
C SER E 81 -33.39 -7.04 51.96
N ARG E 82 -34.08 -6.37 51.04
CA ARG E 82 -35.47 -6.70 50.81
C ARG E 82 -35.84 -6.06 49.50
N VAL E 83 -35.77 -6.88 48.46
CA VAL E 83 -35.76 -6.42 47.10
C VAL E 83 -37.14 -6.00 46.62
N GLU E 84 -37.19 -4.93 45.82
CA GLU E 84 -38.41 -4.46 45.18
C GLU E 84 -38.18 -4.07 43.73
N ALA E 85 -39.26 -3.91 42.98
CA ALA E 85 -39.17 -3.70 41.51
C ALA E 85 -38.26 -2.57 41.13
N GLU E 86 -38.20 -1.54 41.94
CA GLU E 86 -37.40 -0.44 41.47
C GLU E 86 -35.91 -0.70 41.58
N ASP E 87 -35.54 -1.83 42.19
CA ASP E 87 -34.15 -2.23 42.25
C ASP E 87 -33.60 -2.93 40.99
N LEU E 88 -34.45 -3.25 40.03
CA LEU E 88 -34.02 -3.81 38.74
C LEU E 88 -32.88 -3.04 38.12
N GLY E 89 -31.99 -3.76 37.46
CA GLY E 89 -30.90 -3.16 36.65
C GLY E 89 -29.60 -3.94 36.74
N VAL E 90 -28.51 -3.31 36.30
CA VAL E 90 -27.17 -3.89 36.30
C VAL E 90 -26.40 -3.18 37.38
N TYR E 91 -25.74 -3.98 38.20
CA TYR E 91 -24.99 -3.53 39.34
C TYR E 91 -23.51 -3.70 39.01
N TYR E 92 -22.72 -2.65 39.28
CA TYR E 92 -21.29 -2.64 39.03
C TYR E 92 -20.53 -2.34 40.28
N CYS E 93 -19.46 -3.09 40.54
CA CYS E 93 -18.48 -2.61 41.46
C CYS E 93 -17.44 -1.82 40.68
N PHE E 94 -16.61 -1.09 41.41
CA PHE E 94 -15.65 -0.20 40.83
C PHE E 94 -14.62 0.12 41.89
N GLN E 95 -13.34 0.04 41.52
CA GLN E 95 -12.27 0.43 42.39
C GLN E 95 -11.72 1.80 41.98
N GLY E 96 -11.58 2.74 42.91
CA GLY E 96 -10.97 4.03 42.58
C GLY E 96 -9.66 4.23 43.32
N SER E 97 -9.04 3.13 43.76
CA SER E 97 -7.84 3.21 44.60
C SER E 97 -6.57 3.32 43.78
N HIS E 98 -6.57 2.71 42.59
CA HIS E 98 -5.38 2.66 41.74
C HIS E 98 -5.69 3.03 40.29
N VAL E 99 -4.82 3.81 39.69
CA VAL E 99 -4.93 4.08 38.27
C VAL E 99 -4.37 2.86 37.49
N PRO E 100 -5.04 2.45 36.38
CA PRO E 100 -6.31 3.01 35.92
C PRO E 100 -7.51 2.47 36.72
N ARG E 101 -8.50 3.32 36.94
CA ARG E 101 -9.69 2.96 37.72
C ARG E 101 -10.50 1.96 36.92
N THR E 102 -11.09 0.98 37.59
CA THR E 102 -11.74 -0.13 36.89
C THR E 102 -13.05 -0.60 37.49
N PHE E 103 -13.92 -1.02 36.56
CA PHE E 103 -15.25 -1.54 36.83
C PHE E 103 -15.31 -3.04 36.75
N GLY E 104 -16.12 -3.66 37.62
CA GLY E 104 -16.51 -5.06 37.40
C GLY E 104 -17.31 -5.14 36.10
N GLY E 105 -17.57 -6.35 35.65
CA GLY E 105 -18.31 -6.59 34.41
C GLY E 105 -19.82 -6.53 34.54
N GLY E 106 -20.32 -6.33 35.76
CA GLY E 106 -21.73 -6.12 36.01
C GLY E 106 -22.49 -7.36 36.39
N THR E 107 -23.48 -7.18 37.24
CA THR E 107 -24.42 -8.23 37.65
C THR E 107 -25.84 -7.76 37.42
N LYS E 108 -26.61 -8.53 36.68
CA LYS E 108 -27.96 -8.14 36.33
C LYS E 108 -28.96 -8.67 37.33
N LEU E 109 -29.66 -7.77 38.02
CA LEU E 109 -30.70 -8.21 38.95
C LEU E 109 -31.98 -8.44 38.22
N GLU E 110 -32.54 -9.63 38.34
CA GLU E 110 -33.79 -9.98 37.66
C GLU E 110 -34.82 -10.23 38.74
N ILE E 111 -36.06 -9.79 38.53
CA ILE E 111 -37.12 -10.12 39.50
C ILE E 111 -37.98 -11.29 39.02
N LYS E 112 -38.25 -12.23 39.93
CA LYS E 112 -39.13 -13.37 39.65
C LYS E 112 -40.44 -13.07 40.34
N ARG E 113 -41.54 -13.07 39.60
CA ARG E 113 -42.85 -12.85 40.22
C ARG E 113 -43.91 -13.81 39.66
N ALA E 114 -45.17 -13.57 40.01
CA ALA E 114 -46.29 -14.37 39.53
C ALA E 114 -46.48 -14.19 38.04
N ASP E 115 -47.01 -15.24 37.41
CA ASP E 115 -47.36 -15.20 36.01
C ASP E 115 -48.44 -14.15 35.73
N ALA E 116 -48.46 -13.62 34.51
CA ALA E 116 -49.46 -12.63 34.04
C ALA E 116 -49.62 -12.64 32.53
N ALA E 117 -50.87 -12.81 32.09
CA ALA E 117 -51.31 -12.74 30.70
C ALA E 117 -51.10 -11.34 30.11
N PRO E 118 -50.80 -11.27 28.80
CA PRO E 118 -50.57 -9.91 28.24
C PRO E 118 -51.87 -9.15 27.98
N THR E 119 -51.79 -7.85 28.04
CA THR E 119 -52.88 -7.00 27.57
C THR E 119 -52.56 -6.60 26.15
N VAL E 120 -53.36 -7.06 25.19
CA VAL E 120 -53.01 -6.97 23.77
C VAL E 120 -53.85 -5.94 23.08
N SER E 121 -53.17 -5.02 22.37
CA SER E 121 -53.86 -3.96 21.60
C SER E 121 -53.40 -3.89 20.17
N ILE E 122 -54.34 -3.70 19.24
CA ILE E 122 -53.97 -3.55 17.82
C ILE E 122 -54.30 -2.16 17.28
N PHE E 123 -53.40 -1.63 16.46
CA PHE E 123 -53.57 -0.32 15.90
C PHE E 123 -53.48 -0.29 14.41
N PRO E 124 -54.56 0.13 13.72
CA PRO E 124 -54.47 0.28 12.25
C PRO E 124 -53.43 1.35 11.89
N PRO E 125 -52.94 1.36 10.65
CA PRO E 125 -52.08 2.49 10.28
C PRO E 125 -52.83 3.84 10.38
N SER E 126 -52.14 4.92 10.73
CA SER E 126 -52.77 6.21 10.88
C SER E 126 -53.02 6.84 9.52
N SER E 127 -53.99 7.72 9.39
CA SER E 127 -54.22 8.33 8.08
C SER E 127 -53.04 9.17 7.60
N GLU E 128 -52.28 9.75 8.52
CA GLU E 128 -51.08 10.53 8.16
C GLU E 128 -50.01 9.67 7.50
N GLN E 129 -49.83 8.45 7.99
CA GLN E 129 -48.89 7.54 7.35
C GLN E 129 -49.36 7.12 5.98
N LEU E 130 -50.65 6.84 5.87
CA LEU E 130 -51.24 6.41 4.62
C LEU E 130 -51.00 7.41 3.51
N THR E 131 -51.26 8.68 3.79
CA THR E 131 -51.04 9.72 2.78
C THR E 131 -49.58 9.71 2.34
N SER E 132 -48.66 9.40 3.26
CA SER E 132 -47.28 9.39 2.82
C SER E 132 -46.88 8.13 2.07
N GLY E 133 -47.73 7.12 1.95
CA GLY E 133 -47.38 5.96 1.10
C GLY E 133 -47.02 4.68 1.85
N GLY E 134 -46.99 4.76 3.17
CA GLY E 134 -46.68 3.60 4.04
C GLY E 134 -47.86 3.14 4.90
N ALA E 135 -47.74 1.98 5.52
CA ALA E 135 -48.84 1.41 6.28
C ALA E 135 -48.26 0.48 7.32
N SER E 136 -48.18 0.91 8.58
CA SER E 136 -47.66 0.03 9.60
C SER E 136 -48.77 -0.36 10.53
N VAL E 137 -48.82 -1.64 10.87
CA VAL E 137 -49.85 -2.17 11.72
C VAL E 137 -49.13 -2.57 12.99
N VAL E 138 -49.54 -1.97 14.08
CA VAL E 138 -48.85 -2.14 15.35
C VAL E 138 -49.68 -2.90 16.39
N CYS E 139 -48.98 -3.74 17.11
CA CYS E 139 -49.58 -4.51 18.16
C CYS E 139 -48.77 -4.41 19.47
N PHE E 140 -49.43 -4.02 20.55
CA PHE E 140 -48.82 -4.08 21.86
C PHE E 140 -49.25 -5.28 22.65
N LEU E 141 -48.26 -6.03 23.15
CA LEU E 141 -48.48 -7.08 24.12
C LEU E 141 -47.87 -6.58 25.41
N ASN E 142 -48.71 -6.05 26.30
CA ASN E 142 -48.25 -5.35 27.52
C ASN E 142 -48.48 -6.03 28.88
N ASN E 143 -47.48 -5.89 29.75
CA ASN E 143 -47.52 -6.36 31.15
C ASN E 143 -47.82 -7.82 31.30
N PHE E 144 -47.01 -8.66 30.67
CA PHE E 144 -47.12 -10.08 30.91
C PHE E 144 -45.88 -10.54 31.67
N TYR E 145 -45.97 -11.72 32.26
CA TYR E 145 -44.85 -12.40 32.89
C TYR E 145 -44.96 -13.95 32.74
N PRO E 146 -43.85 -14.69 32.40
CA PRO E 146 -42.43 -14.34 32.09
C PRO E 146 -42.17 -13.87 30.67
N LYS E 147 -40.87 -13.62 30.35
CA LYS E 147 -40.43 -12.93 29.13
C LYS E 147 -40.89 -13.59 27.83
N ASP E 148 -40.87 -14.91 27.81
CA ASP E 148 -41.30 -15.72 26.66
C ASP E 148 -42.70 -15.40 26.13
N ILE E 149 -42.80 -15.19 24.82
CA ILE E 149 -44.08 -14.97 24.17
C ILE E 149 -43.95 -15.03 22.61
N ASN E 150 -44.98 -15.56 21.92
CA ASN E 150 -45.10 -15.34 20.44
C ASN E 150 -46.24 -14.50 20.01
N VAL E 151 -45.98 -13.79 18.93
CA VAL E 151 -46.97 -13.06 18.20
C VAL E 151 -47.11 -13.75 16.87
N LYS E 152 -48.31 -13.72 16.33
CA LYS E 152 -48.54 -14.20 15.00
C LYS E 152 -49.50 -13.23 14.34
N TRP E 153 -49.20 -12.86 13.09
CA TRP E 153 -50.03 -11.95 12.33
C TRP E 153 -50.80 -12.69 11.27
N LYS E 154 -52.06 -12.30 11.06
CA LYS E 154 -52.86 -12.84 9.96
C LYS E 154 -53.54 -11.74 9.12
N ILE E 155 -53.57 -12.00 7.82
CA ILE E 155 -54.17 -11.11 6.84
C ILE E 155 -55.31 -11.87 6.15
N ASP E 156 -56.53 -11.37 6.35
CA ASP E 156 -57.77 -12.07 5.93
C ASP E 156 -57.83 -13.53 6.46
N GLY E 157 -57.02 -13.81 7.48
CA GLY E 157 -56.92 -15.13 8.10
C GLY E 157 -55.72 -15.98 7.69
N SER E 158 -54.89 -15.47 6.79
CA SER E 158 -53.71 -16.22 6.34
C SER E 158 -52.45 -15.69 7.01
N GLU E 159 -51.61 -16.59 7.52
CA GLU E 159 -50.46 -16.19 8.36
C GLU E 159 -49.46 -15.33 7.61
N ARG E 160 -48.87 -14.38 8.29
CA ARG E 160 -47.92 -13.50 7.63
C ARG E 160 -46.66 -13.27 8.47
N GLN E 161 -45.49 -13.65 7.97
CA GLN E 161 -44.24 -13.44 8.73
C GLN E 161 -43.27 -12.40 8.14
N ASN E 162 -43.30 -12.15 6.83
CA ASN E 162 -42.49 -11.08 6.21
C ASN E 162 -42.89 -9.66 6.63
N GLY E 163 -41.89 -8.84 6.96
CA GLY E 163 -42.10 -7.43 7.30
C GLY E 163 -42.60 -7.20 8.73
N VAL E 164 -42.38 -8.18 9.60
CA VAL E 164 -42.73 -8.03 11.02
C VAL E 164 -41.50 -7.71 11.84
N LEU E 165 -41.58 -6.67 12.64
CA LEU E 165 -40.47 -6.40 13.52
C LEU E 165 -40.93 -6.28 14.99
N ASN E 166 -40.25 -6.99 15.88
CA ASN E 166 -40.63 -7.13 17.30
C ASN E 166 -39.64 -6.45 18.24
N SER E 167 -40.12 -5.92 19.36
CA SER E 167 -39.24 -5.28 20.33
C SER E 167 -39.82 -5.49 21.72
N TRP E 168 -38.94 -5.85 22.66
CA TRP E 168 -39.27 -6.12 24.07
C TRP E 168 -38.71 -5.05 24.99
N THR E 169 -39.48 -4.60 25.98
CA THR E 169 -38.84 -3.76 26.98
C THR E 169 -38.02 -4.59 27.92
N ASP E 170 -37.23 -3.90 28.74
CA ASP E 170 -36.65 -4.51 29.93
C ASP E 170 -37.70 -4.70 31.00
N GLN E 171 -37.37 -5.45 32.04
CA GLN E 171 -38.31 -5.65 33.15
C GLN E 171 -38.75 -4.29 33.76
N ASP E 172 -40.04 -4.17 34.06
CA ASP E 172 -40.58 -2.87 34.38
C ASP E 172 -40.34 -2.50 35.83
N SER E 173 -40.11 -1.23 36.05
CA SER E 173 -39.76 -0.73 37.36
C SER E 173 -40.79 -0.77 38.48
N LYS E 174 -42.08 -0.84 38.15
CA LYS E 174 -43.08 -0.87 39.22
C LYS E 174 -43.73 -2.24 39.30
N ASP E 175 -43.83 -2.91 38.15
CA ASP E 175 -44.61 -4.14 37.91
C ASP E 175 -43.80 -5.41 38.00
N SER E 176 -42.51 -5.31 37.62
CA SER E 176 -41.64 -6.44 37.27
C SER E 176 -42.09 -7.27 36.03
N THR E 177 -42.96 -6.69 35.18
CA THR E 177 -43.47 -7.39 34.01
C THR E 177 -42.65 -7.04 32.78
N TYR E 178 -42.96 -7.68 31.64
CA TYR E 178 -42.34 -7.39 30.35
C TYR E 178 -43.41 -6.92 29.36
N SER E 179 -42.98 -6.32 28.24
CA SER E 179 -43.91 -5.89 27.19
C SER E 179 -43.27 -6.08 25.84
N MET E 180 -44.10 -6.26 24.81
CA MET E 180 -43.53 -6.24 23.49
C MET E 180 -44.44 -5.55 22.53
N SER E 181 -43.82 -4.92 21.52
CA SER E 181 -44.55 -4.36 20.43
C SER E 181 -44.15 -5.18 19.25
N SER E 182 -45.09 -5.40 18.36
CA SER E 182 -44.83 -6.04 17.08
C SER E 182 -45.45 -5.13 16.01
N THR E 183 -44.67 -4.84 14.99
CA THR E 183 -45.08 -3.92 13.95
C THR E 183 -45.00 -4.66 12.63
N LEU E 184 -46.12 -4.70 11.92
CA LEU E 184 -46.16 -5.29 10.57
C LEU E 184 -46.17 -4.14 9.59
N THR E 185 -45.18 -4.16 8.73
CA THR E 185 -44.83 -3.03 7.88
C THR E 185 -45.15 -3.36 6.42
N LEU E 186 -46.02 -2.58 5.79
CA LEU E 186 -46.44 -2.84 4.39
C LEU E 186 -46.54 -1.54 3.60
N THR E 187 -46.89 -1.67 2.32
CA THR E 187 -47.11 -0.51 1.48
C THR E 187 -48.60 -0.26 1.49
N LYS E 188 -48.98 1.00 1.25
CA LYS E 188 -50.37 1.42 1.09
C LYS E 188 -51.17 0.52 0.10
N ASP E 189 -50.50 0.11 -0.97
CA ASP E 189 -51.10 -0.76 -1.99
C ASP E 189 -51.44 -2.11 -1.41
N GLU E 190 -50.49 -2.64 -0.66
CA GLU E 190 -50.64 -3.94 -0.06
C GLU E 190 -51.70 -3.91 1.03
N TYR E 191 -51.56 -2.95 1.95
CA TYR E 191 -52.51 -2.78 3.03
C TYR E 191 -53.94 -2.70 2.48
N GLU E 192 -54.13 -1.88 1.45
CA GLU E 192 -55.48 -1.63 0.95
C GLU E 192 -56.17 -2.70 0.12
N ARG E 193 -55.44 -3.75 -0.27
CA ARG E 193 -56.09 -4.86 -1.01
C ARG E 193 -56.80 -5.83 -0.05
N HIS E 194 -56.30 -5.92 1.19
CA HIS E 194 -56.78 -6.91 2.18
C HIS E 194 -57.63 -6.25 3.27
N ASN E 195 -58.65 -6.97 3.76
CA ASN E 195 -59.59 -6.37 4.73
C ASN E 195 -59.32 -6.53 6.23
N SER E 196 -59.11 -7.77 6.68
CA SER E 196 -58.95 -7.99 8.12
C SER E 196 -57.50 -8.24 8.56
N TYR E 197 -57.12 -7.65 9.71
CA TYR E 197 -55.76 -7.77 10.25
C TYR E 197 -55.76 -8.28 11.67
N THR E 198 -54.97 -9.31 11.91
CA THR E 198 -55.03 -10.02 13.15
C THR E 198 -53.68 -10.12 13.84
N CYS E 199 -53.68 -9.76 15.13
CA CYS E 199 -52.57 -9.96 16.02
C CYS E 199 -52.88 -11.11 17.03
N GLU E 200 -52.04 -12.16 17.07
CA GLU E 200 -52.23 -13.33 17.95
C GLU E 200 -51.09 -13.52 18.94
N ALA E 201 -51.42 -13.53 20.22
CA ALA E 201 -50.42 -13.72 21.27
C ALA E 201 -50.57 -15.08 21.96
N THR E 202 -49.52 -15.90 21.89
CA THR E 202 -49.42 -17.15 22.68
C THR E 202 -48.42 -16.92 23.82
N HIS E 203 -48.84 -17.22 25.05
CA HIS E 203 -48.03 -17.01 26.27
C HIS E 203 -48.31 -18.16 27.18
N LYS E 204 -47.36 -18.49 28.05
CA LYS E 204 -47.53 -19.66 28.91
C LYS E 204 -48.72 -19.57 29.88
N THR E 205 -49.37 -18.40 29.98
CA THR E 205 -50.56 -18.22 30.83
C THR E 205 -51.88 -18.78 30.25
N SER E 206 -51.89 -19.22 28.99
CA SER E 206 -53.08 -19.89 28.41
C SER E 206 -52.72 -20.72 27.18
N THR E 207 -53.40 -21.85 27.00
CA THR E 207 -53.29 -22.63 25.75
C THR E 207 -53.92 -21.93 24.57
N SER E 208 -54.96 -21.13 24.82
CA SER E 208 -55.61 -20.43 23.72
C SER E 208 -55.12 -18.97 23.62
N PRO E 209 -54.70 -18.56 22.41
CA PRO E 209 -54.02 -17.27 22.30
C PRO E 209 -54.98 -16.08 22.47
N ILE E 210 -54.48 -14.91 22.82
CA ILE E 210 -55.35 -13.73 22.79
C ILE E 210 -55.30 -13.16 21.39
N VAL E 211 -56.49 -13.00 20.80
CA VAL E 211 -56.66 -12.54 19.42
C VAL E 211 -57.29 -11.15 19.39
N LYS E 212 -56.66 -10.26 18.66
CA LYS E 212 -57.15 -8.91 18.54
C LYS E 212 -57.10 -8.57 17.07
N SER E 213 -58.20 -8.06 16.53
CA SER E 213 -58.25 -7.77 15.09
C SER E 213 -59.10 -6.56 14.74
N PHE E 214 -58.95 -6.08 13.50
CA PHE E 214 -59.78 -5.00 12.94
C PHE E 214 -60.05 -5.25 11.45
N ASN E 215 -61.09 -4.59 10.94
CA ASN E 215 -61.37 -4.55 9.50
C ASN E 215 -61.05 -3.19 8.87
N ARG E 216 -60.48 -3.20 7.68
CA ARG E 216 -60.06 -1.96 7.05
C ARG E 216 -61.22 -1.00 6.76
N GLN F 1 -28.63 21.85 43.00
CA GLN F 1 -28.89 20.64 42.20
C GLN F 1 -27.71 20.53 41.28
N VAL F 2 -26.82 19.62 41.65
CA VAL F 2 -25.69 19.29 40.83
C VAL F 2 -26.12 18.75 39.46
N GLN F 3 -25.65 19.37 38.39
CA GLN F 3 -26.11 19.02 37.09
C GLN F 3 -24.88 18.90 36.23
N LEU F 4 -24.76 17.80 35.48
CA LEU F 4 -23.77 17.73 34.43
C LEU F 4 -24.47 17.62 33.11
N GLU F 5 -24.38 18.63 32.26
CA GLU F 5 -25.19 18.67 31.06
C GLU F 5 -24.37 18.25 29.86
N GLN F 6 -24.80 17.18 29.19
CA GLN F 6 -24.12 16.70 27.97
C GLN F 6 -25.11 16.65 26.81
N PRO F 7 -24.68 16.93 25.59
CA PRO F 7 -25.71 16.79 24.52
C PRO F 7 -26.09 15.31 24.31
N GLY F 8 -27.33 15.02 23.93
CA GLY F 8 -27.78 13.63 23.78
C GLY F 8 -27.05 12.78 22.73
N ALA F 9 -26.54 13.45 21.67
CA ALA F 9 -26.14 12.78 20.41
C ALA F 9 -25.07 13.56 19.67
N GLU F 10 -24.17 12.84 19.02
CA GLU F 10 -23.27 13.45 18.04
C GLU F 10 -23.11 12.44 16.90
N LEU F 11 -23.27 12.91 15.66
CA LEU F 11 -23.16 12.09 14.49
C LEU F 11 -21.83 12.43 13.95
N VAL F 12 -20.96 11.46 13.72
CA VAL F 12 -19.67 11.81 13.20
C VAL F 12 -19.22 10.92 12.05
N LYS F 13 -18.64 11.57 11.05
CA LYS F 13 -18.09 10.89 9.89
C LYS F 13 -16.91 10.06 10.33
N PRO F 14 -16.72 8.89 9.72
CA PRO F 14 -15.48 8.13 9.91
C PRO F 14 -14.26 9.04 9.69
N GLY F 15 -13.24 8.92 10.52
CA GLY F 15 -12.00 9.67 10.29
C GLY F 15 -12.06 11.04 10.94
N ALA F 16 -13.26 11.52 11.28
CA ALA F 16 -13.33 12.90 11.84
C ALA F 16 -13.17 12.92 13.36
N SER F 17 -13.21 14.12 13.95
CA SER F 17 -13.11 14.31 15.41
C SER F 17 -14.38 14.81 16.02
N VAL F 18 -14.59 14.50 17.29
CA VAL F 18 -15.59 15.26 18.01
C VAL F 18 -15.06 15.76 19.31
N LYS F 19 -15.67 16.85 19.74
CA LYS F 19 -15.38 17.44 21.03
C LYS F 19 -16.68 17.39 21.87
N LEU F 20 -16.73 16.48 22.86
CA LEU F 20 -17.89 16.30 23.69
C LEU F 20 -17.86 17.24 24.83
N SER F 21 -18.99 17.89 25.10
CA SER F 21 -19.03 18.85 26.21
C SER F 21 -19.79 18.34 27.42
N CYS F 22 -19.42 18.85 28.57
CA CYS F 22 -19.99 18.46 29.84
C CYS F 22 -20.03 19.75 30.66
N LYS F 23 -21.16 20.43 30.63
CA LYS F 23 -21.29 21.73 31.31
C LYS F 23 -21.79 21.48 32.76
N ALA F 24 -21.04 21.98 33.75
CA ALA F 24 -21.35 21.75 35.20
C ALA F 24 -22.05 22.93 35.83
N SER F 25 -23.00 22.65 36.70
CA SER F 25 -23.64 23.68 37.55
C SER F 25 -24.15 23.08 38.86
N GLY F 26 -24.33 23.94 39.86
CA GLY F 26 -24.79 23.51 41.18
C GLY F 26 -23.70 23.31 42.21
N TYR F 27 -22.46 23.65 41.84
CA TYR F 27 -21.29 23.63 42.74
C TYR F 27 -20.16 24.41 42.04
N THR F 28 -19.08 24.72 42.75
CA THR F 28 -17.96 25.40 42.11
C THR F 28 -17.18 24.45 41.28
N PHE F 29 -17.11 24.75 39.98
CA PHE F 29 -16.53 23.85 38.99
C PHE F 29 -15.12 23.38 39.37
N THR F 30 -14.30 24.29 39.87
CA THR F 30 -12.91 23.96 40.19
C THR F 30 -12.70 23.09 41.40
N SER F 31 -13.76 22.80 42.13
CA SER F 31 -13.65 22.05 43.39
C SER F 31 -13.64 20.53 43.20
N ASN F 32 -13.92 20.04 42.00
CA ASN F 32 -14.03 18.60 41.83
C ASN F 32 -13.46 18.11 40.53
N TRP F 33 -12.69 17.03 40.63
CA TRP F 33 -12.34 16.23 39.47
C TRP F 33 -13.51 15.79 38.59
N ILE F 34 -13.28 15.71 37.26
CA ILE F 34 -14.27 15.19 36.34
C ILE F 34 -13.75 13.91 35.70
N ASN F 35 -14.53 12.83 35.79
CA ASN F 35 -14.22 11.58 35.14
C ASN F 35 -15.02 11.36 33.88
N TRP F 36 -14.48 10.61 32.93
CA TRP F 36 -15.20 10.26 31.72
C TRP F 36 -15.19 8.76 31.54
N VAL F 37 -16.29 8.26 31.00
CA VAL F 37 -16.51 6.81 30.88
C VAL F 37 -17.06 6.44 29.50
N LYS F 38 -16.69 5.28 28.98
CA LYS F 38 -17.25 4.77 27.71
C LYS F 38 -18.13 3.51 27.93
N GLN F 39 -19.28 3.48 27.26
CA GLN F 39 -20.18 2.33 27.31
C GLN F 39 -20.73 1.96 25.94
N ARG F 40 -20.21 0.93 25.31
CA ARG F 40 -20.82 0.48 24.05
C ARG F 40 -22.23 -0.04 24.41
N PRO F 41 -23.21 0.09 23.48
CA PRO F 41 -24.57 0.08 24.06
C PRO F 41 -24.85 -1.39 24.43
N GLY F 42 -25.56 -1.57 25.56
CA GLY F 42 -25.65 -2.93 26.20
C GLY F 42 -24.38 -3.59 26.73
N GLN F 43 -23.37 -2.81 27.17
CA GLN F 43 -22.08 -3.45 27.39
C GLN F 43 -21.14 -3.14 28.52
N GLY F 44 -21.50 -2.43 29.52
CA GLY F 44 -20.42 -2.42 30.54
C GLY F 44 -19.47 -1.26 30.35
N LEU F 45 -18.86 -0.81 31.45
CA LEU F 45 -18.30 0.52 31.53
C LEU F 45 -16.80 0.51 31.51
N GLU F 46 -16.23 1.45 30.76
CA GLU F 46 -14.79 1.60 30.78
C GLU F 46 -14.45 3.01 31.22
N TRP F 47 -13.37 3.11 31.98
CA TRP F 47 -12.87 4.38 32.47
C TRP F 47 -11.87 4.93 31.50
N ILE F 48 -12.13 6.14 31.03
CA ILE F 48 -11.29 6.79 30.06
C ILE F 48 -10.21 7.55 30.79
N GLY F 49 -10.60 8.24 31.87
CA GLY F 49 -9.68 9.19 32.53
C GLY F 49 -10.39 10.27 33.34
N HIS F 50 -9.58 11.14 33.99
CA HIS F 50 -10.10 12.26 34.78
C HIS F 50 -9.22 13.52 34.71
N ILE F 51 -9.83 14.67 34.99
CA ILE F 51 -9.13 15.93 34.92
C ILE F 51 -9.55 16.82 36.09
N SER F 52 -8.61 17.63 36.56
CA SER F 52 -8.85 18.57 37.66
C SER F 52 -9.08 19.94 37.04
N PRO F 53 -10.32 20.44 37.06
CA PRO F 53 -10.58 21.77 36.50
C PRO F 53 -9.78 22.88 37.15
N GLY F 54 -9.39 22.70 38.42
CA GLY F 54 -8.52 23.65 39.08
C GLY F 54 -7.16 23.79 38.40
N SER F 55 -6.48 22.65 38.20
CA SER F 55 -5.07 22.58 37.73
C SER F 55 -4.92 22.13 36.28
N SER F 56 -5.99 21.60 35.71
CA SER F 56 -5.95 21.09 34.35
C SER F 56 -5.09 19.83 34.24
N SER F 57 -4.55 19.35 35.34
CA SER F 57 -3.78 18.12 35.26
C SER F 57 -4.70 16.89 35.09
N THR F 58 -4.14 15.85 34.48
CA THR F 58 -4.93 14.76 33.97
C THR F 58 -4.31 13.43 34.23
N ASN F 59 -5.14 12.41 34.10
CA ASN F 59 -4.69 11.05 34.12
C ASN F 59 -5.60 10.18 33.24
N TYR F 60 -4.97 9.43 32.36
CA TYR F 60 -5.65 8.66 31.33
C TYR F 60 -5.49 7.18 31.53
N ASN F 61 -6.55 6.43 31.30
CA ASN F 61 -6.40 4.99 31.05
C ASN F 61 -5.52 4.79 29.77
N GLU F 62 -4.41 4.05 29.89
CA GLU F 62 -3.51 3.85 28.73
C GLU F 62 -4.25 3.52 27.43
N LYS F 63 -5.28 2.67 27.54
CA LYS F 63 -6.09 2.23 26.42
C LYS F 63 -6.62 3.40 25.56
N PHE F 64 -6.87 4.55 26.18
CA PHE F 64 -7.42 5.65 25.42
C PHE F 64 -6.44 6.74 25.18
N LYS F 65 -5.20 6.56 25.59
CA LYS F 65 -4.22 7.64 25.60
C LYS F 65 -4.18 8.39 24.26
N SER F 66 -4.39 7.67 23.16
CA SER F 66 -4.13 8.26 21.87
C SER F 66 -5.42 8.54 21.14
N LYS F 67 -6.55 8.43 21.83
CA LYS F 67 -7.87 8.65 21.26
C LYS F 67 -8.53 9.85 21.91
N ALA F 68 -8.32 10.03 23.21
CA ALA F 68 -9.04 11.03 24.00
C ALA F 68 -8.14 12.14 24.56
N THR F 69 -8.61 13.38 24.53
CA THR F 69 -7.93 14.47 25.20
C THR F 69 -8.94 15.27 26.03
N LEU F 70 -8.66 15.42 27.34
CA LEU F 70 -9.54 16.11 28.30
C LEU F 70 -9.03 17.52 28.48
N THR F 71 -9.96 18.47 28.40
CA THR F 71 -9.66 19.86 28.71
C THR F 71 -10.80 20.41 29.51
N VAL F 72 -10.62 21.60 30.05
CA VAL F 72 -11.71 22.32 30.76
C VAL F 72 -11.72 23.76 30.25
N ASP F 73 -12.86 24.43 30.41
CA ASP F 73 -12.88 25.87 30.28
C ASP F 73 -13.56 26.42 31.53
N THR F 74 -12.73 27.01 32.39
CA THR F 74 -13.16 27.31 33.74
C THR F 74 -14.18 28.47 33.70
N SER F 75 -14.07 29.35 32.72
CA SER F 75 -14.95 30.51 32.66
C SER F 75 -16.38 30.10 32.33
N SER F 76 -16.51 28.96 31.64
CA SER F 76 -17.82 28.50 31.26
C SER F 76 -18.22 27.24 32.03
N SER F 77 -17.42 26.87 33.03
CA SER F 77 -17.66 25.66 33.83
C SER F 77 -17.91 24.45 32.94
N THR F 78 -17.07 24.26 31.94
CA THR F 78 -17.32 23.21 30.97
C THR F 78 -16.12 22.29 30.77
N ALA F 79 -16.36 20.98 30.83
CA ALA F 79 -15.30 19.99 30.63
C ALA F 79 -15.47 19.38 29.25
N TYR F 80 -14.34 19.11 28.61
CA TYR F 80 -14.36 18.67 27.24
C TYR F 80 -13.61 17.36 27.11
N MET F 81 -14.11 16.47 26.27
CA MET F 81 -13.35 15.36 25.81
C MET F 81 -13.40 15.35 24.27
N GLN F 82 -12.20 15.52 23.72
CA GLN F 82 -11.87 15.40 22.32
C GLN F 82 -11.50 13.95 21.96
N LEU F 83 -12.25 13.38 21.01
CA LEU F 83 -11.97 12.05 20.49
C LEU F 83 -11.51 12.18 19.04
N SER F 84 -10.39 11.58 18.71
CA SER F 84 -9.79 11.82 17.40
C SER F 84 -10.01 10.64 16.45
N SER F 85 -9.83 10.91 15.15
CA SER F 85 -10.22 10.05 14.01
C SER F 85 -11.08 8.82 14.30
N LEU F 86 -12.39 9.07 14.32
CA LEU F 86 -13.35 8.08 14.79
C LEU F 86 -13.56 6.95 13.83
N THR F 87 -13.95 5.84 14.43
CA THR F 87 -14.03 4.53 13.87
C THR F 87 -15.33 3.99 14.45
N SER F 88 -15.90 2.95 13.84
CA SER F 88 -17.13 2.40 14.35
C SER F 88 -16.99 1.82 15.76
N ASP F 89 -15.80 1.33 16.14
CA ASP F 89 -15.45 1.00 17.55
C ASP F 89 -15.62 2.16 18.52
N ASP F 90 -15.68 3.39 18.01
CA ASP F 90 -15.81 4.52 18.90
C ASP F 90 -17.27 4.83 19.13
N SER F 91 -18.16 4.18 18.38
CA SER F 91 -19.60 4.36 18.61
C SER F 91 -19.96 3.86 19.98
N ALA F 92 -20.54 4.73 20.81
CA ALA F 92 -20.67 4.45 22.24
C ALA F 92 -21.38 5.58 22.97
N VAL F 93 -21.86 5.33 24.17
CA VAL F 93 -22.29 6.44 25.07
C VAL F 93 -21.07 6.86 25.89
N TYR F 94 -20.88 8.17 25.99
CA TYR F 94 -19.77 8.69 26.80
C TYR F 94 -20.36 9.52 27.91
N TYR F 95 -20.04 9.17 29.16
CA TYR F 95 -20.53 9.90 30.36
C TYR F 95 -19.36 10.70 30.93
N CYS F 96 -19.67 11.87 31.44
CA CYS F 96 -18.78 12.54 32.33
C CYS F 96 -19.37 12.35 33.73
N GLY F 97 -18.55 12.39 34.75
CA GLY F 97 -19.08 12.27 36.10
C GLY F 97 -18.31 13.17 37.03
N ARG F 98 -18.91 13.48 38.16
CA ARG F 98 -18.28 14.38 39.12
C ARG F 98 -17.80 13.57 40.30
N GLU F 99 -16.52 13.71 40.61
CA GLU F 99 -15.86 13.01 41.70
C GLU F 99 -16.25 13.74 42.99
N GLU F 100 -16.65 12.95 44.01
CA GLU F 100 -16.87 13.49 45.37
C GLU F 100 -15.61 13.25 46.11
N THR F 101 -15.08 14.33 46.69
CA THR F 101 -13.71 14.42 47.17
C THR F 101 -13.40 13.36 48.23
N VAL F 102 -12.34 12.54 48.00
CA VAL F 102 -11.98 11.40 48.89
C VAL F 102 -13.20 10.57 49.35
N ARG F 103 -14.11 10.32 48.42
CA ARG F 103 -15.35 9.63 48.71
C ARG F 103 -15.71 8.66 47.58
N ALA F 104 -15.82 9.17 46.34
CA ALA F 104 -16.30 8.41 45.17
C ALA F 104 -16.01 9.09 43.84
N SER F 105 -15.81 8.28 42.80
CA SER F 105 -15.44 8.82 41.50
C SER F 105 -16.63 9.42 40.72
N PHE F 106 -17.85 8.93 40.97
CA PHE F 106 -19.04 9.35 40.25
C PHE F 106 -20.22 9.64 41.19
N GLY F 107 -20.09 10.63 42.03
CA GLY F 107 -21.24 11.03 42.81
C GLY F 107 -22.43 11.52 41.95
N ASN F 108 -22.15 12.13 40.80
CA ASN F 108 -23.18 12.55 39.85
C ASN F 108 -22.65 12.23 38.43
N TRP F 109 -23.57 11.79 37.57
CA TRP F 109 -23.29 11.47 36.18
C TRP F 109 -24.09 12.40 35.32
N GLY F 110 -23.57 12.69 34.14
CA GLY F 110 -24.39 13.36 33.11
C GLY F 110 -25.22 12.29 32.44
N GLN F 111 -26.07 12.72 31.49
CA GLN F 111 -26.99 11.82 30.80
C GLN F 111 -26.23 11.01 29.76
N GLY F 112 -25.03 11.46 29.41
CA GLY F 112 -24.28 10.81 28.38
C GLY F 112 -24.57 11.21 26.94
N THR F 113 -23.53 11.29 26.11
CA THR F 113 -23.70 11.60 24.71
C THR F 113 -23.56 10.33 23.90
N LEU F 114 -24.60 10.00 23.12
CA LEU F 114 -24.49 8.83 22.18
C LEU F 114 -23.79 9.28 20.88
N VAL F 115 -22.58 8.84 20.71
CA VAL F 115 -21.83 9.13 19.52
C VAL F 115 -22.06 8.04 18.48
N THR F 116 -22.68 8.36 17.36
CA THR F 116 -22.74 7.46 16.25
C THR F 116 -21.73 7.83 15.19
N VAL F 117 -20.85 6.91 14.85
CA VAL F 117 -19.85 7.12 13.81
C VAL F 117 -20.35 6.54 12.51
N SER F 118 -20.61 7.38 11.53
CA SER F 118 -21.29 6.97 10.31
C SER F 118 -21.21 8.04 9.25
N ALA F 119 -21.26 7.61 8.01
CA ALA F 119 -21.23 8.51 6.87
C ALA F 119 -22.65 8.92 6.50
N ALA F 120 -23.67 8.26 7.06
CA ALA F 120 -25.01 8.57 6.64
C ALA F 120 -25.50 9.91 7.24
N LYS F 121 -26.51 10.48 6.60
CA LYS F 121 -27.11 11.73 7.03
C LYS F 121 -28.06 11.51 8.21
N THR F 122 -28.20 12.56 9.00
CA THR F 122 -29.24 12.67 9.97
C THR F 122 -30.62 12.71 9.33
N THR F 123 -31.56 11.94 9.86
CA THR F 123 -32.94 11.92 9.38
C THR F 123 -33.88 12.04 10.59
N PRO F 124 -34.73 13.07 10.60
CA PRO F 124 -35.62 13.15 11.75
C PRO F 124 -36.74 12.15 11.58
N PRO F 125 -37.31 11.72 12.68
CA PRO F 125 -38.42 10.80 12.65
C PRO F 125 -39.75 11.38 12.12
N SER F 126 -40.55 10.54 11.45
CA SER F 126 -41.97 10.78 11.31
C SER F 126 -42.65 10.25 12.56
N VAL F 127 -43.62 10.97 13.08
CA VAL F 127 -44.29 10.57 14.29
C VAL F 127 -45.73 10.37 13.98
N TYR F 128 -46.21 9.17 14.25
CA TYR F 128 -47.55 8.79 13.90
C TYR F 128 -48.36 8.36 15.10
N PRO F 129 -49.58 8.87 15.21
CA PRO F 129 -50.44 8.59 16.37
C PRO F 129 -51.05 7.20 16.28
N LEU F 130 -51.22 6.50 17.40
CA LEU F 130 -51.93 5.24 17.35
C LEU F 130 -53.20 5.29 18.22
N ALA F 131 -54.35 5.46 17.57
CA ALA F 131 -55.63 5.56 18.28
C ALA F 131 -56.47 4.30 18.08
N PRO F 132 -57.25 3.91 19.10
CA PRO F 132 -58.25 2.89 18.81
C PRO F 132 -59.41 3.52 18.03
N SER F 140 -62.45 -0.13 30.69
CA SER F 140 -62.31 1.14 31.39
C SER F 140 -60.87 1.71 31.45
N MET F 141 -59.92 1.09 30.74
CA MET F 141 -58.60 1.68 30.55
C MET F 141 -58.51 1.76 29.04
N VAL F 142 -57.75 2.70 28.49
CA VAL F 142 -57.47 2.71 27.05
C VAL F 142 -55.99 2.79 26.82
N THR F 143 -55.55 2.12 25.76
CA THR F 143 -54.14 2.10 25.38
C THR F 143 -53.96 2.93 24.12
N LEU F 144 -53.04 3.88 24.16
CA LEU F 144 -52.80 4.72 23.01
C LEU F 144 -51.32 4.58 22.65
N GLY F 145 -50.88 5.15 21.53
CA GLY F 145 -49.47 5.01 21.18
C GLY F 145 -48.95 5.97 20.17
N CYS F 146 -47.61 6.02 20.06
CA CYS F 146 -46.94 6.85 19.08
C CYS F 146 -46.02 5.94 18.34
N LEU F 147 -46.00 6.04 17.01
CA LEU F 147 -45.04 5.30 16.21
C LEU F 147 -44.02 6.31 15.70
N VAL F 148 -42.77 6.07 16.07
CA VAL F 148 -41.66 6.98 15.79
C VAL F 148 -40.80 6.27 14.78
N LYS F 149 -41.01 6.62 13.51
CA LYS F 149 -40.50 5.84 12.38
C LYS F 149 -39.52 6.59 11.54
N GLY F 150 -38.50 5.84 11.10
CA GLY F 150 -37.62 6.27 10.04
C GLY F 150 -36.56 7.29 10.43
N TYR F 151 -35.92 7.14 11.61
CA TYR F 151 -34.93 8.15 11.96
C TYR F 151 -33.49 7.66 12.09
N PHE F 152 -32.56 8.59 12.24
CA PHE F 152 -31.15 8.30 12.36
C PHE F 152 -30.37 9.56 12.61
N PRO F 153 -29.40 9.51 13.56
CA PRO F 153 -29.05 8.35 14.42
C PRO F 153 -29.96 8.22 15.62
N GLU F 154 -29.61 7.28 16.50
CA GLU F 154 -30.18 7.10 17.83
C GLU F 154 -29.64 8.25 18.66
N PRO F 155 -30.26 8.58 19.80
CA PRO F 155 -31.54 8.15 20.39
C PRO F 155 -32.70 9.06 20.05
N VAL F 156 -33.90 8.68 20.49
CA VAL F 156 -34.99 9.61 20.57
C VAL F 156 -35.47 9.53 22.00
N THR F 157 -36.04 10.57 22.51
CA THR F 157 -36.66 10.52 23.84
C THR F 157 -38.16 10.74 23.64
N VAL F 158 -38.95 9.86 24.23
CA VAL F 158 -40.39 9.99 24.19
C VAL F 158 -40.99 10.32 25.54
N THR F 159 -41.87 11.32 25.62
CA THR F 159 -42.64 11.53 26.83
C THR F 159 -44.13 11.63 26.47
N TRP F 160 -44.98 11.62 27.49
CA TRP F 160 -46.42 11.78 27.31
C TRP F 160 -46.89 12.95 28.14
N ASN F 161 -47.60 13.88 27.49
CA ASN F 161 -48.05 15.10 28.17
C ASN F 161 -46.90 15.85 28.87
N SER F 162 -45.72 15.80 28.24
CA SER F 162 -44.58 16.57 28.67
C SER F 162 -44.03 16.04 29.99
N GLY F 163 -44.24 14.75 30.28
CA GLY F 163 -43.67 14.14 31.44
C GLY F 163 -44.69 13.82 32.49
N SER F 164 -45.81 14.55 32.54
CA SER F 164 -46.77 14.37 33.61
C SER F 164 -47.65 13.08 33.49
N LEU F 165 -47.67 12.45 32.34
CA LEU F 165 -48.08 11.03 32.30
C LEU F 165 -46.82 10.21 32.35
N SER F 166 -46.53 9.55 33.47
CA SER F 166 -45.28 8.79 33.64
C SER F 166 -45.61 7.31 33.94
N SER F 167 -46.68 7.07 34.67
CA SER F 167 -47.05 5.69 34.89
C SER F 167 -47.86 5.16 33.70
N GLY F 168 -47.89 3.84 33.49
CA GLY F 168 -48.60 3.24 32.35
C GLY F 168 -47.90 3.32 30.99
N VAL F 169 -46.62 3.73 31.00
CA VAL F 169 -45.86 3.98 29.76
C VAL F 169 -44.87 2.84 29.37
N HIS F 170 -44.89 2.40 28.12
CA HIS F 170 -43.85 1.53 27.65
C HIS F 170 -43.33 2.16 26.41
N THR F 171 -42.03 2.44 26.39
CA THR F 171 -41.34 2.94 25.25
C THR F 171 -40.42 1.81 24.89
N PHE F 172 -40.54 1.31 23.66
CA PHE F 172 -39.79 0.12 23.26
C PHE F 172 -38.48 0.49 22.61
N PRO F 173 -37.45 -0.33 22.81
CA PRO F 173 -36.16 -0.06 22.17
C PRO F 173 -36.34 0.01 20.66
N ALA F 174 -35.56 0.86 20.01
CA ALA F 174 -35.60 1.02 18.56
C ALA F 174 -35.09 -0.21 17.83
N VAL F 175 -35.57 -0.41 16.61
CA VAL F 175 -35.15 -1.52 15.76
C VAL F 175 -34.62 -0.94 14.46
N LEU F 176 -33.49 -1.45 13.98
CA LEU F 176 -32.83 -0.86 12.85
C LEU F 176 -33.34 -1.63 11.66
N GLN F 177 -33.84 -0.93 10.64
CA GLN F 177 -34.31 -1.56 9.41
C GLN F 177 -34.06 -0.63 8.24
N SER F 178 -33.50 -1.17 7.16
CA SER F 178 -33.20 -0.39 5.96
C SER F 178 -32.48 0.91 6.38
N ASP F 179 -31.56 0.78 7.34
CA ASP F 179 -30.70 1.89 7.80
C ASP F 179 -31.39 3.01 8.54
N LEU F 180 -32.62 2.78 8.95
CA LEU F 180 -33.31 3.73 9.83
C LEU F 180 -33.86 2.99 11.04
N TYR F 181 -34.05 3.73 12.12
CA TYR F 181 -34.63 3.23 13.32
C TYR F 181 -36.09 3.51 13.39
N THR F 182 -36.80 2.61 14.06
CA THR F 182 -38.18 2.78 14.31
C THR F 182 -38.38 2.35 15.75
N LEU F 183 -39.17 3.12 16.47
CA LEU F 183 -39.49 2.79 17.84
C LEU F 183 -40.99 3.10 18.05
N SER F 184 -41.58 2.55 19.08
CA SER F 184 -42.91 3.04 19.40
C SER F 184 -43.12 3.07 20.93
N SER F 185 -44.15 3.81 21.36
CA SER F 185 -44.44 3.94 22.78
C SER F 185 -45.90 3.73 23.01
N SER F 186 -46.25 3.07 24.10
CA SER F 186 -47.64 3.08 24.49
C SER F 186 -47.87 3.71 25.88
N VAL F 187 -49.10 4.20 26.09
CA VAL F 187 -49.50 4.74 27.35
C VAL F 187 -50.92 4.29 27.66
N THR F 188 -51.17 3.92 28.92
CA THR F 188 -52.50 3.45 29.32
C THR F 188 -53.16 4.45 30.30
N VAL F 189 -54.37 4.88 29.98
CA VAL F 189 -55.00 5.92 30.77
C VAL F 189 -56.45 5.50 31.08
N PRO F 190 -57.01 5.98 32.19
CA PRO F 190 -58.43 5.65 32.43
C PRO F 190 -59.27 6.15 31.27
N SER F 191 -60.27 5.40 30.84
CA SER F 191 -61.12 5.88 29.76
C SER F 191 -61.83 7.23 30.10
N SER F 192 -61.90 7.62 31.38
CA SER F 192 -62.36 8.99 31.74
C SER F 192 -61.34 10.10 31.44
N THR F 193 -60.08 9.77 31.17
CA THR F 193 -59.06 10.76 30.82
C THR F 193 -59.12 11.09 29.32
N TRP F 194 -59.24 10.07 28.50
CA TRP F 194 -59.17 10.27 27.06
C TRP F 194 -60.39 9.62 26.46
N PRO F 195 -61.00 10.22 25.42
CA PRO F 195 -60.53 11.40 24.70
C PRO F 195 -60.87 12.75 25.32
N SER F 196 -61.54 12.85 26.47
CA SER F 196 -61.98 14.19 26.85
C SER F 196 -60.83 15.10 27.28
N GLN F 197 -59.74 14.50 27.74
CA GLN F 197 -58.49 15.26 27.93
C GLN F 197 -57.54 14.92 26.83
N THR F 198 -56.68 15.86 26.51
CA THR F 198 -55.67 15.72 25.50
C THR F 198 -54.53 14.82 25.96
N VAL F 199 -54.12 13.88 25.10
CA VAL F 199 -53.00 13.02 25.36
C VAL F 199 -52.06 13.18 24.19
N THR F 200 -50.86 13.64 24.48
CA THR F 200 -49.90 13.95 23.45
C THR F 200 -48.58 13.30 23.74
N CYS F 201 -48.01 12.73 22.70
CA CYS F 201 -46.67 12.23 22.85
C CYS F 201 -45.64 13.23 22.32
N ASN F 202 -44.52 13.31 23.02
CA ASN F 202 -43.46 14.29 22.74
C ASN F 202 -42.20 13.54 22.35
N VAL F 203 -41.75 13.72 21.11
CA VAL F 203 -40.62 12.97 20.61
C VAL F 203 -39.52 13.96 20.33
N ALA F 204 -38.44 13.83 21.09
CA ALA F 204 -37.25 14.64 20.87
C ALA F 204 -36.20 13.74 20.15
N HIS F 205 -35.65 14.24 19.03
CA HIS F 205 -34.52 13.62 18.35
C HIS F 205 -33.32 14.57 18.44
N PRO F 206 -32.50 14.42 19.48
CA PRO F 206 -31.36 15.33 19.71
C PRO F 206 -30.43 15.59 18.49
N ALA F 207 -30.13 14.57 17.66
CA ALA F 207 -29.16 14.72 16.55
C ALA F 207 -29.63 15.73 15.54
N SER F 208 -30.93 16.02 15.51
CA SER F 208 -31.45 16.87 14.47
C SER F 208 -32.08 18.07 15.13
N SER F 209 -31.95 18.10 16.46
CA SER F 209 -32.63 19.12 17.30
C SER F 209 -34.09 19.30 16.99
N THR F 210 -34.82 18.23 16.79
CA THR F 210 -36.22 18.43 16.56
C THR F 210 -36.99 17.92 17.76
N LYS F 211 -38.15 18.51 18.00
CA LYS F 211 -39.12 17.98 18.91
C LYS F 211 -40.49 17.93 18.22
N VAL F 212 -41.18 16.82 18.34
CA VAL F 212 -42.46 16.71 17.69
C VAL F 212 -43.53 16.38 18.73
N ASP F 213 -44.56 17.22 18.86
CA ASP F 213 -45.71 16.86 19.69
C ASP F 213 -46.79 16.33 18.79
N LYS F 214 -47.26 15.11 19.07
CA LYS F 214 -48.35 14.50 18.35
C LYS F 214 -49.52 14.20 19.31
N LYS F 215 -50.58 15.00 19.14
CA LYS F 215 -51.86 14.79 19.80
C LYS F 215 -52.49 13.49 19.29
N ILE F 216 -52.95 12.62 20.20
CA ILE F 216 -53.71 11.40 19.79
C ILE F 216 -55.19 11.73 19.72
N VAL F 217 -55.73 11.75 18.52
CA VAL F 217 -57.13 12.13 18.29
C VAL F 217 -57.94 10.86 17.92
N PRO F 218 -59.20 10.71 18.38
CA PRO F 218 -59.86 9.44 17.98
C PRO F 218 -60.09 9.36 16.45
N ARG F 219 -59.96 8.16 15.89
CA ARG F 219 -60.21 7.95 14.44
C ARG F 219 -61.66 8.29 14.07
N ASP F 220 -61.89 8.81 12.84
CA ASP F 220 -63.26 9.14 12.30
C ASP F 220 -63.73 8.21 11.17
N GLU G 1 -16.72 17.70 -27.29
CA GLU G 1 -15.51 16.86 -27.50
C GLU G 1 -14.46 17.64 -28.24
N LEU G 2 -13.40 18.09 -27.58
CA LEU G 2 -12.46 18.94 -28.28
C LEU G 2 -11.64 18.16 -29.31
N VAL G 3 -11.81 18.43 -30.60
CA VAL G 3 -10.97 17.74 -31.60
C VAL G 3 -9.76 18.61 -31.87
N MET G 4 -8.59 17.98 -31.78
CA MET G 4 -7.32 18.64 -31.97
C MET G 4 -6.73 18.22 -33.30
N THR G 5 -6.56 19.17 -34.21
CA THR G 5 -6.03 18.89 -35.53
C THR G 5 -4.62 19.45 -35.76
N GLN G 6 -3.66 18.54 -35.96
CA GLN G 6 -2.25 18.89 -36.23
C GLN G 6 -1.91 18.90 -37.72
N THR G 7 -1.15 19.90 -38.16
CA THR G 7 -0.62 19.96 -39.51
C THR G 7 0.85 20.43 -39.44
N PRO G 8 1.74 19.88 -40.30
CA PRO G 8 1.56 18.76 -41.25
C PRO G 8 1.54 17.43 -40.49
N PRO G 9 1.17 16.31 -41.15
CA PRO G 9 1.39 15.02 -40.42
C PRO G 9 2.88 14.63 -40.36
N SER G 10 3.63 15.09 -41.37
CA SER G 10 5.05 14.81 -41.45
C SER G 10 5.80 16.06 -41.90
N LEU G 11 6.91 16.32 -41.21
CA LEU G 11 7.72 17.52 -41.46
C LEU G 11 9.19 17.15 -41.63
N PRO G 12 9.67 17.13 -42.89
CA PRO G 12 11.10 16.94 -43.13
C PRO G 12 11.83 18.27 -42.99
N VAL G 13 12.93 18.28 -42.22
CA VAL G 13 13.73 19.51 -42.07
C VAL G 13 15.24 19.24 -42.05
N SER G 14 16.02 20.15 -42.62
CA SER G 14 17.47 19.99 -42.64
C SER G 14 18.07 20.38 -41.30
N LEU G 15 19.24 19.84 -40.96
CA LEU G 15 19.84 20.10 -39.65
C LEU G 15 20.12 21.59 -39.53
N GLY G 16 19.77 22.19 -38.39
CA GLY G 16 20.00 23.61 -38.18
C GLY G 16 18.86 24.48 -38.63
N ASP G 17 18.00 23.94 -39.49
CA ASP G 17 16.80 24.66 -39.96
C ASP G 17 15.84 24.99 -38.81
N GLN G 18 14.84 25.80 -39.12
CA GLN G 18 13.77 26.05 -38.19
C GLN G 18 12.61 25.17 -38.57
N ALA G 19 11.80 24.77 -37.59
CA ALA G 19 10.59 23.98 -37.84
C ALA G 19 9.36 24.56 -37.14
N SER G 20 8.22 24.50 -37.82
CA SER G 20 6.99 25.00 -37.25
C SER G 20 5.87 23.97 -37.38
N ILE G 21 5.15 23.76 -36.29
CA ILE G 21 4.08 22.79 -36.25
C ILE G 21 2.86 23.52 -35.78
N SER G 22 1.72 23.32 -36.42
CA SER G 22 0.51 23.93 -35.92
C SER G 22 -0.61 22.97 -35.49
N CYS G 23 -1.34 23.43 -34.48
CA CYS G 23 -2.37 22.66 -33.84
C CYS G 23 -3.64 23.54 -33.75
N ARG G 24 -4.73 23.03 -34.33
CA ARG G 24 -6.02 23.71 -34.35
C ARG G 24 -7.07 23.01 -33.48
N SER G 25 -7.59 23.69 -32.47
CA SER G 25 -8.66 23.13 -31.63
C SER G 25 -10.02 23.47 -32.24
N SER G 26 -10.99 22.55 -32.10
CA SER G 26 -12.32 22.72 -32.72
C SER G 26 -13.20 23.72 -31.97
N GLN G 27 -12.80 24.05 -30.74
CA GLN G 27 -13.44 25.11 -29.93
C GLN G 27 -12.45 25.64 -28.89
N SER G 28 -12.86 26.65 -28.14
CA SER G 28 -11.95 27.32 -27.21
C SER G 28 -11.46 26.39 -26.10
N ILE G 29 -10.31 26.74 -25.55
CA ILE G 29 -9.53 25.88 -24.65
C ILE G 29 -9.18 26.64 -23.34
N VAL G 30 -10.05 27.55 -22.92
CA VAL G 30 -9.87 28.21 -21.64
C VAL G 30 -10.56 27.37 -20.53
N HIS G 31 -9.79 26.89 -19.55
CA HIS G 31 -10.34 26.19 -18.35
C HIS G 31 -10.89 27.26 -17.42
N SER G 32 -11.84 26.88 -16.56
CA SER G 32 -12.58 27.82 -15.67
C SER G 32 -11.71 28.74 -14.81
N ASN G 33 -10.50 28.29 -14.50
CA ASN G 33 -9.52 29.08 -13.76
C ASN G 33 -8.81 30.21 -14.54
N GLY G 34 -9.17 30.38 -15.82
CA GLY G 34 -8.54 31.39 -16.71
C GLY G 34 -7.45 30.81 -17.61
N ASP G 35 -6.83 29.71 -17.21
CA ASP G 35 -5.67 29.20 -17.91
C ASP G 35 -5.98 28.36 -19.14
N THR G 36 -5.19 28.55 -20.19
CA THR G 36 -5.28 27.73 -21.36
C THR G 36 -4.26 26.58 -21.33
N TYR G 37 -4.76 25.37 -21.14
CA TYR G 37 -3.92 24.23 -20.87
C TYR G 37 -3.58 23.50 -22.15
N LEU G 38 -2.87 24.18 -23.03
CA LEU G 38 -2.36 23.52 -24.21
C LEU G 38 -0.90 23.09 -24.01
N GLU G 39 -0.64 21.81 -24.21
CA GLU G 39 0.69 21.27 -23.96
C GLU G 39 1.22 20.61 -25.21
N TRP G 40 2.55 20.54 -25.31
CA TRP G 40 3.24 19.95 -26.43
C TRP G 40 4.13 18.84 -25.91
N TYR G 41 3.86 17.62 -26.37
CA TYR G 41 4.64 16.42 -26.05
C TYR G 41 5.46 15.92 -27.24
N LEU G 42 6.65 15.37 -26.94
CA LEU G 42 7.49 14.74 -27.95
C LEU G 42 7.67 13.31 -27.58
N GLN G 43 7.49 12.42 -28.54
CA GLN G 43 7.73 11.01 -28.29
C GLN G 43 8.74 10.50 -29.27
N LYS G 44 9.92 10.20 -28.73
CA LYS G 44 11.04 9.66 -29.49
C LYS G 44 10.81 8.17 -29.67
N PRO G 45 11.39 7.58 -30.72
CA PRO G 45 11.02 6.22 -31.08
C PRO G 45 11.43 5.27 -29.95
N GLY G 46 10.58 4.32 -29.61
CA GLY G 46 10.87 3.45 -28.46
C GLY G 46 10.53 4.02 -27.07
N GLN G 47 10.43 5.35 -26.92
CA GLN G 47 10.30 5.96 -25.61
C GLN G 47 8.88 6.36 -25.27
N SER G 48 8.63 6.64 -24.00
CA SER G 48 7.37 7.33 -23.61
C SER G 48 7.40 8.79 -24.07
N PRO G 49 6.24 9.46 -24.17
CA PRO G 49 6.28 10.87 -24.51
C PRO G 49 6.86 11.71 -23.38
N LYS G 50 7.44 12.87 -23.72
CA LYS G 50 8.03 13.83 -22.75
C LYS G 50 7.46 15.23 -22.95
N LEU G 51 7.15 15.92 -21.84
CA LEU G 51 6.56 17.25 -21.90
C LEU G 51 7.52 18.29 -22.41
N LEU G 52 7.06 19.13 -23.34
CA LEU G 52 7.92 20.21 -23.84
C LEU G 52 7.50 21.61 -23.38
N ILE G 53 6.24 21.90 -23.64
CA ILE G 53 5.63 23.16 -23.36
C ILE G 53 4.33 22.94 -22.60
N TYR G 54 4.09 23.78 -21.60
CA TYR G 54 2.81 23.78 -20.89
C TYR G 54 2.20 25.17 -20.93
N LYS G 55 0.88 25.23 -20.74
CA LYS G 55 0.10 26.47 -20.76
C LYS G 55 0.45 27.34 -21.96
N VAL G 56 0.49 26.71 -23.14
CA VAL G 56 0.70 27.41 -24.41
C VAL G 56 2.18 27.71 -24.72
N SER G 57 2.88 28.39 -23.83
CA SER G 57 4.24 28.83 -24.16
C SER G 57 5.29 28.72 -23.08
N ASN G 58 5.06 27.87 -22.08
CA ASN G 58 6.06 27.72 -21.04
C ASN G 58 6.90 26.47 -21.24
N ARG G 59 8.22 26.63 -21.16
CA ARG G 59 9.19 25.54 -21.26
C ARG G 59 9.16 24.72 -20.01
N PHE G 60 8.98 23.40 -20.16
CA PHE G 60 9.15 22.53 -19.02
C PHE G 60 10.62 22.53 -18.55
N SER G 61 10.84 22.25 -17.27
CA SER G 61 12.19 22.26 -16.71
C SER G 61 13.18 21.44 -17.53
N GLY G 62 14.29 22.07 -17.89
CA GLY G 62 15.32 21.41 -18.69
C GLY G 62 15.01 21.20 -20.17
N VAL G 63 13.89 21.74 -20.66
CA VAL G 63 13.65 21.80 -22.10
C VAL G 63 14.50 22.95 -22.74
N PRO G 64 15.29 22.62 -23.80
CA PRO G 64 16.10 23.65 -24.49
C PRO G 64 15.29 24.89 -24.97
N ASP G 65 15.95 26.02 -25.16
CA ASP G 65 15.22 27.21 -25.53
C ASP G 65 14.94 27.33 -27.02
N ARG G 66 15.42 26.35 -27.79
CA ARG G 66 15.09 26.30 -29.21
C ARG G 66 13.62 25.88 -29.37
N PHE G 67 13.02 25.45 -28.26
CA PHE G 67 11.61 25.13 -28.21
C PHE G 67 10.81 26.27 -27.62
N SER G 68 9.77 26.66 -28.35
CA SER G 68 8.86 27.72 -27.92
C SER G 68 7.50 27.49 -28.54
N GLY G 69 6.47 27.71 -27.73
CA GLY G 69 5.11 27.55 -28.18
C GLY G 69 4.51 28.92 -28.25
N SER G 70 3.46 29.06 -29.03
CA SER G 70 2.76 30.32 -29.18
C SER G 70 1.32 30.11 -29.65
N GLY G 71 0.58 31.19 -29.75
CA GLY G 71 -0.77 31.15 -30.28
C GLY G 71 -1.81 31.61 -29.27
N SER G 72 -3.08 31.43 -29.65
CA SER G 72 -4.23 31.78 -28.81
C SER G 72 -5.53 31.35 -29.48
N GLY G 73 -6.58 31.25 -28.65
CA GLY G 73 -7.92 30.92 -29.12
C GLY G 73 -7.99 29.47 -29.57
N THR G 74 -7.82 29.25 -30.88
CA THR G 74 -7.84 27.90 -31.45
C THR G 74 -6.64 27.55 -32.35
N ASP G 75 -5.68 28.47 -32.48
CA ASP G 75 -4.52 28.33 -33.36
C ASP G 75 -3.28 28.33 -32.53
N PHE G 76 -2.70 27.15 -32.35
CA PHE G 76 -1.51 27.05 -31.53
C PHE G 76 -0.36 26.59 -32.39
N THR G 77 0.84 27.05 -32.05
CA THR G 77 1.99 26.64 -32.83
C THR G 77 3.31 26.44 -32.03
N LEU G 78 4.07 25.48 -32.51
CA LEU G 78 5.29 25.07 -31.86
C LEU G 78 6.48 25.32 -32.80
N GLU G 79 7.43 26.14 -32.35
CA GLU G 79 8.64 26.47 -33.11
C GLU G 79 9.82 25.71 -32.52
N ILE G 80 10.59 25.07 -33.37
CA ILE G 80 11.91 24.56 -32.98
C ILE G 80 12.93 25.44 -33.71
N SER G 81 13.68 26.24 -32.98
CA SER G 81 14.44 27.30 -33.67
C SER G 81 15.71 26.91 -34.43
N ARG G 82 16.36 25.82 -34.02
CA ARG G 82 17.51 25.27 -34.77
C ARG G 82 17.50 23.79 -34.51
N VAL G 83 17.05 23.03 -35.49
CA VAL G 83 16.82 21.60 -35.34
C VAL G 83 18.11 20.79 -35.30
N GLU G 84 18.16 19.84 -34.37
CA GLU G 84 19.24 18.83 -34.35
C GLU G 84 18.72 17.39 -34.24
N ALA G 85 19.63 16.41 -34.41
CA ALA G 85 19.25 14.99 -34.48
C ALA G 85 18.43 14.52 -33.31
N GLU G 86 18.75 14.98 -32.11
CA GLU G 86 18.01 14.53 -30.94
C GLU G 86 16.55 14.96 -30.93
N ASP G 87 16.19 15.85 -31.85
CA ASP G 87 14.82 16.33 -31.94
C ASP G 87 13.86 15.41 -32.72
N LEU G 88 14.39 14.40 -33.42
CA LEU G 88 13.54 13.41 -34.11
C LEU G 88 12.45 12.86 -33.23
N GLY G 89 11.28 12.66 -33.83
CA GLY G 89 10.18 11.89 -33.23
C GLY G 89 8.83 12.43 -33.66
N VAL G 90 7.80 12.02 -32.92
CA VAL G 90 6.44 12.45 -33.18
C VAL G 90 6.05 13.47 -32.11
N TYR G 91 5.57 14.61 -32.58
CA TYR G 91 5.12 15.69 -31.73
C TYR G 91 3.58 15.72 -31.67
N TYR G 92 3.06 15.85 -30.44
CA TYR G 92 1.64 15.91 -30.21
C TYR G 92 1.30 17.15 -29.46
N CYS G 93 0.22 17.80 -29.85
CA CYS G 93 -0.38 18.76 -28.96
C CYS G 93 -1.51 18.06 -28.19
N PHE G 94 -1.96 18.75 -27.14
CA PHE G 94 -2.83 18.14 -26.18
C PHE G 94 -3.51 19.25 -25.45
N GLN G 95 -4.82 19.10 -25.26
CA GLN G 95 -5.62 20.07 -24.51
C GLN G 95 -6.04 19.43 -23.20
N GLY G 96 -5.78 20.09 -22.08
CA GLY G 96 -6.24 19.60 -20.77
C GLY G 96 -7.29 20.52 -20.15
N SER G 97 -7.96 21.32 -20.98
CA SER G 97 -8.88 22.34 -20.44
C SER G 97 -10.26 21.78 -20.23
N HIS G 98 -10.65 20.83 -21.08
CA HIS G 98 -12.01 20.27 -21.03
C HIS G 98 -11.98 18.76 -21.06
N VAL G 99 -12.81 18.16 -20.21
CA VAL G 99 -12.98 16.72 -20.30
C VAL G 99 -13.98 16.36 -21.46
N PRO G 100 -13.67 15.29 -22.24
CA PRO G 100 -12.44 14.48 -22.12
C PRO G 100 -11.23 15.19 -22.72
N ARG G 101 -10.09 15.06 -22.05
CA ARG G 101 -8.81 15.61 -22.48
C ARG G 101 -8.40 14.91 -23.77
N THR G 102 -7.89 15.66 -24.75
CA THR G 102 -7.57 15.08 -26.06
C THR G 102 -6.24 15.50 -26.66
N PHE G 103 -5.68 14.57 -27.42
CA PHE G 103 -4.43 14.69 -28.17
C PHE G 103 -4.67 14.95 -29.68
N GLY G 104 -3.80 15.74 -30.30
CA GLY G 104 -3.75 15.84 -31.75
C GLY G 104 -3.29 14.51 -32.29
N GLY G 105 -3.30 14.36 -33.60
CA GLY G 105 -2.94 13.10 -34.24
C GLY G 105 -1.46 12.89 -34.49
N GLY G 106 -0.65 13.90 -34.18
CA GLY G 106 0.78 13.74 -34.22
C GLY G 106 1.37 14.35 -35.46
N THR G 107 2.53 14.97 -35.30
CA THR G 107 3.35 15.41 -36.42
C THR G 107 4.71 14.71 -36.32
N LYS G 108 5.11 14.01 -37.39
CA LYS G 108 6.39 13.31 -37.42
C LYS G 108 7.55 14.18 -37.96
N LEU G 109 8.52 14.47 -37.09
CA LEU G 109 9.67 15.27 -37.48
C LEU G 109 10.70 14.38 -38.11
N GLU G 110 11.13 14.70 -39.31
CA GLU G 110 12.01 13.87 -40.10
C GLU G 110 13.25 14.73 -40.42
N ILE G 111 14.46 14.18 -40.26
CA ILE G 111 15.67 14.93 -40.59
C ILE G 111 16.16 14.60 -42.00
N LYS G 112 16.47 15.63 -42.78
CA LYS G 112 17.07 15.44 -44.09
C LYS G 112 18.54 15.82 -43.96
N ARG G 113 19.43 14.93 -44.41
CA ARG G 113 20.86 15.21 -44.33
C ARG G 113 21.57 14.64 -45.55
N ALA G 114 22.91 14.70 -45.55
CA ALA G 114 23.73 14.20 -46.67
C ALA G 114 23.59 12.71 -46.88
N ASP G 115 23.79 12.26 -48.11
CA ASP G 115 23.75 10.84 -48.40
C ASP G 115 24.89 10.11 -47.67
N ALA G 116 24.74 8.82 -47.46
CA ALA G 116 25.77 7.98 -46.81
C ALA G 116 25.57 6.52 -47.17
N ALA G 117 26.63 5.91 -47.69
CA ALA G 117 26.63 4.47 -47.97
C ALA G 117 26.55 3.67 -46.66
N PRO G 118 25.94 2.48 -46.70
CA PRO G 118 25.88 1.65 -45.52
C PRO G 118 27.18 0.94 -45.17
N THR G 119 27.37 0.69 -43.89
CA THR G 119 28.42 -0.21 -43.41
C THR G 119 27.79 -1.57 -43.26
N VAL G 120 28.29 -2.54 -44.02
CA VAL G 120 27.62 -3.82 -44.11
C VAL G 120 28.47 -4.89 -43.47
N SER G 121 27.86 -5.72 -42.63
CA SER G 121 28.57 -6.79 -41.96
C SER G 121 27.74 -8.06 -42.01
N ILE G 122 28.43 -9.18 -42.25
CA ILE G 122 27.76 -10.47 -42.28
C ILE G 122 28.15 -11.42 -41.13
N PHE G 123 27.18 -12.19 -40.64
CA PHE G 123 27.45 -13.10 -39.53
C PHE G 123 27.02 -14.53 -39.78
N PRO G 124 27.96 -15.52 -39.70
CA PRO G 124 27.53 -16.93 -39.82
C PRO G 124 26.66 -17.31 -38.65
N PRO G 125 25.84 -18.36 -38.78
CA PRO G 125 25.09 -18.74 -37.56
C PRO G 125 26.03 -19.16 -36.42
N SER G 126 25.65 -18.90 -35.16
CA SER G 126 26.47 -19.21 -33.99
C SER G 126 26.49 -20.71 -33.74
N SER G 127 27.56 -21.21 -33.12
CA SER G 127 27.62 -22.65 -32.82
C SER G 127 26.47 -23.10 -31.93
N GLU G 128 26.07 -22.26 -30.96
CA GLU G 128 24.93 -22.56 -30.08
C GLU G 128 23.60 -22.78 -30.84
N GLN G 129 23.38 -22.06 -31.92
CA GLN G 129 22.14 -22.17 -32.68
C GLN G 129 22.22 -23.45 -33.51
N LEU G 130 23.42 -23.71 -34.02
CA LEU G 130 23.62 -24.90 -34.81
C LEU G 130 23.27 -26.15 -34.04
N THR G 131 23.77 -26.26 -32.79
CA THR G 131 23.51 -27.45 -31.96
C THR G 131 22.01 -27.61 -31.76
N SER G 132 21.30 -26.47 -31.68
CA SER G 132 19.84 -26.53 -31.49
C SER G 132 19.04 -26.89 -32.75
N GLY G 133 19.69 -26.99 -33.89
CA GLY G 133 19.01 -27.41 -35.12
C GLY G 133 18.58 -26.31 -36.09
N GLY G 134 18.91 -25.06 -35.77
CA GLY G 134 18.59 -23.93 -36.65
C GLY G 134 19.85 -23.24 -37.15
N ALA G 135 19.72 -22.35 -38.13
CA ALA G 135 20.88 -21.68 -38.67
C ALA G 135 20.42 -20.39 -39.28
N SER G 136 20.67 -19.29 -38.60
CA SER G 136 20.31 -17.98 -39.10
C SER G 136 21.54 -17.22 -39.53
N VAL G 137 21.49 -16.63 -40.72
CA VAL G 137 22.61 -15.86 -41.23
C VAL G 137 22.14 -14.41 -41.23
N VAL G 138 22.93 -13.54 -40.60
CA VAL G 138 22.53 -12.17 -40.27
C VAL G 138 23.42 -11.14 -40.95
N CYS G 139 22.78 -10.08 -41.42
CA CYS G 139 23.47 -9.05 -42.16
C CYS G 139 23.02 -7.70 -41.66
N PHE G 140 23.94 -6.88 -41.20
CA PHE G 140 23.60 -5.51 -40.88
C PHE G 140 23.99 -4.56 -41.98
N LEU G 141 23.03 -3.76 -42.43
CA LEU G 141 23.38 -2.56 -43.20
C LEU G 141 23.20 -1.34 -42.32
N ASN G 142 24.30 -0.79 -41.82
CA ASN G 142 24.27 0.25 -40.84
C ASN G 142 24.68 1.70 -41.28
N ASN G 143 23.94 2.68 -40.78
CA ASN G 143 24.24 4.12 -40.94
C ASN G 143 24.32 4.58 -42.37
N PHE G 144 23.24 4.36 -43.08
CA PHE G 144 23.16 4.85 -44.41
C PHE G 144 22.01 5.85 -44.50
N TYR G 145 22.02 6.66 -45.56
CA TYR G 145 20.96 7.63 -45.80
C TYR G 145 20.85 7.89 -47.31
N PRO G 146 19.60 7.97 -47.86
CA PRO G 146 18.26 7.94 -47.25
C PRO G 146 17.76 6.52 -47.06
N LYS G 147 16.49 6.39 -46.63
CA LYS G 147 15.92 5.13 -46.07
C LYS G 147 15.93 3.98 -47.07
N ASP G 148 15.68 4.28 -48.35
CA ASP G 148 15.56 3.25 -49.40
C ASP G 148 16.84 2.44 -49.55
N ILE G 149 16.71 1.12 -49.62
CA ILE G 149 17.84 0.23 -49.80
C ILE G 149 17.31 -1.18 -50.17
N ASN G 150 18.08 -1.92 -50.97
CA ASN G 150 17.83 -3.35 -51.21
C ASN G 150 18.96 -4.27 -50.74
N VAL G 151 18.56 -5.38 -50.15
CA VAL G 151 19.48 -6.44 -49.82
C VAL G 151 19.20 -7.59 -50.75
N LYS G 152 20.26 -8.28 -51.14
CA LYS G 152 20.15 -9.49 -51.93
C LYS G 152 21.02 -10.56 -51.26
N TRP G 153 20.46 -11.77 -51.16
CA TRP G 153 21.14 -12.91 -50.58
C TRP G 153 21.55 -13.94 -51.62
N LYS G 154 22.76 -14.50 -51.47
CA LYS G 154 23.25 -15.49 -52.43
C LYS G 154 23.87 -16.69 -51.72
N ILE G 155 23.48 -17.87 -52.18
CA ILE G 155 24.04 -19.12 -51.69
C ILE G 155 24.80 -19.82 -52.82
N ASP G 156 26.11 -20.00 -52.59
CA ASP G 156 27.02 -20.50 -53.63
C ASP G 156 27.01 -19.63 -54.92
N GLY G 157 26.42 -18.43 -54.82
CA GLY G 157 26.27 -17.51 -55.95
C GLY G 157 24.87 -17.40 -56.53
N SER G 158 23.93 -18.22 -56.05
CA SER G 158 22.59 -18.19 -56.61
C SER G 158 21.63 -17.51 -55.68
N GLU G 159 20.79 -16.65 -56.26
CA GLU G 159 19.95 -15.73 -55.47
C GLU G 159 18.95 -16.45 -54.61
N ARG G 160 18.72 -15.94 -53.41
CA ARG G 160 17.78 -16.62 -52.52
C ARG G 160 16.82 -15.65 -51.84
N GLN G 161 15.51 -15.81 -52.07
CA GLN G 161 14.55 -14.90 -51.44
C GLN G 161 13.67 -15.49 -50.32
N ASN G 162 13.44 -16.82 -50.35
CA ASN G 162 12.67 -17.51 -49.26
C ASN G 162 13.40 -17.46 -47.92
N GLY G 163 12.63 -17.16 -46.87
CA GLY G 163 13.14 -17.13 -45.50
C GLY G 163 14.04 -15.96 -45.18
N VAL G 164 13.84 -14.83 -45.87
CA VAL G 164 14.58 -13.60 -45.58
C VAL G 164 13.67 -12.69 -44.79
N LEU G 165 14.10 -12.24 -43.63
CA LEU G 165 13.32 -11.28 -42.89
C LEU G 165 14.12 -9.98 -42.62
N ASN G 166 13.54 -8.84 -42.98
CA ASN G 166 14.28 -7.58 -42.86
C ASN G 166 13.64 -6.66 -41.83
N SER G 167 14.44 -5.83 -41.19
CA SER G 167 13.90 -4.85 -40.25
C SER G 167 14.79 -3.56 -40.25
N TRP G 168 14.14 -2.39 -40.33
CA TRP G 168 14.75 -1.06 -40.38
C TRP G 168 14.57 -0.36 -39.05
N THR G 169 15.62 0.31 -38.57
CA THR G 169 15.43 1.21 -37.45
C THR G 169 14.74 2.48 -37.87
N ASP G 170 14.35 3.23 -36.85
CA ASP G 170 13.85 4.59 -37.01
C ASP G 170 15.08 5.48 -37.23
N GLN G 171 14.88 6.69 -37.73
CA GLN G 171 16.01 7.58 -37.86
C GLN G 171 16.84 7.71 -36.55
N ASP G 172 18.17 7.69 -36.67
CA ASP G 172 19.06 7.66 -35.50
C ASP G 172 19.23 9.03 -34.81
N SER G 173 19.15 8.96 -33.49
CA SER G 173 19.32 10.04 -32.53
C SER G 173 20.54 10.97 -32.64
N LYS G 174 21.69 10.43 -33.06
CA LYS G 174 22.96 11.18 -33.11
C LYS G 174 23.30 11.53 -34.56
N ASP G 175 22.97 10.61 -35.46
CA ASP G 175 23.46 10.50 -36.85
C ASP G 175 22.48 11.04 -37.89
N SER G 176 21.18 10.94 -37.59
CA SER G 176 20.08 11.06 -38.57
C SER G 176 20.07 10.02 -39.68
N THR G 177 20.77 8.90 -39.50
CA THR G 177 20.83 7.85 -40.52
C THR G 177 19.82 6.71 -40.21
N TYR G 178 19.75 5.73 -41.10
CA TYR G 178 18.91 4.58 -40.87
C TYR G 178 19.78 3.36 -40.87
N SER G 179 19.24 2.24 -40.41
CA SER G 179 19.95 0.97 -40.43
C SER G 179 18.95 -0.12 -40.72
N MET G 180 19.45 -1.22 -41.26
CA MET G 180 18.61 -2.35 -41.38
C MET G 180 19.36 -3.66 -41.20
N SER G 181 18.65 -4.65 -40.66
CA SER G 181 19.17 -6.01 -40.62
C SER G 181 18.33 -6.93 -41.47
N SER G 182 19.01 -7.91 -42.05
CA SER G 182 18.37 -8.88 -42.87
C SER G 182 18.87 -10.20 -42.37
N THR G 183 17.92 -11.08 -42.10
CA THR G 183 18.18 -12.36 -41.49
C THR G 183 17.63 -13.46 -42.43
N LEU G 184 18.54 -14.31 -42.91
CA LEU G 184 18.19 -15.44 -43.74
C LEU G 184 18.22 -16.62 -42.81
N THR G 185 17.05 -17.24 -42.71
CA THR G 185 16.76 -18.28 -41.75
C THR G 185 16.66 -19.66 -42.43
N LEU G 186 17.49 -20.61 -42.01
CA LEU G 186 17.53 -21.94 -42.61
C LEU G 186 17.56 -23.05 -41.56
N THR G 187 17.53 -24.30 -42.01
CA THR G 187 17.76 -25.43 -41.12
C THR G 187 19.23 -25.80 -41.22
N LYS G 188 19.74 -26.45 -40.17
CA LYS G 188 21.14 -26.91 -40.11
C LYS G 188 21.50 -27.82 -41.31
N ASP G 189 20.51 -28.60 -41.75
CA ASP G 189 20.65 -29.46 -42.92
C ASP G 189 20.93 -28.59 -44.15
N GLU G 190 20.09 -27.57 -44.30
CA GLU G 190 20.12 -26.69 -45.46
C GLU G 190 21.41 -25.85 -45.43
N TYR G 191 21.70 -25.25 -44.28
CA TYR G 191 22.94 -24.50 -44.11
C TYR G 191 24.15 -25.33 -44.50
N GLU G 192 24.23 -26.54 -43.96
CA GLU G 192 25.46 -27.34 -44.11
C GLU G 192 25.72 -28.00 -45.45
N ARG G 193 24.76 -27.93 -46.37
CA ARG G 193 24.96 -28.46 -47.72
C ARG G 193 25.74 -27.45 -48.58
N HIS G 194 25.55 -26.15 -48.29
CA HIS G 194 26.07 -25.09 -49.15
C HIS G 194 27.23 -24.34 -48.51
N ASN G 195 28.19 -23.91 -49.32
CA ASN G 195 29.46 -23.35 -48.82
C ASN G 195 29.52 -21.84 -48.58
N SER G 196 29.24 -21.04 -49.60
CA SER G 196 29.41 -19.59 -49.50
C SER G 196 28.08 -18.84 -49.37
N TYR G 197 28.05 -17.86 -48.45
CA TYR G 197 26.85 -17.03 -48.21
C TYR G 197 27.14 -15.56 -48.44
N THR G 198 26.29 -14.90 -49.19
CA THR G 198 26.55 -13.53 -49.54
C THR G 198 25.37 -12.62 -49.29
N CYS G 199 25.69 -11.47 -48.70
CA CYS G 199 24.78 -10.39 -48.48
C CYS G 199 25.18 -9.21 -49.42
N GLU G 200 24.23 -8.71 -50.23
CA GLU G 200 24.48 -7.63 -51.18
C GLU G 200 23.58 -6.42 -50.93
N ALA G 201 24.19 -5.24 -50.79
CA ALA G 201 23.42 -4.01 -50.54
C ALA G 201 23.47 -3.08 -51.73
N THR G 202 22.30 -2.76 -52.30
CA THR G 202 22.19 -1.70 -53.31
C THR G 202 21.56 -0.47 -52.67
N HIS G 203 22.17 0.68 -52.88
CA HIS G 203 21.73 1.94 -52.27
C HIS G 203 22.06 3.03 -53.25
N LYS G 204 21.33 4.13 -53.15
CA LYS G 204 21.48 5.19 -54.15
C LYS G 204 22.86 5.87 -54.14
N THR G 205 23.69 5.55 -53.14
CA THR G 205 25.07 6.07 -53.04
C THR G 205 26.08 5.44 -53.98
N SER G 206 25.71 4.32 -54.62
CA SER G 206 26.56 3.70 -55.65
C SER G 206 25.78 2.79 -56.60
N THR G 207 26.21 2.75 -57.86
CA THR G 207 25.67 1.77 -58.81
C THR G 207 26.18 0.37 -58.52
N SER G 208 27.34 0.24 -57.90
CA SER G 208 27.88 -1.08 -57.54
C SER G 208 27.52 -1.44 -56.10
N PRO G 209 26.92 -2.62 -55.90
CA PRO G 209 26.50 -2.97 -54.54
C PRO G 209 27.66 -3.31 -53.58
N ILE G 210 27.47 -3.08 -52.29
CA ILE G 210 28.44 -3.53 -51.28
C ILE G 210 28.18 -5.02 -51.02
N VAL G 211 29.24 -5.81 -51.23
CA VAL G 211 29.17 -7.27 -51.15
C VAL G 211 29.99 -7.79 -49.99
N LYS G 212 29.34 -8.54 -49.11
CA LYS G 212 30.00 -9.09 -47.96
C LYS G 212 29.65 -10.57 -47.91
N SER G 213 30.67 -11.43 -47.76
CA SER G 213 30.43 -12.87 -47.79
C SER G 213 31.35 -13.67 -46.87
N PHE G 214 31.02 -14.95 -46.66
CA PHE G 214 31.91 -15.91 -45.93
C PHE G 214 31.77 -17.31 -46.52
N ASN G 215 32.73 -18.17 -46.19
CA ASN G 215 32.64 -19.61 -46.48
C ASN G 215 32.41 -20.45 -45.23
N ARG G 216 31.51 -21.43 -45.33
CA ARG G 216 31.21 -22.30 -44.21
C ARG G 216 32.47 -22.96 -43.64
N GLN H 1 13.80 12.11 -7.47
CA GLN H 1 13.57 11.80 -8.88
C GLN H 1 12.22 11.18 -8.91
N VAL H 2 11.30 11.92 -9.48
CA VAL H 2 9.99 11.40 -9.73
C VAL H 2 10.05 10.19 -10.66
N GLN H 3 9.51 9.08 -10.20
CA GLN H 3 9.53 7.84 -10.94
C GLN H 3 8.13 7.26 -10.92
N LEU H 4 7.68 6.80 -12.07
CA LEU H 4 6.45 6.04 -12.14
C LEU H 4 6.81 4.70 -12.74
N GLU H 5 6.77 3.66 -11.90
CA GLU H 5 7.22 2.33 -12.31
C GLU H 5 6.04 1.45 -12.72
N GLN H 6 6.11 0.95 -13.93
CA GLN H 6 5.04 0.15 -14.53
C GLN H 6 5.68 -1.09 -15.04
N PRO H 7 5.02 -2.26 -14.92
CA PRO H 7 5.74 -3.41 -15.43
C PRO H 7 5.79 -3.32 -16.97
N GLY H 8 6.83 -3.88 -17.60
CA GLY H 8 7.01 -3.84 -19.05
C GLY H 8 5.90 -4.51 -19.88
N ALA H 9 5.36 -5.62 -19.40
CA ALA H 9 4.48 -6.48 -20.23
C ALA H 9 3.38 -7.16 -19.42
N GLU H 10 2.25 -7.42 -20.04
CA GLU H 10 1.24 -8.31 -19.43
C GLU H 10 0.62 -9.11 -20.57
N LEU H 11 0.55 -10.44 -20.33
CA LEU H 11 0.00 -11.41 -21.30
C LEU H 11 -1.33 -11.73 -20.79
N VAL H 12 -2.37 -11.51 -21.58
CA VAL H 12 -3.68 -11.88 -21.10
C VAL H 12 -4.54 -12.63 -22.08
N LYS H 13 -5.27 -13.57 -21.51
CA LYS H 13 -6.18 -14.41 -22.25
C LYS H 13 -7.37 -13.59 -22.74
N PRO H 14 -7.86 -13.85 -23.96
CA PRO H 14 -9.13 -13.24 -24.38
C PRO H 14 -10.15 -13.41 -23.28
N GLY H 15 -11.01 -12.42 -23.08
CA GLY H 15 -12.07 -12.53 -22.06
C GLY H 15 -11.61 -12.21 -20.63
N ALA H 16 -10.29 -12.24 -20.34
CA ALA H 16 -9.88 -12.11 -18.93
C ALA H 16 -9.68 -10.65 -18.56
N SER H 17 -9.14 -10.38 -17.38
CA SER H 17 -8.90 -9.00 -16.93
C SER H 17 -7.46 -8.83 -16.57
N VAL H 18 -6.99 -7.60 -16.63
CA VAL H 18 -5.71 -7.28 -16.06
C VAL H 18 -5.87 -6.13 -15.16
N LYS H 19 -4.99 -6.10 -14.16
CA LYS H 19 -4.86 -4.96 -13.29
C LYS H 19 -3.44 -4.36 -13.48
N LEU H 20 -3.35 -3.21 -14.15
CA LEU H 20 -2.04 -2.58 -14.39
C LEU H 20 -1.66 -1.71 -13.24
N SER H 21 -0.39 -1.81 -12.85
CA SER H 21 0.14 -1.05 -11.74
C SER H 21 1.04 0.09 -12.14
N CYS H 22 1.07 1.12 -11.29
CA CYS H 22 1.84 2.30 -11.55
C CYS H 22 2.33 2.81 -10.18
N LYS H 23 3.50 2.33 -9.77
CA LYS H 23 4.04 2.67 -8.47
C LYS H 23 4.77 4.02 -8.53
N ALA H 24 4.37 4.96 -7.65
CA ALA H 24 4.94 6.29 -7.63
C ALA H 24 5.97 6.42 -6.53
N SER H 25 7.05 7.13 -6.83
CA SER H 25 8.03 7.53 -5.81
C SER H 25 8.67 8.87 -6.21
N GLY H 26 9.24 9.56 -5.22
CA GLY H 26 9.93 10.82 -5.46
C GLY H 26 9.14 12.07 -5.21
N TYR H 27 7.93 11.90 -4.66
CA TYR H 27 7.03 13.00 -4.29
C TYR H 27 5.93 12.44 -3.44
N THR H 28 5.09 13.28 -2.84
CA THR H 28 3.97 12.74 -2.08
C THR H 28 2.86 12.26 -2.98
N PHE H 29 2.57 10.97 -2.92
CA PHE H 29 1.60 10.33 -3.84
C PHE H 29 0.28 11.13 -3.87
N THR H 30 -0.21 11.50 -2.69
CA THR H 30 -1.50 12.17 -2.56
C THR H 30 -1.54 13.58 -3.15
N SER H 31 -0.39 14.13 -3.51
CA SER H 31 -0.30 15.50 -4.02
C SER H 31 -0.66 15.72 -5.52
N ASN H 32 -0.68 14.67 -6.32
CA ASN H 32 -0.94 14.86 -7.76
C ASN H 32 -1.85 13.84 -8.35
N TRP H 33 -2.76 14.35 -9.18
CA TRP H 33 -3.52 13.53 -10.10
C TRP H 33 -2.66 12.53 -10.91
N ILE H 34 -3.24 11.37 -11.20
CA ILE H 34 -2.61 10.42 -12.10
C ILE H 34 -3.51 10.20 -13.33
N ASN H 35 -2.90 10.28 -14.51
CA ASN H 35 -3.55 10.06 -15.81
C ASN H 35 -3.13 8.76 -16.47
N TRP H 36 -4.01 8.20 -17.30
CA TRP H 36 -3.71 6.99 -18.04
C TRP H 36 -4.00 7.22 -19.53
N VAL H 37 -3.19 6.59 -20.37
CA VAL H 37 -3.24 6.79 -21.79
C VAL H 37 -3.08 5.44 -22.49
N LYS H 38 -3.70 5.31 -23.66
CA LYS H 38 -3.60 4.11 -24.48
C LYS H 38 -2.93 4.42 -25.80
N GLN H 39 -1.99 3.57 -26.23
CA GLN H 39 -1.34 3.76 -27.50
C GLN H 39 -1.19 2.45 -28.24
N ARG H 40 -1.95 2.27 -29.29
CA ARG H 40 -1.77 1.04 -30.06
C ARG H 40 -0.45 1.19 -30.80
N PRO H 41 0.27 0.06 -31.04
CA PRO H 41 1.71 0.33 -31.25
C PRO H 41 1.83 1.01 -32.62
N GLY H 42 2.74 1.97 -32.72
CA GLY H 42 2.81 2.86 -33.90
C GLY H 42 1.60 3.76 -34.13
N GLN H 43 0.86 4.18 -33.09
CA GLN H 43 -0.41 4.79 -33.44
C GLN H 43 -1.02 5.99 -32.73
N GLY H 44 -0.30 6.76 -31.96
CA GLY H 44 -1.10 7.93 -31.48
C GLY H 44 -1.82 7.67 -30.17
N LEU H 45 -2.08 8.72 -29.41
CA LEU H 45 -2.33 8.57 -28.01
C LEU H 45 -3.77 8.83 -27.67
N GLU H 46 -4.35 8.03 -26.78
CA GLU H 46 -5.72 8.30 -26.31
C GLU H 46 -5.75 8.51 -24.81
N TRP H 47 -6.66 9.38 -24.37
CA TRP H 47 -6.75 9.66 -22.96
C TRP H 47 -7.85 8.80 -22.38
N ILE H 48 -7.50 8.00 -21.38
CA ILE H 48 -8.45 7.08 -20.79
C ILE H 48 -9.15 7.82 -19.66
N GLY H 49 -8.39 8.59 -18.87
CA GLY H 49 -8.96 9.20 -17.67
C GLY H 49 -7.93 9.61 -16.62
N HIS H 50 -8.42 10.10 -15.49
CA HIS H 50 -7.52 10.52 -14.42
C HIS H 50 -8.11 10.28 -13.02
N ILE H 51 -7.27 10.09 -12.01
CA ILE H 51 -7.77 9.90 -10.64
C ILE H 51 -6.95 10.71 -9.63
N SER H 52 -7.61 11.20 -8.57
CA SER H 52 -6.95 11.93 -7.50
C SER H 52 -6.64 10.92 -6.39
N PRO H 53 -5.35 10.59 -6.18
CA PRO H 53 -5.05 9.67 -5.07
C PRO H 53 -5.50 10.17 -3.69
N GLY H 54 -5.55 11.49 -3.49
CA GLY H 54 -6.03 12.08 -2.25
C GLY H 54 -7.47 11.69 -1.95
N SER H 55 -8.37 11.94 -2.91
CA SER H 55 -9.82 11.74 -2.72
C SER H 55 -10.41 10.51 -3.42
N SER H 56 -9.63 9.91 -4.30
CA SER H 56 -10.05 8.73 -5.05
C SER H 56 -11.11 9.05 -6.08
N SER H 57 -11.43 10.33 -6.25
CA SER H 57 -12.38 10.75 -7.27
C SER H 57 -11.79 10.66 -8.68
N THR H 58 -12.67 10.41 -9.65
CA THR H 58 -12.25 10.04 -10.99
C THR H 58 -12.96 10.79 -12.08
N ASN H 59 -12.35 10.77 -13.26
CA ASN H 59 -12.98 11.20 -14.49
C ASN H 59 -12.49 10.38 -15.66
N TYR H 60 -13.44 9.86 -16.43
CA TYR H 60 -13.13 8.95 -17.48
C TYR H 60 -13.50 9.53 -18.83
N ASN H 61 -12.69 9.20 -19.83
CA ASN H 61 -13.13 9.32 -21.24
C ASN H 61 -14.32 8.35 -21.46
N GLU H 62 -15.43 8.87 -21.95
CA GLU H 62 -16.64 8.08 -22.18
C GLU H 62 -16.36 6.76 -22.90
N LYS H 63 -15.50 6.84 -23.93
CA LYS H 63 -15.07 5.70 -24.73
C LYS H 63 -14.61 4.52 -23.88
N PHE H 64 -14.02 4.79 -22.72
CA PHE H 64 -13.47 3.74 -21.90
C PHE H 64 -14.27 3.44 -20.67
N LYS H 65 -15.41 4.12 -20.47
CA LYS H 65 -16.20 3.96 -19.25
C LYS H 65 -16.36 2.52 -18.81
N SER H 66 -16.64 1.65 -19.74
CA SER H 66 -17.03 0.30 -19.39
C SER H 66 -15.88 -0.67 -19.53
N LYS H 67 -14.68 -0.19 -19.85
CA LYS H 67 -13.53 -1.05 -20.03
C LYS H 67 -12.56 -0.92 -18.86
N ALA H 68 -12.40 0.31 -18.37
CA ALA H 68 -11.32 0.64 -17.41
C ALA H 68 -11.84 1.15 -16.08
N THR H 69 -11.19 0.73 -14.99
CA THR H 69 -11.51 1.23 -13.69
C THR H 69 -10.20 1.61 -12.97
N LEU H 70 -10.11 2.87 -12.53
CA LEU H 70 -8.93 3.42 -11.85
C LEU H 70 -9.13 3.42 -10.36
N THR H 71 -8.12 2.96 -9.64
CA THR H 71 -8.10 2.94 -8.18
C THR H 71 -6.66 3.28 -7.74
N VAL H 72 -6.49 3.54 -6.46
CA VAL H 72 -5.19 3.82 -5.89
C VAL H 72 -5.11 3.05 -4.58
N ASP H 73 -3.87 2.80 -4.16
CA ASP H 73 -3.55 2.29 -2.84
C ASP H 73 -2.57 3.28 -2.26
N THR H 74 -3.06 4.17 -1.42
CA THR H 74 -2.22 5.23 -0.91
C THR H 74 -1.12 4.67 -0.02
N SER H 75 -1.33 3.52 0.65
CA SER H 75 -0.29 3.07 1.62
C SER H 75 0.91 2.52 0.87
N SER H 76 0.70 2.05 -0.36
CA SER H 76 1.81 1.57 -1.18
C SER H 76 2.19 2.54 -2.30
N SER H 77 1.59 3.73 -2.31
CA SER H 77 1.80 4.75 -3.37
C SER H 77 1.61 4.19 -4.75
N THR H 78 0.55 3.44 -4.97
CA THR H 78 0.39 2.75 -6.25
C THR H 78 -0.97 3.07 -6.87
N ALA H 79 -0.94 3.49 -8.14
CA ALA H 79 -2.15 3.68 -8.93
C ALA H 79 -2.45 2.42 -9.75
N TYR H 80 -3.72 2.07 -9.95
CA TYR H 80 -4.05 0.85 -10.64
C TYR H 80 -5.04 1.20 -11.74
N MET H 81 -4.91 0.52 -12.87
CA MET H 81 -5.97 0.54 -13.88
C MET H 81 -6.34 -0.89 -14.21
N GLN H 82 -7.61 -1.21 -13.94
CA GLN H 82 -8.14 -2.49 -14.31
C GLN H 82 -8.90 -2.42 -15.65
N LEU H 83 -8.53 -3.33 -16.55
CA LEU H 83 -9.23 -3.49 -17.85
C LEU H 83 -9.98 -4.80 -17.86
N SER H 84 -11.27 -4.73 -18.15
CA SER H 84 -12.12 -5.92 -18.10
C SER H 84 -12.32 -6.57 -19.49
N SER H 85 -12.62 -7.87 -19.45
CA SER H 85 -12.82 -8.73 -20.62
C SER H 85 -12.05 -8.30 -21.85
N LEU H 86 -10.80 -8.71 -21.91
CA LEU H 86 -9.91 -8.26 -22.95
C LEU H 86 -10.18 -8.92 -24.29
N THR H 87 -9.94 -8.11 -25.32
CA THR H 87 -10.15 -8.33 -26.74
C THR H 87 -8.80 -7.93 -27.39
N SER H 88 -8.61 -8.36 -28.64
CA SER H 88 -7.41 -7.97 -29.37
C SER H 88 -7.29 -6.45 -29.60
N ASP H 89 -8.40 -5.74 -29.75
CA ASP H 89 -8.48 -4.27 -29.65
C ASP H 89 -7.85 -3.67 -28.39
N ASP H 90 -7.76 -4.45 -27.32
CA ASP H 90 -7.22 -3.91 -26.08
C ASP H 90 -5.72 -4.04 -26.05
N SER H 91 -5.12 -4.76 -27.00
CA SER H 91 -3.66 -4.89 -27.05
C SER H 91 -3.09 -3.55 -27.38
N ALA H 92 -2.18 -3.10 -26.54
CA ALA H 92 -1.62 -1.73 -26.66
C ALA H 92 -0.63 -1.42 -25.54
N VAL H 93 0.09 -0.30 -25.68
CA VAL H 93 0.89 0.24 -24.57
C VAL H 93 -0.08 1.09 -23.71
N TYR H 94 -0.03 0.89 -22.38
CA TYR H 94 -0.75 1.75 -21.45
C TYR H 94 0.24 2.57 -20.55
N TYR H 95 0.19 3.89 -20.63
CA TYR H 95 1.04 4.77 -19.79
C TYR H 95 0.26 5.34 -18.63
N CYS H 96 0.88 5.45 -17.47
CA CYS H 96 0.30 6.34 -16.45
C CYS H 96 1.17 7.60 -16.50
N GLY H 97 0.62 8.72 -16.11
CA GLY H 97 1.42 9.91 -16.01
C GLY H 97 1.05 10.68 -14.78
N ARG H 98 2.00 11.48 -14.30
CA ARG H 98 1.79 12.41 -13.18
C ARG H 98 1.38 13.82 -13.64
N GLU H 99 0.33 14.34 -13.06
CA GLU H 99 -0.10 15.67 -13.44
C GLU H 99 0.64 16.68 -12.60
N GLU H 100 1.19 17.73 -13.24
CA GLU H 100 1.79 18.87 -12.50
C GLU H 100 0.67 19.81 -12.30
N THR H 101 0.48 20.23 -11.06
CA THR H 101 -0.76 20.90 -10.69
C THR H 101 -0.89 22.28 -11.31
N VAL H 102 -2.06 22.49 -11.93
CA VAL H 102 -2.38 23.69 -12.75
C VAL H 102 -1.27 24.05 -13.74
N ARG H 103 -0.72 23.04 -14.38
CA ARG H 103 0.46 23.22 -15.18
C ARG H 103 0.35 22.34 -16.42
N ALA H 104 0.27 21.01 -16.23
CA ALA H 104 0.32 20.03 -17.31
C ALA H 104 -0.13 18.66 -16.84
N SER H 105 -0.71 17.89 -17.76
CA SER H 105 -1.27 16.59 -17.41
C SER H 105 -0.22 15.50 -17.25
N PHE H 106 0.88 15.59 -18.01
CA PHE H 106 1.91 14.56 -18.01
C PHE H 106 3.33 15.13 -17.79
N GLY H 107 3.58 15.71 -16.62
CA GLY H 107 4.92 16.13 -16.29
C GLY H 107 5.92 14.98 -16.26
N ASN H 108 5.45 13.79 -15.89
CA ASN H 108 6.25 12.57 -15.85
C ASN H 108 5.41 11.42 -16.31
N TRP H 109 6.01 10.50 -17.07
CA TRP H 109 5.31 9.33 -17.61
C TRP H 109 6.04 8.12 -17.12
N GLY H 110 5.33 7.03 -16.90
CA GLY H 110 5.97 5.74 -16.73
C GLY H 110 6.41 5.23 -18.08
N GLN H 111 7.11 4.10 -18.07
CA GLN H 111 7.66 3.48 -19.26
C GLN H 111 6.58 2.82 -20.13
N GLY H 112 5.42 2.56 -19.54
CA GLY H 112 4.34 1.93 -20.23
C GLY H 112 4.34 0.43 -20.11
N THR H 113 3.15 -0.15 -20.01
CA THR H 113 3.03 -1.61 -19.99
C THR H 113 2.47 -2.08 -21.34
N LEU H 114 3.22 -2.95 -22.03
CA LEU H 114 2.67 -3.55 -23.29
C LEU H 114 1.74 -4.71 -22.92
N VAL H 115 0.46 -4.50 -23.18
CA VAL H 115 -0.51 -5.59 -23.00
C VAL H 115 -0.70 -6.39 -24.29
N THR H 116 -0.30 -7.64 -24.31
CA THR H 116 -0.68 -8.52 -25.38
C THR H 116 -1.88 -9.41 -24.98
N VAL H 117 -2.96 -9.36 -25.75
CA VAL H 117 -4.10 -10.21 -25.51
C VAL H 117 -4.02 -11.39 -26.45
N SER H 118 -3.85 -12.59 -25.91
CA SER H 118 -3.60 -13.76 -26.71
C SER H 118 -3.82 -15.01 -25.85
N ALA H 119 -4.15 -16.11 -26.51
CA ALA H 119 -4.25 -17.41 -25.83
C ALA H 119 -2.89 -18.13 -25.76
N ALA H 120 -1.90 -17.70 -26.53
CA ALA H 120 -0.66 -18.43 -26.60
C ALA H 120 0.12 -18.34 -25.28
N LYS H 121 0.95 -19.34 -25.05
CA LYS H 121 1.87 -19.28 -23.92
C LYS H 121 3.05 -18.31 -24.15
N THR H 122 3.64 -17.86 -23.04
CA THR H 122 4.88 -17.13 -23.05
C THR H 122 5.99 -18.04 -23.49
N THR H 123 6.89 -17.54 -24.33
CA THR H 123 8.08 -18.28 -24.70
C THR H 123 9.29 -17.33 -24.58
N PRO H 124 10.29 -17.73 -23.78
CA PRO H 124 11.48 -16.94 -23.55
C PRO H 124 12.34 -17.01 -24.81
N PRO H 125 13.08 -15.94 -25.10
CA PRO H 125 13.98 -15.85 -26.23
C PRO H 125 15.13 -16.80 -26.10
N SER H 126 15.68 -17.33 -27.19
CA SER H 126 17.06 -17.86 -27.25
C SER H 126 17.92 -16.70 -27.68
N VAL H 127 19.09 -16.58 -27.09
CA VAL H 127 19.93 -15.45 -27.35
C VAL H 127 21.19 -15.98 -27.98
N TYR H 128 21.48 -15.56 -29.20
CA TYR H 128 22.70 -16.03 -29.83
C TYR H 128 23.69 -14.90 -30.14
N PRO H 129 24.98 -15.16 -29.93
CA PRO H 129 26.02 -14.15 -30.22
C PRO H 129 26.33 -14.08 -31.68
N LEU H 130 26.62 -12.89 -32.16
CA LEU H 130 27.09 -12.74 -33.53
C LEU H 130 28.52 -12.20 -33.54
N ALA H 131 29.50 -13.05 -33.82
CA ALA H 131 30.94 -12.64 -33.89
C ALA H 131 31.45 -12.68 -35.30
N PRO H 132 32.35 -11.78 -35.67
CA PRO H 132 33.17 -12.07 -36.86
C PRO H 132 34.10 -13.25 -36.62
N SER H 140 39.57 -0.84 -38.40
CA SER H 140 39.79 -0.67 -36.97
C SER H 140 38.54 -0.29 -36.10
N MET H 141 37.35 -0.55 -36.65
CA MET H 141 36.13 -0.64 -35.82
C MET H 141 35.61 -2.06 -36.03
N VAL H 142 34.88 -2.62 -35.06
CA VAL H 142 34.33 -3.95 -35.23
C VAL H 142 32.88 -3.86 -34.88
N THR H 143 32.07 -4.65 -35.59
CA THR H 143 30.65 -4.74 -35.35
C THR H 143 30.32 -6.13 -34.81
N LEU H 144 29.68 -6.20 -33.65
CA LEU H 144 29.24 -7.44 -33.00
C LEU H 144 27.72 -7.42 -32.92
N GLY H 145 27.09 -8.54 -32.59
CA GLY H 145 25.64 -8.52 -32.37
C GLY H 145 25.09 -9.61 -31.51
N CYS H 146 23.79 -9.52 -31.25
CA CYS H 146 23.01 -10.55 -30.59
C CYS H 146 21.77 -10.82 -31.43
N LEU H 147 21.49 -12.10 -31.66
CA LEU H 147 20.23 -12.55 -32.22
C LEU H 147 19.32 -13.02 -31.09
N VAL H 148 18.18 -12.33 -30.94
CA VAL H 148 17.23 -12.62 -29.91
C VAL H 148 16.03 -13.27 -30.59
N LYS H 149 15.97 -14.59 -30.51
CA LYS H 149 15.09 -15.35 -31.39
C LYS H 149 14.05 -16.16 -30.69
N GLY H 150 12.87 -16.22 -31.29
CA GLY H 150 11.81 -17.11 -30.90
C GLY H 150 11.08 -16.77 -29.60
N TYR H 151 10.71 -15.49 -29.37
CA TYR H 151 10.00 -15.14 -28.13
C TYR H 151 8.58 -14.62 -28.28
N PHE H 152 7.85 -14.66 -27.17
CA PHE H 152 6.49 -14.18 -27.16
C PHE H 152 6.02 -14.04 -25.75
N PRO H 153 5.31 -12.95 -25.43
CA PRO H 153 5.07 -11.75 -26.28
C PRO H 153 6.20 -10.71 -26.31
N GLU H 154 5.94 -9.61 -26.99
CA GLU H 154 6.80 -8.42 -26.98
C GLU H 154 6.63 -7.87 -25.56
N PRO H 155 7.58 -7.07 -25.07
CA PRO H 155 8.81 -6.62 -25.68
C PRO H 155 10.03 -7.40 -25.16
N VAL H 156 11.20 -7.11 -25.73
CA VAL H 156 12.47 -7.43 -25.10
C VAL H 156 13.24 -6.12 -24.94
N THR H 157 14.05 -5.97 -23.91
CA THR H 157 14.97 -4.84 -23.84
C THR H 157 16.40 -5.39 -24.04
N VAL H 158 17.19 -4.77 -24.90
CA VAL H 158 18.56 -5.21 -25.11
C VAL H 158 19.48 -4.13 -24.63
N THR H 159 20.47 -4.46 -23.81
CA THR H 159 21.52 -3.48 -23.54
C THR H 159 22.82 -4.11 -23.88
N TRP H 160 23.91 -3.32 -23.87
CA TRP H 160 25.27 -3.81 -24.06
C TRP H 160 26.12 -3.40 -22.88
N ASN H 161 26.88 -4.34 -22.32
CA ASN H 161 27.69 -4.04 -21.13
C ASN H 161 26.88 -3.29 -20.05
N SER H 162 25.60 -3.67 -19.94
CA SER H 162 24.73 -3.21 -18.86
C SER H 162 24.44 -1.73 -19.00
N GLY H 163 24.41 -1.25 -20.24
CA GLY H 163 24.13 0.14 -20.49
C GLY H 163 25.33 1.00 -20.76
N SER H 164 26.52 0.66 -20.22
CA SER H 164 27.74 1.48 -20.46
C SER H 164 28.20 1.63 -21.93
N LEU H 165 27.88 0.67 -22.80
CA LEU H 165 28.02 0.86 -24.22
C LEU H 165 26.66 1.34 -24.73
N SER H 166 26.54 2.63 -25.02
CA SER H 166 25.28 3.20 -25.50
C SER H 166 25.44 3.71 -26.93
N SER H 167 26.57 4.29 -27.27
CA SER H 167 26.71 4.72 -28.66
C SER H 167 27.20 3.59 -29.60
N GLY H 168 26.98 3.75 -30.90
CA GLY H 168 27.22 2.65 -31.86
C GLY H 168 26.22 1.48 -31.82
N VAL H 169 25.07 1.67 -31.15
CA VAL H 169 24.09 0.58 -30.95
C VAL H 169 22.88 0.65 -31.89
N HIS H 170 22.60 -0.44 -32.58
CA HIS H 170 21.35 -0.50 -33.32
C HIS H 170 20.59 -1.73 -32.84
N THR H 171 19.47 -1.52 -32.18
CA THR H 171 18.53 -2.56 -31.83
C THR H 171 17.41 -2.44 -32.81
N PHE H 172 17.17 -3.51 -33.57
CA PHE H 172 16.15 -3.48 -34.59
C PHE H 172 14.78 -3.94 -34.08
N PRO H 173 13.68 -3.37 -34.63
CA PRO H 173 12.34 -3.78 -34.27
C PRO H 173 12.20 -5.29 -34.52
N ALA H 174 11.49 -5.98 -33.64
CA ALA H 174 11.19 -7.39 -33.84
C ALA H 174 10.25 -7.60 -35.02
N VAL H 175 10.40 -8.78 -35.63
CA VAL H 175 9.53 -9.21 -36.73
C VAL H 175 8.82 -10.48 -36.27
N LEU H 176 7.55 -10.60 -36.59
CA LEU H 176 6.77 -11.75 -36.15
C LEU H 176 6.88 -12.76 -37.25
N GLN H 177 7.19 -14.00 -36.89
CA GLN H 177 7.16 -15.11 -37.85
C GLN H 177 6.83 -16.38 -37.14
N SER H 178 5.98 -17.21 -37.76
CA SER H 178 5.41 -18.38 -37.14
C SER H 178 5.08 -18.18 -35.66
N ASP H 179 4.42 -17.05 -35.38
CA ASP H 179 3.86 -16.72 -34.08
C ASP H 179 4.88 -16.47 -32.99
N LEU H 180 6.13 -16.23 -33.37
CA LEU H 180 7.18 -15.84 -32.41
C LEU H 180 7.92 -14.64 -32.98
N TYR H 181 8.47 -13.85 -32.07
CA TYR H 181 9.22 -12.65 -32.40
C TYR H 181 10.69 -12.93 -32.49
N THR H 182 11.36 -12.23 -33.40
CA THR H 182 12.80 -12.26 -33.50
C THR H 182 13.28 -10.85 -33.70
N LEU H 183 14.36 -10.52 -33.00
CA LEU H 183 14.96 -9.22 -33.10
C LEU H 183 16.50 -9.41 -33.06
N SER H 184 17.23 -8.42 -33.54
CA SER H 184 18.65 -8.43 -33.27
C SER H 184 19.22 -7.06 -32.96
N SER H 185 20.38 -7.03 -32.32
CA SER H 185 21.02 -5.78 -31.94
C SER H 185 22.44 -5.83 -32.48
N SER H 186 22.94 -4.71 -32.99
CA SER H 186 24.35 -4.60 -33.28
C SER H 186 25.00 -3.48 -32.44
N VAL H 187 26.30 -3.64 -32.18
CA VAL H 187 27.08 -2.62 -31.53
C VAL H 187 28.44 -2.54 -32.20
N THR H 188 28.97 -1.33 -32.40
CA THR H 188 30.27 -1.13 -33.03
C THR H 188 31.25 -0.56 -32.02
N VAL H 189 32.44 -1.13 -31.95
CA VAL H 189 33.41 -0.69 -30.95
C VAL H 189 34.77 -0.60 -31.61
N PRO H 190 35.66 0.22 -31.03
CA PRO H 190 37.03 0.25 -31.63
C PRO H 190 37.62 -1.14 -31.53
N SER H 191 38.41 -1.57 -32.49
CA SER H 191 38.96 -2.93 -32.42
C SER H 191 39.93 -3.09 -31.25
N SER H 192 40.39 -2.00 -30.66
CA SER H 192 41.14 -2.07 -29.40
C SER H 192 40.28 -2.42 -28.17
N THR H 193 38.96 -2.38 -28.32
CA THR H 193 38.05 -2.68 -27.21
C THR H 193 37.81 -4.18 -27.17
N TRP H 194 37.50 -4.75 -28.34
CA TRP H 194 37.20 -6.18 -28.49
C TRP H 194 38.20 -6.78 -29.47
N PRO H 195 38.63 -8.03 -29.23
CA PRO H 195 38.30 -8.99 -28.18
C PRO H 195 38.86 -8.74 -26.78
N SER H 196 39.76 -7.79 -26.61
CA SER H 196 40.51 -7.72 -25.33
C SER H 196 39.64 -7.34 -24.10
N GLN H 197 38.61 -6.53 -24.32
CA GLN H 197 37.59 -6.26 -23.30
C GLN H 197 36.35 -7.06 -23.63
N THR H 198 35.64 -7.48 -22.60
CA THR H 198 34.41 -8.26 -22.74
C THR H 198 33.30 -7.39 -23.30
N VAL H 199 32.56 -7.92 -24.29
CA VAL H 199 31.38 -7.26 -24.78
C VAL H 199 30.25 -8.22 -24.60
N THR H 200 29.20 -7.77 -23.92
CA THR H 200 28.12 -8.65 -23.55
C THR H 200 26.75 -8.01 -23.88
N CYS H 201 25.89 -8.75 -24.55
CA CYS H 201 24.55 -8.20 -24.63
C CYS H 201 23.69 -8.71 -23.50
N ASN H 202 22.78 -7.85 -23.01
CA ASN H 202 21.86 -8.18 -21.93
C ASN H 202 20.47 -8.10 -22.45
N VAL H 203 19.76 -9.22 -22.40
CA VAL H 203 18.45 -9.35 -22.96
C VAL H 203 17.45 -9.54 -21.85
N ALA H 204 16.53 -8.62 -21.69
CA ALA H 204 15.45 -8.82 -20.71
C ALA H 204 14.16 -9.16 -21.48
N HIS H 205 13.46 -10.17 -21.01
CA HIS H 205 12.11 -10.49 -21.59
C HIS H 205 11.12 -10.40 -20.43
N PRO H 206 10.60 -9.19 -20.17
CA PRO H 206 9.78 -9.02 -18.97
C PRO H 206 8.63 -10.05 -18.81
N ALA H 207 7.95 -10.45 -19.89
CA ALA H 207 6.73 -11.27 -19.69
C ALA H 207 7.08 -12.64 -19.16
N SER H 208 8.33 -13.02 -19.34
CA SER H 208 8.71 -14.28 -18.76
C SER H 208 9.69 -14.09 -17.60
N SER H 209 9.87 -12.84 -17.13
CA SER H 209 10.91 -12.48 -16.12
C SER H 209 12.26 -13.16 -16.38
N THR H 210 12.67 -13.25 -17.65
CA THR H 210 14.00 -13.72 -17.94
C THR H 210 14.97 -12.60 -18.25
N LYS H 211 16.23 -12.86 -17.92
CA LYS H 211 17.35 -11.94 -18.09
C LYS H 211 18.46 -12.82 -18.63
N VAL H 212 19.00 -12.53 -19.81
CA VAL H 212 20.14 -13.32 -20.29
C VAL H 212 21.30 -12.43 -20.76
N ASP H 213 22.48 -12.71 -20.20
CA ASP H 213 23.72 -12.08 -20.59
C ASP H 213 24.41 -13.02 -21.53
N LYS H 214 24.71 -12.55 -22.74
CA LYS H 214 25.51 -13.34 -23.66
C LYS H 214 26.80 -12.59 -24.05
N LYS H 215 27.93 -13.15 -23.58
CA LYS H 215 29.28 -12.66 -23.95
C LYS H 215 29.56 -12.96 -25.43
N ILE H 216 30.02 -11.95 -26.19
CA ILE H 216 30.47 -12.17 -27.59
C ILE H 216 31.94 -12.56 -27.63
N VAL H 217 32.21 -13.84 -27.90
CA VAL H 217 33.58 -14.39 -27.90
C VAL H 217 33.99 -14.66 -29.37
N PRO H 218 35.28 -14.51 -29.71
CA PRO H 218 35.60 -14.73 -31.13
C PRO H 218 35.38 -16.21 -31.52
N ARG H 219 34.96 -16.48 -32.76
CA ARG H 219 34.78 -17.88 -33.23
C ARG H 219 36.15 -18.57 -33.33
N ASP H 220 36.23 -19.90 -33.12
CA ASP H 220 37.53 -20.64 -33.35
C ASP H 220 37.49 -21.73 -34.44
#